data_9K8U
#
_entry.id   9K8U
#
_cell.length_a   64.707
_cell.length_b   152.773
_cell.length_c   63.792
_cell.angle_alpha   90.00
_cell.angle_beta   95.73
_cell.angle_gamma   90.00
#
_symmetry.space_group_name_H-M   'P 1 21 1'
#
loop_
_entity.id
_entity.type
_entity.pdbx_description
1 polymer 'alcohol dehydrogenase'
2 non-polymer 'ZINC ION'
#
_entity_poly.entity_id   1
_entity_poly.type   'polypeptide(L)'
_entity_poly.pdbx_seq_one_letter_code
;PIPSTQKAAVFHKFGQRYQFEKISVPEIGDDDILVKVIYSGVCHTDIHVWLGDFPMEAKELPIVGGHEGAGVVVKVGQNV
KDFKIGDRAGIKWVNSSCTTCEHCKKGNEPNCGDVVLSGFHRDGSFQQYAVVNGNEAVKIVDGIDLVEVSPILCAGVTVY
KALKDCNIQAGDTVAITGAGGGLGSLCIQYAKAMGLRVLAVDAGEKQMHCRHLGADMFINPFDSPNLVSDIQMMTQGGPH
GVINLATAVKPMEDATHYVRTKGTVVLVALPKDAKVPVDVFSTVTRSVTVKGSYVGSRQDTDDALKFLQRGQIKIPIKVL
PLESLTEVFDNMINHQVTGRVVLDLWK
;
_entity_poly.pdbx_strand_id   A,B,C,D
#
loop_
_chem_comp.id
_chem_comp.type
_chem_comp.name
_chem_comp.formula
ZN non-polymer 'ZINC ION' 'Zn 2'
#
# COMPACT_ATOMS: atom_id res chain seq x y z
N PRO A 1 -11.52 -40.87 26.87
CA PRO A 1 -12.57 -41.28 25.95
C PRO A 1 -13.51 -40.13 25.63
N ILE A 2 -13.53 -39.76 24.35
CA ILE A 2 -14.51 -38.81 23.83
C ILE A 2 -15.89 -39.30 24.20
N PRO A 3 -16.75 -38.47 24.79
CA PRO A 3 -18.09 -38.92 25.14
C PRO A 3 -18.94 -39.11 23.89
N SER A 4 -20.13 -39.67 24.09
CA SER A 4 -21.09 -39.80 23.00
C SER A 4 -22.26 -38.83 23.10
N THR A 5 -22.46 -38.19 24.26
CA THR A 5 -23.54 -37.24 24.46
C THR A 5 -23.01 -36.03 25.21
N GLN A 6 -23.57 -34.85 24.90
CA GLN A 6 -23.14 -33.59 25.46
C GLN A 6 -24.35 -32.73 25.80
N LYS A 7 -24.07 -31.62 26.47
CA LYS A 7 -25.06 -30.58 26.77
C LYS A 7 -24.91 -29.46 25.77
N ALA A 8 -26.03 -29.00 25.21
CA ALA A 8 -25.99 -27.91 24.26
C ALA A 8 -27.23 -27.04 24.43
N ALA A 9 -27.22 -25.90 23.74
CA ALA A 9 -28.33 -24.96 23.71
C ALA A 9 -28.82 -24.92 22.26
N VAL A 10 -30.01 -25.45 22.03
CA VAL A 10 -30.52 -25.71 20.68
C VAL A 10 -31.89 -25.05 20.52
N PHE A 11 -32.06 -24.32 19.42
CA PHE A 11 -33.38 -23.85 19.00
C PHE A 11 -33.70 -24.46 17.64
N HIS A 12 -34.82 -25.18 17.55
CA HIS A 12 -35.18 -25.85 16.31
C HIS A 12 -35.62 -24.86 15.24
N LYS A 13 -36.31 -23.79 15.63
CA LYS A 13 -36.91 -22.87 14.67
C LYS A 13 -36.60 -21.42 15.07
N PHE A 14 -36.80 -20.51 14.12
CA PHE A 14 -36.63 -19.08 14.41
C PHE A 14 -37.64 -18.64 15.46
N GLY A 15 -37.13 -18.13 16.57
CA GLY A 15 -38.00 -17.67 17.63
C GLY A 15 -38.31 -18.73 18.65
N GLN A 16 -37.94 -19.98 18.37
CA GLN A 16 -38.28 -21.11 19.23
C GLN A 16 -37.41 -21.10 20.48
N ARG A 17 -37.76 -21.99 21.41
CA ARG A 17 -37.06 -22.00 22.68
C ARG A 17 -35.64 -22.50 22.51
N TYR A 18 -34.68 -21.79 23.11
CA TYR A 18 -33.36 -22.36 23.33
C TYR A 18 -33.47 -23.45 24.37
N GLN A 19 -32.82 -24.57 24.12
CA GLN A 19 -32.95 -25.76 24.95
C GLN A 19 -31.59 -26.14 25.48
N PHE A 20 -31.43 -26.10 26.80
CA PHE A 20 -30.32 -26.77 27.46
C PHE A 20 -30.63 -28.26 27.48
N GLU A 21 -30.26 -28.94 26.40
CA GLU A 21 -30.61 -30.35 26.24
C GLU A 21 -29.47 -31.26 25.84
N LYS A 22 -29.63 -32.54 26.13
CA LYS A 22 -28.64 -33.53 25.73
C LYS A 22 -28.72 -33.77 24.23
N ILE A 23 -27.58 -33.69 23.55
CA ILE A 23 -27.50 -33.91 22.12
C ILE A 23 -26.26 -34.75 21.83
N SER A 24 -26.26 -35.41 20.67
CA SER A 24 -25.12 -36.24 20.30
C SER A 24 -23.85 -35.42 20.12
N VAL A 25 -22.73 -35.98 20.54
CA VAL A 25 -21.44 -35.32 20.33
C VAL A 25 -21.04 -35.43 18.86
N PRO A 26 -20.65 -34.34 18.20
CA PRO A 26 -20.30 -34.44 16.78
C PRO A 26 -19.04 -35.26 16.57
N GLU A 27 -19.00 -35.97 15.44
CA GLU A 27 -17.80 -36.66 14.99
C GLU A 27 -17.24 -35.92 13.79
N ILE A 28 -15.93 -35.73 13.78
CA ILE A 28 -15.30 -34.75 12.91
C ILE A 28 -15.16 -35.26 11.48
N GLY A 29 -15.32 -34.34 10.55
CA GLY A 29 -14.95 -34.54 9.16
C GLY A 29 -13.45 -34.68 8.97
N ASP A 30 -13.08 -34.96 7.72
CA ASP A 30 -11.68 -35.24 7.41
C ASP A 30 -10.80 -34.01 7.66
N ASP A 31 -11.29 -32.83 7.30
CA ASP A 31 -10.59 -31.58 7.53
C ASP A 31 -10.98 -30.86 8.82
N ASP A 32 -11.90 -31.42 9.59
CA ASP A 32 -12.38 -30.75 10.79
C ASP A 32 -11.51 -31.07 12.01
N ILE A 33 -11.91 -30.48 13.13
CA ILE A 33 -11.26 -30.60 14.43
C ILE A 33 -12.36 -30.63 15.47
N LEU A 34 -12.21 -31.50 16.47
CA LEU A 34 -13.17 -31.61 17.56
C LEU A 34 -12.60 -30.88 18.77
N VAL A 35 -13.36 -29.92 19.28
CA VAL A 35 -12.91 -29.04 20.35
C VAL A 35 -13.88 -29.17 21.51
N LYS A 36 -13.35 -29.53 22.67
CA LYS A 36 -14.10 -29.36 23.91
C LYS A 36 -14.15 -27.87 24.24
N VAL A 37 -15.19 -27.19 23.77
CA VAL A 37 -15.35 -25.78 24.08
C VAL A 37 -15.62 -25.66 25.58
N ILE A 38 -14.76 -24.93 26.27
CA ILE A 38 -14.91 -24.74 27.71
C ILE A 38 -15.57 -23.41 28.00
N TYR A 39 -15.35 -22.43 27.12
CA TYR A 39 -15.94 -21.11 27.27
C TYR A 39 -16.38 -20.58 25.92
N SER A 40 -17.54 -19.93 25.90
CA SER A 40 -18.11 -19.40 24.68
C SER A 40 -18.65 -18.00 24.92
N GLY A 41 -18.46 -17.13 23.94
CA GLY A 41 -18.92 -15.76 24.05
C GLY A 41 -20.27 -15.59 23.39
N VAL A 42 -20.95 -14.51 23.77
CA VAL A 42 -22.28 -14.23 23.26
C VAL A 42 -22.27 -12.80 22.72
N CYS A 43 -22.47 -12.69 21.41
CA CYS A 43 -22.53 -11.40 20.77
C CYS A 43 -23.98 -11.27 20.39
N HIS A 44 -24.40 -10.14 19.86
CA HIS A 44 -25.82 -9.96 19.60
C HIS A 44 -26.28 -10.67 18.35
N THR A 45 -25.35 -10.95 17.47
CA THR A 45 -25.71 -11.66 16.25
C THR A 45 -26.44 -12.96 16.55
N ASP A 46 -26.14 -13.62 17.67
CA ASP A 46 -26.84 -14.88 17.98
C ASP A 46 -28.35 -14.65 18.09
N ILE A 47 -28.76 -13.49 18.62
CA ILE A 47 -30.19 -13.16 18.66
C ILE A 47 -30.72 -12.92 17.25
N HIS A 48 -29.91 -12.33 16.39
CA HIS A 48 -30.39 -12.05 15.03
C HIS A 48 -30.48 -13.34 14.22
N VAL A 49 -29.59 -14.30 14.49
CA VAL A 49 -29.66 -15.63 13.91
C VAL A 49 -30.94 -16.33 14.38
N TRP A 50 -31.24 -16.18 15.66
CA TRP A 50 -32.45 -16.77 16.22
C TRP A 50 -33.71 -16.14 15.62
N LEU A 51 -33.67 -14.84 15.39
CA LEU A 51 -34.83 -14.14 14.84
C LEU A 51 -35.01 -14.40 13.35
N GLY A 52 -33.93 -14.71 12.63
CA GLY A 52 -34.02 -14.85 11.20
C GLY A 52 -34.13 -13.55 10.44
N ASP A 53 -33.70 -12.42 11.04
CA ASP A 53 -33.84 -11.14 10.36
C ASP A 53 -32.90 -11.04 9.16
N PHE A 54 -31.74 -11.69 9.25
CA PHE A 54 -30.77 -11.61 8.18
C PHE A 54 -31.33 -12.25 6.92
N PRO A 55 -31.10 -11.66 5.74
CA PRO A 55 -31.59 -12.29 4.51
C PRO A 55 -31.04 -13.68 4.31
N MET A 56 -29.90 -13.99 4.95
CA MET A 56 -29.30 -15.31 4.86
C MET A 56 -30.15 -16.33 5.61
N GLU A 57 -29.92 -17.60 5.28
CA GLU A 57 -30.69 -18.71 5.84
C GLU A 57 -29.90 -19.34 6.97
N ALA A 58 -30.47 -19.35 8.17
CA ALA A 58 -29.90 -20.14 9.23
C ALA A 58 -30.26 -21.59 8.99
N LYS A 59 -29.35 -22.49 9.35
CA LYS A 59 -29.55 -23.93 9.22
C LYS A 59 -30.92 -24.29 9.76
N GLU A 60 -31.34 -23.56 10.80
CA GLU A 60 -32.40 -24.04 11.68
C GLU A 60 -31.98 -25.47 11.86
N LEU A 61 -32.85 -26.42 11.48
CA LEU A 61 -32.54 -27.84 11.49
C LEU A 61 -32.08 -28.26 12.88
N PRO A 62 -32.70 -27.72 13.94
CA PRO A 62 -32.16 -27.82 15.29
C PRO A 62 -30.73 -27.29 15.42
N ILE A 63 -30.57 -25.97 15.29
CA ILE A 63 -29.24 -25.33 15.24
C ILE A 63 -28.77 -25.00 16.65
N VAL A 64 -27.49 -25.24 16.90
CA VAL A 64 -26.81 -24.77 18.10
C VAL A 64 -26.05 -23.51 17.71
N GLY A 65 -26.29 -22.42 18.44
CA GLY A 65 -25.69 -21.15 18.07
C GLY A 65 -24.29 -20.96 18.62
N GLY A 66 -23.66 -19.87 18.21
CA GLY A 66 -22.35 -19.51 18.71
C GLY A 66 -21.27 -19.43 17.64
N HIS A 67 -20.53 -18.32 17.66
CA HIS A 67 -19.43 -18.05 16.74
C HIS A 67 -18.12 -17.74 17.45
N GLU A 68 -18.15 -17.69 18.77
CA GLU A 68 -16.97 -17.36 19.54
C GLU A 68 -16.73 -18.38 20.63
N GLY A 69 -15.84 -19.32 20.40
CA GLY A 69 -15.62 -20.40 21.35
C GLY A 69 -14.17 -20.76 21.59
N ALA A 70 -13.76 -20.98 22.83
CA ALA A 70 -12.39 -21.36 23.15
C ALA A 70 -12.36 -22.75 23.78
N GLY A 71 -11.50 -23.62 23.27
CA GLY A 71 -11.42 -24.95 23.85
C GLY A 71 -10.14 -25.66 23.47
N VAL A 72 -10.12 -26.97 23.75
CA VAL A 72 -8.96 -27.81 23.49
C VAL A 72 -9.32 -28.85 22.42
N VAL A 73 -8.39 -29.09 21.51
CA VAL A 73 -8.58 -30.11 20.48
C VAL A 73 -8.51 -31.47 21.14
N VAL A 74 -9.59 -32.25 21.01
CA VAL A 74 -9.65 -33.61 21.55
C VAL A 74 -9.61 -34.67 20.47
N LYS A 75 -9.86 -34.32 19.21
CA LYS A 75 -9.77 -35.29 18.12
C LYS A 75 -9.53 -34.53 16.81
N VAL A 76 -8.72 -35.14 15.93
CA VAL A 76 -8.36 -34.56 14.65
C VAL A 76 -8.80 -35.47 13.53
N GLY A 77 -8.98 -34.89 12.34
CA GLY A 77 -9.36 -35.63 11.16
C GLY A 77 -8.19 -36.34 10.51
N GLN A 78 -8.49 -37.06 9.42
CA GLN A 78 -7.45 -37.81 8.73
C GLN A 78 -6.48 -36.89 8.01
N ASN A 79 -6.99 -35.88 7.31
CA ASN A 79 -6.12 -34.99 6.55
C ASN A 79 -5.72 -33.73 7.29
N VAL A 80 -5.84 -33.72 8.61
CA VAL A 80 -5.39 -32.60 9.42
C VAL A 80 -3.98 -32.86 9.91
N LYS A 81 -3.07 -31.97 9.55
CA LYS A 81 -1.65 -32.15 9.82
C LYS A 81 -1.05 -31.20 10.86
N ASP A 82 -1.46 -29.95 10.87
CA ASP A 82 -0.68 -28.98 11.61
C ASP A 82 -1.20 -28.89 13.04
N PHE A 83 -2.36 -29.47 13.32
CA PHE A 83 -2.93 -29.45 14.66
C PHE A 83 -2.55 -30.73 15.40
N LYS A 84 -2.34 -30.62 16.70
CA LYS A 84 -2.03 -31.76 17.54
C LYS A 84 -2.96 -31.76 18.74
N ILE A 85 -3.23 -32.95 19.27
CA ILE A 85 -4.18 -33.09 20.36
C ILE A 85 -3.64 -32.39 21.60
N GLY A 86 -4.51 -31.62 22.26
CA GLY A 86 -4.10 -30.80 23.37
C GLY A 86 -3.92 -29.33 23.02
N ASP A 87 -3.78 -29.01 21.73
CA ASP A 87 -3.67 -27.61 21.32
C ASP A 87 -4.95 -26.87 21.65
N ARG A 88 -4.83 -25.57 21.87
CA ARG A 88 -5.99 -24.74 22.13
C ARG A 88 -6.48 -24.19 20.80
N ALA A 89 -7.80 -24.16 20.64
CA ALA A 89 -8.41 -23.79 19.37
C ALA A 89 -9.62 -22.90 19.63
N GLY A 90 -9.97 -22.15 18.60
CA GLY A 90 -11.07 -21.21 18.69
C GLY A 90 -12.06 -21.41 17.56
N ILE A 91 -13.33 -21.33 17.93
CA ILE A 91 -14.39 -21.44 16.96
C ILE A 91 -14.79 -20.03 16.63
N LYS A 92 -14.55 -19.61 15.39
CA LYS A 92 -14.83 -18.26 14.93
C LYS A 92 -16.12 -18.22 14.11
N TRP A 93 -16.49 -17.01 13.70
CA TRP A 93 -17.67 -16.85 12.85
C TRP A 93 -17.50 -17.61 11.55
N VAL A 94 -16.32 -17.54 10.94
CA VAL A 94 -16.04 -18.26 9.70
C VAL A 94 -15.64 -19.68 10.09
N ASN A 95 -16.54 -20.63 9.88
CA ASN A 95 -16.24 -22.01 10.21
C ASN A 95 -15.39 -22.68 9.14
N SER A 96 -15.76 -22.49 7.87
CA SER A 96 -15.05 -23.13 6.78
C SER A 96 -15.31 -22.34 5.50
N SER A 97 -14.53 -22.66 4.47
CA SER A 97 -14.65 -22.00 3.18
C SER A 97 -14.20 -22.97 2.10
N CYS A 98 -14.54 -22.61 0.86
CA CYS A 98 -14.18 -23.42 -0.31
C CYS A 98 -12.67 -23.44 -0.53
N THR A 99 -11.98 -22.34 -0.24
CA THR A 99 -10.53 -22.14 -0.28
C THR A 99 -9.96 -22.09 -1.70
N THR A 100 -10.79 -22.10 -2.73
CA THR A 100 -10.36 -21.96 -4.11
C THR A 100 -11.31 -21.03 -4.86
N CYS A 101 -11.86 -20.08 -4.13
CA CYS A 101 -12.76 -19.05 -4.61
C CYS A 101 -11.98 -17.78 -4.99
N GLU A 102 -12.64 -16.90 -5.74
CA GLU A 102 -12.07 -15.59 -6.01
C GLU A 102 -11.79 -14.87 -4.70
N HIS A 103 -12.77 -14.88 -3.80
CA HIS A 103 -12.63 -14.23 -2.50
C HIS A 103 -11.76 -15.05 -1.55
N CYS A 104 -11.74 -16.38 -1.71
CA CYS A 104 -10.94 -17.21 -0.82
C CYS A 104 -9.46 -17.17 -1.18
N LYS A 105 -9.11 -17.02 -2.46
CA LYS A 105 -7.70 -16.87 -2.79
C LYS A 105 -7.19 -15.50 -2.36
N LYS A 106 -8.06 -14.49 -2.31
CA LYS A 106 -7.69 -13.23 -1.69
C LYS A 106 -7.53 -13.45 -0.19
N GLY A 107 -7.20 -12.37 0.51
CA GLY A 107 -7.03 -12.47 1.94
C GLY A 107 -8.30 -12.52 2.74
N ASN A 108 -9.48 -12.46 2.10
CA ASN A 108 -10.76 -12.38 2.79
C ASN A 108 -11.61 -13.61 2.48
N GLU A 109 -11.43 -14.67 3.26
CA GLU A 109 -12.17 -15.92 3.09
C GLU A 109 -13.65 -15.87 3.46
N PRO A 110 -14.07 -15.13 4.48
CA PRO A 110 -15.50 -15.15 4.86
C PRO A 110 -16.47 -14.66 3.80
N ASN A 111 -16.01 -14.01 2.74
CA ASN A 111 -16.93 -13.51 1.72
C ASN A 111 -17.12 -14.49 0.57
N CYS A 112 -16.67 -15.74 0.73
CA CYS A 112 -16.91 -16.78 -0.26
C CYS A 112 -18.40 -17.13 -0.32
N GLY A 113 -18.82 -17.64 -1.49
CA GLY A 113 -20.19 -18.10 -1.63
C GLY A 113 -20.48 -19.37 -0.85
N ASP A 114 -19.53 -20.30 -0.81
CA ASP A 114 -19.69 -21.56 -0.09
C ASP A 114 -19.11 -21.48 1.33
N VAL A 115 -19.43 -20.41 2.06
CA VAL A 115 -18.92 -20.25 3.41
C VAL A 115 -19.79 -21.01 4.39
N VAL A 116 -19.15 -21.66 5.35
CA VAL A 116 -19.84 -22.32 6.46
C VAL A 116 -19.64 -21.44 7.68
N LEU A 117 -20.74 -21.10 8.35
CA LEU A 117 -20.73 -20.11 9.43
C LEU A 117 -21.11 -20.77 10.74
N SER A 118 -20.25 -20.61 11.75
CA SER A 118 -20.55 -21.14 13.07
C SER A 118 -21.71 -20.37 13.70
N GLY A 119 -22.68 -21.11 14.22
CA GLY A 119 -23.86 -20.48 14.77
C GLY A 119 -24.89 -20.02 13.76
N PHE A 120 -24.69 -20.28 12.48
CA PHE A 120 -25.63 -19.87 11.45
C PHE A 120 -25.91 -21.01 10.49
N HIS A 121 -24.87 -21.49 9.79
CA HIS A 121 -24.97 -22.63 8.92
C HIS A 121 -24.53 -23.93 9.58
N ARG A 122 -23.68 -23.83 10.58
CA ARG A 122 -23.15 -24.99 11.31
C ARG A 122 -23.40 -24.81 12.80
N ASP A 123 -23.48 -25.93 13.51
CA ASP A 123 -23.60 -25.90 14.96
C ASP A 123 -22.41 -25.19 15.58
N GLY A 124 -22.69 -24.29 16.51
CA GLY A 124 -21.73 -23.35 17.04
C GLY A 124 -21.07 -23.77 18.34
N SER A 125 -20.69 -22.79 19.14
CA SER A 125 -19.87 -22.97 20.32
C SER A 125 -20.66 -23.12 21.61
N PHE A 126 -22.00 -23.06 21.56
CA PHE A 126 -22.79 -23.21 22.77
C PHE A 126 -22.82 -24.63 23.33
N GLN A 127 -22.20 -25.58 22.64
CA GLN A 127 -22.10 -26.97 23.07
C GLN A 127 -20.75 -27.38 23.64
N GLN A 128 -20.73 -28.55 24.29
CA GLN A 128 -19.50 -29.00 24.94
C GLN A 128 -18.44 -29.38 23.93
N TYR A 129 -18.83 -30.00 22.82
CA TYR A 129 -17.89 -30.47 21.80
C TYR A 129 -18.37 -29.97 20.44
N ALA A 130 -17.50 -29.26 19.74
CA ALA A 130 -17.85 -28.62 18.47
C ALA A 130 -16.81 -28.94 17.42
N VAL A 131 -17.24 -28.92 16.16
CA VAL A 131 -16.39 -29.29 15.03
C VAL A 131 -16.12 -28.03 14.21
N VAL A 132 -14.85 -27.82 13.84
CA VAL A 132 -14.48 -26.63 13.09
C VAL A 132 -13.35 -26.98 12.12
N ASN A 133 -13.34 -26.32 10.97
CA ASN A 133 -12.30 -26.57 9.97
C ASN A 133 -10.93 -26.26 10.55
N GLY A 134 -9.99 -27.19 10.35
CA GLY A 134 -8.65 -26.99 10.86
C GLY A 134 -7.93 -25.83 10.18
N ASN A 135 -8.32 -25.52 8.95
CA ASN A 135 -7.64 -24.46 8.21
C ASN A 135 -8.08 -23.08 8.67
N GLU A 136 -9.34 -22.93 9.05
CA GLU A 136 -9.89 -21.67 9.51
C GLU A 136 -9.96 -21.59 11.03
N ALA A 137 -9.44 -22.59 11.72
CA ALA A 137 -9.49 -22.61 13.17
C ALA A 137 -8.45 -21.68 13.76
N VAL A 138 -8.68 -21.26 14.97
CA VAL A 138 -7.85 -20.30 15.68
C VAL A 138 -6.74 -21.03 16.41
N LYS A 139 -5.53 -20.50 16.32
CA LYS A 139 -4.40 -20.98 17.12
C LYS A 139 -4.34 -20.12 18.38
N ILE A 140 -4.84 -20.66 19.49
CA ILE A 140 -4.78 -19.96 20.77
C ILE A 140 -3.54 -20.43 21.52
N VAL A 141 -2.78 -19.48 22.06
CA VAL A 141 -1.54 -19.78 22.74
C VAL A 141 -1.81 -20.40 24.11
N ASP A 142 -1.07 -21.47 24.42
CA ASP A 142 -1.13 -22.04 25.75
C ASP A 142 -0.52 -21.08 26.76
N GLY A 143 -1.07 -21.06 27.96
CA GLY A 143 -0.65 -20.11 28.96
C GLY A 143 -1.49 -18.85 29.05
N ILE A 144 -2.64 -18.82 28.38
CA ILE A 144 -3.65 -17.78 28.60
C ILE A 144 -4.98 -18.48 28.79
N ASP A 145 -5.82 -17.92 29.66
CA ASP A 145 -7.07 -18.56 30.04
C ASP A 145 -8.11 -18.38 28.94
N LEU A 146 -8.81 -19.46 28.61
CA LEU A 146 -9.76 -19.46 27.50
C LEU A 146 -10.92 -18.52 27.75
N VAL A 147 -11.26 -18.30 29.03
CA VAL A 147 -12.36 -17.40 29.36
C VAL A 147 -12.09 -16.02 28.80
N GLU A 148 -10.84 -15.55 28.86
CA GLU A 148 -10.55 -14.21 28.44
C GLU A 148 -10.43 -14.11 26.92
N VAL A 149 -10.03 -15.21 26.28
CA VAL A 149 -9.88 -15.24 24.83
C VAL A 149 -11.24 -15.33 24.14
N SER A 150 -12.24 -15.92 24.79
CA SER A 150 -13.55 -16.11 24.14
C SER A 150 -14.15 -14.84 23.55
N PRO A 151 -14.17 -13.69 24.23
CA PRO A 151 -14.70 -12.48 23.57
C PRO A 151 -13.82 -11.99 22.43
N ILE A 152 -12.52 -12.29 22.48
CA ILE A 152 -11.59 -11.82 21.46
C ILE A 152 -11.95 -12.44 20.11
N LEU A 153 -12.56 -13.63 20.12
CA LEU A 153 -12.79 -14.40 18.91
C LEU A 153 -13.72 -13.68 17.93
N CYS A 154 -14.62 -12.84 18.43
CA CYS A 154 -15.49 -12.07 17.55
C CYS A 154 -15.32 -10.56 17.74
N ALA A 155 -15.28 -10.08 18.97
CA ALA A 155 -15.23 -8.64 19.21
C ALA A 155 -13.83 -8.09 18.96
N GLY A 156 -12.80 -8.74 19.52
CA GLY A 156 -11.45 -8.25 19.33
C GLY A 156 -11.04 -8.22 17.87
N VAL A 157 -11.30 -9.32 17.15
CA VAL A 157 -10.92 -9.39 15.74
C VAL A 157 -11.68 -8.34 14.93
N THR A 158 -12.97 -8.16 15.22
CA THR A 158 -13.77 -7.22 14.45
C THR A 158 -13.31 -5.78 14.67
N VAL A 159 -13.08 -5.39 15.92
CA VAL A 159 -12.68 -4.01 16.20
C VAL A 159 -11.26 -3.75 15.69
N TYR A 160 -10.37 -4.74 15.82
CA TYR A 160 -9.03 -4.63 15.26
C TYR A 160 -9.09 -4.49 13.74
N LYS A 161 -9.94 -5.28 13.09
CA LYS A 161 -10.10 -5.21 11.65
C LYS A 161 -10.63 -3.84 11.22
N ALA A 162 -11.55 -3.27 11.99
CA ALA A 162 -12.06 -1.94 11.69
C ALA A 162 -10.95 -0.89 11.80
N LEU A 163 -10.18 -0.94 12.89
CA LEU A 163 -9.08 0.02 13.05
C LEU A 163 -8.05 -0.14 11.93
N LYS A 164 -7.78 -1.36 11.51
CA LYS A 164 -6.87 -1.57 10.39
C LYS A 164 -7.48 -1.06 9.08
N ASP A 165 -8.79 -1.22 8.91
CA ASP A 165 -9.49 -0.70 7.73
C ASP A 165 -9.50 0.82 7.70
N CYS A 166 -9.29 1.46 8.85
CA CYS A 166 -9.15 2.91 8.83
C CYS A 166 -7.85 3.36 8.19
N ASN A 167 -6.85 2.48 8.11
CA ASN A 167 -5.54 2.82 7.55
C ASN A 167 -4.97 4.06 8.22
N ILE A 168 -5.01 4.05 9.55
CA ILE A 168 -4.63 5.19 10.37
C ILE A 168 -3.17 5.07 10.78
N GLN A 169 -2.51 6.23 10.85
CA GLN A 169 -1.13 6.34 11.27
C GLN A 169 -1.02 6.65 12.76
N ALA A 170 0.14 6.31 13.33
CA ALA A 170 0.38 6.57 14.74
C ALA A 170 0.32 8.06 15.02
N GLY A 171 -0.53 8.44 15.97
CA GLY A 171 -0.73 9.83 16.33
C GLY A 171 -2.01 10.43 15.81
N ASP A 172 -2.64 9.79 14.83
CA ASP A 172 -3.89 10.29 14.30
C ASP A 172 -5.02 10.11 15.32
N THR A 173 -6.12 10.83 15.10
CA THR A 173 -7.27 10.75 15.95
C THR A 173 -8.28 9.77 15.38
N VAL A 174 -8.76 8.85 16.22
CA VAL A 174 -9.83 7.94 15.88
C VAL A 174 -11.00 8.21 16.82
N ALA A 175 -12.20 8.26 16.25
CA ALA A 175 -13.43 8.47 17.00
C ALA A 175 -14.18 7.16 17.05
N ILE A 176 -14.66 6.80 18.24
CA ILE A 176 -15.36 5.54 18.46
C ILE A 176 -16.79 5.89 18.85
N THR A 177 -17.75 5.56 18.00
CA THR A 177 -19.15 5.81 18.34
C THR A 177 -19.69 4.61 19.13
N GLY A 178 -20.43 4.90 20.20
CA GLY A 178 -20.86 3.83 21.08
C GLY A 178 -19.74 3.26 21.92
N ALA A 179 -18.82 4.10 22.39
CA ALA A 179 -17.61 3.64 23.06
C ALA A 179 -17.88 3.07 24.45
N GLY A 180 -19.08 3.24 25.01
CA GLY A 180 -19.37 2.70 26.32
C GLY A 180 -19.76 1.23 26.34
N GLY A 181 -20.10 0.67 25.19
CA GLY A 181 -20.39 -0.75 25.12
C GLY A 181 -19.14 -1.61 25.25
N GLY A 182 -19.35 -2.92 25.19
CA GLY A 182 -18.23 -3.85 25.23
C GLY A 182 -17.38 -3.78 23.97
N LEU A 183 -18.04 -3.80 22.82
CA LEU A 183 -17.35 -3.58 21.55
C LEU A 183 -16.59 -2.26 21.58
N GLY A 184 -17.23 -1.21 22.11
CA GLY A 184 -16.58 0.09 22.15
C GLY A 184 -15.36 0.11 23.07
N SER A 185 -15.48 -0.54 24.24
CA SER A 185 -14.35 -0.62 25.15
C SER A 185 -13.18 -1.37 24.51
N LEU A 186 -13.48 -2.44 23.79
CA LEU A 186 -12.41 -3.16 23.09
C LEU A 186 -11.82 -2.29 21.99
N CYS A 187 -12.66 -1.47 21.33
CA CYS A 187 -12.16 -0.57 20.30
C CYS A 187 -11.19 0.44 20.90
N ILE A 188 -11.53 0.96 22.07
CA ILE A 188 -10.66 1.93 22.75
C ILE A 188 -9.33 1.28 23.09
N GLN A 189 -9.38 0.06 23.64
CA GLN A 189 -8.14 -0.61 24.03
C GLN A 189 -7.26 -0.92 22.81
N TYR A 190 -7.87 -1.41 21.73
CA TYR A 190 -7.09 -1.72 20.53
C TYR A 190 -6.51 -0.45 19.90
N ALA A 191 -7.30 0.63 19.85
CA ALA A 191 -6.80 1.87 19.26
C ALA A 191 -5.65 2.43 20.08
N LYS A 192 -5.74 2.36 21.41
CA LYS A 192 -4.60 2.77 22.23
C LYS A 192 -3.42 1.82 22.04
N ALA A 193 -3.68 0.55 21.74
CA ALA A 193 -2.61 -0.39 21.46
C ALA A 193 -1.93 -0.09 20.14
N MET A 194 -2.60 0.58 19.21
CA MET A 194 -1.99 0.99 17.96
C MET A 194 -1.44 2.41 18.01
N GLY A 195 -1.37 3.01 19.19
CA GLY A 195 -0.81 4.34 19.32
C GLY A 195 -1.68 5.45 18.78
N LEU A 196 -2.99 5.27 18.81
CA LEU A 196 -3.92 6.25 18.26
C LEU A 196 -4.47 7.15 19.36
N ARG A 197 -4.57 8.44 19.06
CA ARG A 197 -5.33 9.36 19.89
C ARG A 197 -6.81 8.98 19.79
N VAL A 198 -7.42 8.67 20.93
CA VAL A 198 -8.79 8.14 20.94
C VAL A 198 -9.75 9.23 21.39
N LEU A 199 -10.82 9.42 20.61
CA LEU A 199 -11.95 10.21 21.02
C LEU A 199 -13.17 9.28 21.05
N ALA A 200 -14.00 9.43 22.08
CA ALA A 200 -15.08 8.49 22.33
C ALA A 200 -16.40 9.24 22.37
N VAL A 201 -17.42 8.71 21.70
CA VAL A 201 -18.74 9.33 21.65
C VAL A 201 -19.78 8.33 22.11
N ASP A 202 -20.45 8.62 23.22
CA ASP A 202 -21.59 7.81 23.66
C ASP A 202 -22.38 8.57 24.72
N ALA A 203 -23.60 8.13 24.95
CA ALA A 203 -24.53 8.76 25.88
C ALA A 203 -24.54 8.05 27.23
N GLY A 204 -24.57 8.82 28.32
CA GLY A 204 -24.69 8.28 29.67
C GLY A 204 -23.44 8.39 30.52
N GLU A 205 -23.19 7.39 31.38
CA GLU A 205 -22.11 7.46 32.36
C GLU A 205 -20.76 7.02 31.80
N LYS A 206 -20.68 6.76 30.48
CA LYS A 206 -19.46 6.21 29.89
C LYS A 206 -18.27 7.16 29.98
N GLN A 207 -18.49 8.42 30.36
CA GLN A 207 -17.38 9.37 30.47
C GLN A 207 -16.32 8.87 31.44
N MET A 208 -16.73 8.20 32.52
CA MET A 208 -15.77 7.67 33.45
C MET A 208 -15.11 6.40 32.92
N HIS A 209 -15.93 5.56 32.28
CA HIS A 209 -15.49 4.26 31.77
C HIS A 209 -14.37 4.39 30.74
N CYS A 210 -14.54 5.29 29.77
CA CYS A 210 -13.54 5.40 28.71
C CYS A 210 -12.18 5.77 29.28
N ARG A 211 -12.15 6.75 30.20
CA ARG A 211 -10.88 7.09 30.85
C ARG A 211 -10.36 5.94 31.69
N HIS A 212 -11.25 5.20 32.34
CA HIS A 212 -10.85 3.96 32.99
C HIS A 212 -9.97 3.14 32.06
N LEU A 213 -10.38 3.03 30.79
CA LEU A 213 -9.56 2.29 29.85
C LEU A 213 -8.42 3.09 29.25
N GLY A 214 -8.41 4.42 29.43
CA GLY A 214 -7.34 5.23 28.87
C GLY A 214 -7.73 6.13 27.72
N ALA A 215 -9.01 6.15 27.32
CA ALA A 215 -9.43 6.97 26.19
C ALA A 215 -9.13 8.44 26.45
N ASP A 216 -8.53 9.09 25.46
CA ASP A 216 -8.08 10.45 25.67
C ASP A 216 -9.22 11.46 25.73
N MET A 217 -10.35 11.17 25.10
CA MET A 217 -11.47 12.11 25.05
C MET A 217 -12.78 11.33 25.11
N PHE A 218 -13.82 11.98 25.64
CA PHE A 218 -15.16 11.41 25.58
C PHE A 218 -16.16 12.53 25.38
N ILE A 219 -17.20 12.23 24.59
CA ILE A 219 -18.26 13.18 24.23
C ILE A 219 -19.62 12.56 24.51
N ASN A 220 -20.53 13.35 25.06
CA ASN A 220 -21.86 12.87 25.42
C ASN A 220 -22.91 13.53 24.56
N PRO A 221 -23.64 12.81 23.71
CA PRO A 221 -24.77 13.42 23.00
C PRO A 221 -25.84 13.98 23.93
N PHE A 222 -25.98 13.41 25.14
CA PHE A 222 -27.00 13.87 26.07
C PHE A 222 -26.82 15.35 26.40
N ASP A 223 -25.59 15.75 26.69
CA ASP A 223 -25.27 17.13 27.09
C ASP A 223 -24.78 17.99 25.95
N SER A 224 -24.01 17.45 25.01
CA SER A 224 -23.42 18.27 23.96
C SER A 224 -24.45 18.53 22.87
N PRO A 225 -24.69 19.79 22.51
CA PRO A 225 -25.75 20.09 21.52
C PRO A 225 -25.48 19.54 20.13
N ASN A 226 -24.35 19.91 19.52
CA ASN A 226 -23.99 19.41 18.20
C ASN A 226 -22.67 18.65 18.28
N LEU A 227 -22.74 17.34 18.02
CA LEU A 227 -21.54 16.52 18.08
C LEU A 227 -20.52 16.91 17.02
N VAL A 228 -20.98 17.33 15.84
CA VAL A 228 -20.05 17.63 14.74
C VAL A 228 -19.07 18.74 15.14
N SER A 229 -19.61 19.86 15.63
CA SER A 229 -18.74 20.99 15.99
C SER A 229 -17.82 20.65 17.14
N ASP A 230 -18.36 20.01 18.18
CA ASP A 230 -17.53 19.71 19.35
C ASP A 230 -16.40 18.76 18.97
N ILE A 231 -16.70 17.73 18.17
CA ILE A 231 -15.66 16.80 17.75
C ILE A 231 -14.62 17.51 16.89
N GLN A 232 -15.07 18.32 15.92
CA GLN A 232 -14.13 19.02 15.06
C GLN A 232 -13.30 20.06 15.81
N MET A 233 -13.80 20.56 16.94
CA MET A 233 -12.99 21.45 17.76
C MET A 233 -11.98 20.69 18.60
N MET A 234 -12.32 19.48 19.04
CA MET A 234 -11.37 18.71 19.83
C MET A 234 -10.33 18.00 18.96
N THR A 235 -10.62 17.81 17.68
CA THR A 235 -9.70 17.15 16.77
C THR A 235 -9.04 18.12 15.80
N GLN A 236 -9.43 19.40 15.83
CA GLN A 236 -8.87 20.42 14.94
C GLN A 236 -9.11 20.07 13.47
N GLY A 237 -10.37 19.82 13.14
CA GLY A 237 -10.76 19.53 11.76
C GLY A 237 -11.45 18.21 11.55
N GLY A 238 -11.66 17.39 12.59
CA GLY A 238 -12.27 16.09 12.42
C GLY A 238 -11.31 14.96 12.75
N PRO A 239 -11.85 13.80 13.13
CA PRO A 239 -10.98 12.65 13.39
C PRO A 239 -10.45 12.07 12.09
N HIS A 240 -9.19 11.64 12.12
CA HIS A 240 -8.61 10.99 10.94
C HIS A 240 -9.34 9.69 10.63
N GLY A 241 -9.87 9.02 11.63
CA GLY A 241 -10.68 7.84 11.39
C GLY A 241 -11.88 7.82 12.33
N VAL A 242 -12.94 7.17 11.87
CA VAL A 242 -14.16 7.00 12.66
C VAL A 242 -14.58 5.54 12.58
N ILE A 243 -14.93 4.98 13.74
CA ILE A 243 -15.42 3.61 13.86
C ILE A 243 -16.88 3.72 14.30
N ASN A 244 -17.80 3.31 13.43
CA ASN A 244 -19.22 3.40 13.75
C ASN A 244 -19.61 2.07 14.38
N LEU A 245 -19.53 2.03 15.71
CA LEU A 245 -19.88 0.83 16.44
C LEU A 245 -21.36 0.83 16.83
N ALA A 246 -21.90 1.97 17.23
CA ALA A 246 -23.33 2.06 17.48
C ALA A 246 -24.09 1.84 16.18
N THR A 247 -25.20 1.12 16.25
CA THR A 247 -25.99 0.83 15.06
C THR A 247 -27.09 1.86 14.84
N ALA A 248 -27.27 2.80 15.77
CA ALA A 248 -28.22 3.88 15.56
C ALA A 248 -27.85 4.63 14.29
N VAL A 249 -28.86 4.94 13.47
CA VAL A 249 -28.62 5.51 12.16
C VAL A 249 -28.14 6.96 12.22
N LYS A 250 -28.35 7.66 13.34
CA LYS A 250 -27.98 9.07 13.47
C LYS A 250 -26.47 9.26 13.73
N PRO A 251 -25.86 8.49 14.63
CA PRO A 251 -24.39 8.59 14.76
C PRO A 251 -23.64 8.27 13.48
N MET A 252 -24.17 7.41 12.61
CA MET A 252 -23.51 7.16 11.33
C MET A 252 -23.42 8.45 10.52
N GLU A 253 -24.55 9.16 10.39
CA GLU A 253 -24.55 10.39 9.61
C GLU A 253 -23.69 11.45 10.28
N ASP A 254 -23.69 11.47 11.62
CA ASP A 254 -22.86 12.43 12.31
C ASP A 254 -21.38 12.14 12.08
N ALA A 255 -20.99 10.87 12.17
CA ALA A 255 -19.62 10.45 11.86
C ALA A 255 -19.22 10.87 10.46
N THR A 256 -20.09 10.63 9.49
CA THR A 256 -19.79 11.04 8.12
C THR A 256 -19.67 12.55 8.03
N HIS A 257 -20.39 13.29 8.88
CA HIS A 257 -20.34 14.74 8.85
C HIS A 257 -19.06 15.28 9.48
N TYR A 258 -18.67 14.77 10.65
CA TYR A 258 -17.56 15.35 11.40
C TYR A 258 -16.21 14.72 11.08
N VAL A 259 -16.15 13.75 10.19
CA VAL A 259 -14.88 13.11 9.86
C VAL A 259 -13.95 14.11 9.18
N ARG A 260 -12.67 14.04 9.51
CA ARG A 260 -11.70 14.97 8.98
C ARG A 260 -11.63 14.87 7.46
N THR A 261 -11.06 15.91 6.85
CA THR A 261 -10.76 15.86 5.43
C THR A 261 -9.81 14.70 5.14
N LYS A 262 -10.13 13.92 4.12
CA LYS A 262 -9.45 12.67 3.75
C LYS A 262 -9.58 11.60 4.83
N GLY A 263 -10.48 11.80 5.79
CA GLY A 263 -10.71 10.82 6.83
C GLY A 263 -11.42 9.58 6.31
N THR A 264 -11.49 8.58 7.18
CA THR A 264 -12.06 7.28 6.83
C THR A 264 -13.10 6.89 7.87
N VAL A 265 -14.34 6.71 7.44
CA VAL A 265 -15.40 6.27 8.33
C VAL A 265 -15.73 4.82 7.99
N VAL A 266 -15.63 3.94 8.97
CA VAL A 266 -15.84 2.52 8.73
C VAL A 266 -17.08 2.08 9.51
N LEU A 267 -17.99 1.42 8.78
CA LEU A 267 -19.12 0.75 9.40
C LEU A 267 -18.66 -0.64 9.79
N VAL A 268 -19.09 -1.09 10.96
CA VAL A 268 -18.58 -2.34 11.52
C VAL A 268 -19.75 -3.27 11.80
N ALA A 269 -20.89 -2.70 12.16
CA ALA A 269 -21.99 -3.52 12.64
C ALA A 269 -22.71 -4.16 11.46
N LEU A 270 -23.68 -5.02 11.79
CA LEU A 270 -24.52 -5.67 10.80
C LEU A 270 -25.99 -5.40 11.11
N PRO A 271 -26.43 -4.16 10.96
CA PRO A 271 -27.77 -3.78 11.39
C PRO A 271 -28.82 -3.97 10.29
N LYS A 272 -30.08 -3.83 10.69
CA LYS A 272 -31.20 -3.97 9.78
C LYS A 272 -31.90 -2.63 9.59
N ASP A 273 -32.23 -2.32 8.34
CA ASP A 273 -33.02 -1.14 7.98
C ASP A 273 -32.34 0.16 8.41
N ALA A 274 -31.01 0.22 8.24
CA ALA A 274 -30.24 1.42 8.53
C ALA A 274 -29.42 1.81 7.32
N LYS A 275 -29.53 3.06 6.89
CA LYS A 275 -28.78 3.56 5.75
C LYS A 275 -28.03 4.83 6.13
N VAL A 276 -26.88 5.03 5.49
CA VAL A 276 -26.05 6.21 5.74
C VAL A 276 -26.01 7.07 4.48
N PRO A 277 -26.78 8.16 4.43
CA PRO A 277 -26.60 9.14 3.35
C PRO A 277 -25.41 10.05 3.58
N VAL A 278 -24.91 10.61 2.49
CA VAL A 278 -23.83 11.58 2.54
C VAL A 278 -23.85 12.41 1.26
N ASP A 279 -23.58 13.72 1.41
CA ASP A 279 -23.54 14.64 0.29
C ASP A 279 -22.37 14.31 -0.62
N VAL A 280 -22.68 14.03 -1.90
CA VAL A 280 -21.62 13.72 -2.85
C VAL A 280 -20.65 14.90 -2.97
N PHE A 281 -21.18 16.13 -2.91
CA PHE A 281 -20.32 17.31 -2.95
C PHE A 281 -19.27 17.27 -1.85
N SER A 282 -19.70 17.01 -0.62
CA SER A 282 -18.76 17.01 0.50
C SER A 282 -17.90 15.76 0.52
N THR A 283 -18.42 14.63 0.04
CA THR A 283 -17.61 13.42 -0.05
C THR A 283 -16.48 13.63 -1.05
N VAL A 284 -16.75 14.32 -2.15
CA VAL A 284 -15.73 14.57 -3.15
C VAL A 284 -14.74 15.62 -2.66
N THR A 285 -15.25 16.72 -2.10
CA THR A 285 -14.36 17.80 -1.68
C THR A 285 -13.46 17.37 -0.53
N ARG A 286 -14.01 16.64 0.46
CA ARG A 286 -13.17 16.14 1.53
C ARG A 286 -12.52 14.79 1.23
N SER A 287 -12.90 14.14 0.13
CA SER A 287 -12.34 12.83 -0.25
C SER A 287 -12.41 11.83 0.91
N VAL A 288 -13.57 11.77 1.55
CA VAL A 288 -13.78 10.81 2.63
C VAL A 288 -14.12 9.46 2.03
N THR A 289 -13.75 8.39 2.73
CA THR A 289 -14.02 7.02 2.29
C THR A 289 -14.86 6.32 3.36
N VAL A 290 -16.05 5.87 2.94
CA VAL A 290 -16.93 5.07 3.78
C VAL A 290 -16.63 3.61 3.47
N LYS A 291 -16.05 2.90 4.41
CA LYS A 291 -15.63 1.52 4.19
C LYS A 291 -16.45 0.61 5.09
N GLY A 292 -16.76 -0.57 4.59
CA GLY A 292 -17.48 -1.56 5.36
C GLY A 292 -16.48 -2.60 5.82
N SER A 293 -16.56 -2.93 7.10
CA SER A 293 -15.65 -3.88 7.72
C SER A 293 -16.46 -5.10 8.11
N TYR A 294 -16.10 -6.24 7.54
CA TYR A 294 -16.77 -7.48 7.90
C TYR A 294 -15.91 -8.20 8.94
N VAL A 295 -16.06 -9.52 9.04
CA VAL A 295 -15.27 -10.24 10.02
C VAL A 295 -13.85 -10.36 9.50
N GLY A 296 -12.88 -10.41 10.41
CA GLY A 296 -11.51 -10.42 9.99
C GLY A 296 -11.05 -11.77 9.48
N SER A 297 -9.92 -11.75 8.78
CA SER A 297 -9.31 -12.96 8.27
C SER A 297 -8.38 -13.55 9.34
N ARG A 298 -7.82 -14.71 9.04
CA ARG A 298 -6.96 -15.40 10.01
C ARG A 298 -5.81 -14.52 10.48
N GLN A 299 -5.19 -13.78 9.56
CA GLN A 299 -4.07 -12.91 9.92
C GLN A 299 -4.50 -11.84 10.91
N ASP A 300 -5.64 -11.20 10.65
CA ASP A 300 -6.15 -10.20 11.58
C ASP A 300 -6.53 -10.83 12.91
N THR A 301 -7.06 -12.05 12.85
CA THR A 301 -7.42 -12.78 14.07
C THR A 301 -6.19 -13.05 14.92
N ASP A 302 -5.09 -13.47 14.29
CA ASP A 302 -3.87 -13.76 15.01
C ASP A 302 -3.27 -12.49 15.60
N ASP A 303 -3.36 -11.39 14.87
CA ASP A 303 -2.89 -10.15 15.45
C ASP A 303 -3.70 -9.81 16.71
N ALA A 304 -5.03 -9.83 16.58
CA ALA A 304 -5.90 -9.47 17.70
C ALA A 304 -5.66 -10.40 18.89
N LEU A 305 -5.40 -11.67 18.60
CA LEU A 305 -5.08 -12.63 19.65
C LEU A 305 -3.80 -12.24 20.37
N LYS A 306 -2.75 -11.95 19.60
CA LYS A 306 -1.47 -11.52 20.19
C LYS A 306 -1.62 -10.29 21.05
N PHE A 307 -2.54 -9.39 20.71
CA PHE A 307 -2.71 -8.18 21.53
C PHE A 307 -3.15 -8.56 22.95
N LEU A 308 -4.13 -9.46 23.08
CA LEU A 308 -4.50 -9.94 24.41
C LEU A 308 -3.40 -10.77 25.04
N GLN A 309 -2.67 -11.55 24.23
CA GLN A 309 -1.62 -12.42 24.77
C GLN A 309 -0.52 -11.59 25.42
N ARG A 310 -0.16 -10.46 24.81
CA ARG A 310 0.89 -9.61 25.34
C ARG A 310 0.40 -8.68 26.45
N GLY A 311 -0.90 -8.61 26.68
CA GLY A 311 -1.45 -7.83 27.76
C GLY A 311 -1.88 -6.43 27.39
N GLN A 312 -1.95 -6.09 26.10
CA GLN A 312 -2.39 -4.76 25.72
C GLN A 312 -3.89 -4.62 25.83
N ILE A 313 -4.63 -5.71 25.67
CA ILE A 313 -6.09 -5.70 25.71
C ILE A 313 -6.55 -6.65 26.81
N LYS A 314 -7.39 -6.14 27.71
CA LYS A 314 -8.03 -6.94 28.74
C LYS A 314 -9.47 -6.49 28.84
N ILE A 315 -10.40 -7.39 28.57
CA ILE A 315 -11.82 -7.08 28.64
C ILE A 315 -12.42 -7.81 29.84
N PRO A 316 -12.95 -7.10 30.83
CA PRO A 316 -13.62 -7.77 31.94
C PRO A 316 -14.86 -8.50 31.44
N ILE A 317 -15.13 -9.66 32.04
CA ILE A 317 -16.19 -10.53 31.57
C ILE A 317 -16.89 -11.14 32.77
N LYS A 318 -18.18 -11.42 32.58
CA LYS A 318 -18.98 -12.12 33.57
C LYS A 318 -19.22 -13.54 33.08
N VAL A 319 -18.83 -14.52 33.88
CA VAL A 319 -18.96 -15.93 33.53
C VAL A 319 -20.30 -16.45 34.00
N LEU A 320 -21.04 -17.07 33.10
CA LEU A 320 -22.36 -17.61 33.36
C LEU A 320 -22.42 -19.05 32.90
N PRO A 321 -23.33 -19.84 33.46
CA PRO A 321 -23.46 -21.23 33.03
C PRO A 321 -24.18 -21.34 31.70
N LEU A 322 -23.94 -22.48 31.04
CA LEU A 322 -24.71 -22.79 29.84
C LEU A 322 -26.20 -22.89 30.13
N GLU A 323 -26.60 -23.36 31.32
CA GLU A 323 -28.02 -23.35 31.64
C GLU A 323 -28.59 -21.94 31.62
N SER A 324 -27.90 -20.99 32.23
CA SER A 324 -28.44 -19.63 32.33
C SER A 324 -28.37 -18.86 31.03
N LEU A 325 -27.87 -19.45 29.95
CA LEU A 325 -27.77 -18.72 28.69
C LEU A 325 -29.13 -18.29 28.16
N THR A 326 -30.19 -19.06 28.45
CA THR A 326 -31.53 -18.63 28.08
C THR A 326 -31.81 -17.22 28.61
N GLU A 327 -31.57 -17.01 29.91
CA GLU A 327 -31.81 -15.68 30.48
C GLU A 327 -31.03 -14.63 29.72
N VAL A 328 -29.80 -14.95 29.31
CA VAL A 328 -28.97 -13.98 28.62
C VAL A 328 -29.66 -13.50 27.36
N PHE A 329 -30.26 -14.43 26.59
CA PHE A 329 -30.92 -14.03 25.36
C PHE A 329 -32.06 -13.06 25.63
N ASP A 330 -32.78 -13.24 26.74
CA ASP A 330 -33.84 -12.30 27.07
C ASP A 330 -33.29 -10.90 27.21
N ASN A 331 -32.14 -10.77 27.89
CA ASN A 331 -31.51 -9.47 28.06
C ASN A 331 -31.21 -8.83 26.71
N MET A 332 -30.86 -9.66 25.72
CA MET A 332 -30.53 -9.10 24.42
C MET A 332 -31.75 -8.49 23.75
N ILE A 333 -32.94 -9.04 24.00
CA ILE A 333 -34.15 -8.39 23.47
C ILE A 333 -34.40 -7.04 24.15
N ASN A 334 -34.04 -6.93 25.43
CA ASN A 334 -34.21 -5.70 26.19
C ASN A 334 -32.97 -4.81 26.20
N HIS A 335 -31.97 -5.11 25.38
CA HIS A 335 -30.75 -4.31 25.29
C HIS A 335 -30.03 -4.22 26.64
N GLN A 336 -30.08 -5.30 27.42
CA GLN A 336 -29.32 -5.41 28.66
C GLN A 336 -28.00 -6.13 28.45
N VAL A 337 -27.39 -5.96 27.28
CA VAL A 337 -26.06 -6.49 27.01
C VAL A 337 -25.12 -6.00 28.09
N THR A 338 -24.56 -6.93 28.86
CA THR A 338 -23.76 -6.60 30.04
C THR A 338 -22.29 -6.85 29.71
N GLY A 339 -21.54 -5.76 29.55
CA GLY A 339 -20.12 -5.82 29.22
C GLY A 339 -19.83 -6.92 28.22
N ARG A 340 -18.94 -7.83 28.58
CA ARG A 340 -18.76 -9.07 27.84
C ARG A 340 -19.06 -10.24 28.78
N VAL A 341 -19.98 -11.09 28.36
CA VAL A 341 -20.38 -12.25 29.14
C VAL A 341 -19.87 -13.49 28.43
N VAL A 342 -19.28 -14.40 29.19
CA VAL A 342 -18.74 -15.65 28.68
C VAL A 342 -19.35 -16.80 29.46
N LEU A 343 -19.62 -17.90 28.75
CA LEU A 343 -20.32 -19.06 29.27
C LEU A 343 -19.34 -20.19 29.51
N ASP A 344 -19.37 -20.75 30.71
CA ASP A 344 -18.65 -21.97 31.03
C ASP A 344 -19.51 -23.17 30.61
N LEU A 345 -19.02 -23.93 29.63
CA LEU A 345 -19.79 -25.05 29.11
C LEU A 345 -20.02 -26.12 30.17
N TRP A 346 -19.12 -26.22 31.15
CA TRP A 346 -19.25 -27.25 32.17
C TRP A 346 -20.46 -27.00 33.06
N LYS A 347 -20.74 -25.72 33.37
CA LYS A 347 -21.87 -25.37 34.23
C LYS A 347 -23.12 -25.11 33.41
N PRO B 1 -8.73 -47.44 -19.01
CA PRO B 1 -8.87 -46.03 -19.32
C PRO B 1 -7.71 -45.27 -18.73
N ILE B 2 -7.70 -45.20 -17.40
CA ILE B 2 -6.54 -44.82 -16.63
C ILE B 2 -5.66 -46.06 -16.52
N PRO B 3 -4.42 -46.02 -17.00
CA PRO B 3 -3.59 -47.24 -16.99
C PRO B 3 -3.11 -47.58 -15.58
N SER B 4 -2.46 -48.74 -15.48
CA SER B 4 -1.80 -49.15 -14.25
C SER B 4 -0.29 -49.01 -14.34
N THR B 5 0.25 -48.78 -15.54
CA THR B 5 1.65 -48.51 -15.77
C THR B 5 1.74 -47.33 -16.72
N GLN B 6 2.75 -46.49 -16.53
CA GLN B 6 2.84 -45.27 -17.31
C GLN B 6 4.28 -45.03 -17.75
N LYS B 7 4.42 -44.29 -18.84
CA LYS B 7 5.71 -43.80 -19.28
C LYS B 7 6.02 -42.49 -18.56
N ALA B 8 7.25 -42.35 -18.09
CA ALA B 8 7.64 -41.20 -17.29
C ALA B 8 9.16 -41.10 -17.31
N ALA B 9 9.67 -40.00 -16.76
CA ALA B 9 11.11 -39.79 -16.69
C ALA B 9 11.52 -39.64 -15.22
N VAL B 10 12.23 -40.64 -14.70
CA VAL B 10 12.54 -40.71 -13.27
C VAL B 10 14.04 -40.91 -13.08
N PHE B 11 14.65 -40.08 -12.24
CA PHE B 11 16.05 -40.25 -11.85
C PHE B 11 16.09 -40.62 -10.38
N HIS B 12 16.00 -41.93 -10.11
CA HIS B 12 16.17 -42.42 -8.75
C HIS B 12 17.50 -41.95 -8.18
N LYS B 13 18.47 -41.74 -9.05
CA LYS B 13 19.79 -41.23 -8.70
C LYS B 13 19.92 -39.77 -9.09
N PHE B 14 20.57 -38.98 -8.23
CA PHE B 14 20.85 -37.57 -8.52
C PHE B 14 22.06 -37.49 -9.44
N GLY B 15 21.81 -37.33 -10.74
CA GLY B 15 22.89 -37.20 -11.69
C GLY B 15 22.80 -38.16 -12.85
N GLN B 16 21.75 -38.97 -12.86
CA GLN B 16 21.56 -39.94 -13.93
C GLN B 16 20.77 -39.33 -15.07
N ARG B 17 21.22 -39.58 -16.31
CA ARG B 17 20.40 -39.28 -17.47
C ARG B 17 19.28 -40.17 -16.96
N TYR B 18 18.10 -39.60 -16.77
CA TYR B 18 17.02 -40.46 -16.32
C TYR B 18 16.36 -41.10 -17.53
N GLN B 19 15.99 -42.36 -17.38
CA GLN B 19 15.50 -43.11 -18.52
C GLN B 19 14.00 -42.97 -18.62
N PHE B 20 13.53 -42.63 -19.81
CA PHE B 20 12.15 -42.89 -20.17
C PHE B 20 11.84 -44.31 -19.72
N GLU B 21 10.98 -44.44 -18.72
CA GLU B 21 10.74 -45.73 -18.09
C GLU B 21 9.28 -45.82 -17.72
N LYS B 22 8.77 -47.05 -17.70
CA LYS B 22 7.45 -47.31 -17.15
C LYS B 22 7.53 -47.48 -15.65
N ILE B 23 6.63 -46.77 -14.95
CA ILE B 23 6.54 -46.80 -13.50
C ILE B 23 5.06 -46.95 -13.16
N SER B 24 4.81 -47.41 -11.93
CA SER B 24 3.45 -47.59 -11.48
C SER B 24 2.71 -46.25 -11.46
N VAL B 25 1.43 -46.29 -11.78
CA VAL B 25 0.65 -45.05 -11.73
C VAL B 25 0.49 -44.65 -10.26
N PRO B 26 0.68 -43.38 -9.91
CA PRO B 26 0.68 -43.00 -8.50
C PRO B 26 -0.65 -43.24 -7.83
N GLU B 27 -0.60 -43.56 -6.54
CA GLU B 27 -1.81 -43.73 -5.75
C GLU B 27 -2.37 -42.36 -5.40
N ILE B 28 -3.67 -42.18 -5.71
CA ILE B 28 -4.30 -40.88 -5.56
C ILE B 28 -4.29 -40.47 -4.09
N GLY B 29 -3.87 -39.24 -3.82
CA GLY B 29 -3.84 -38.75 -2.46
C GLY B 29 -5.22 -38.56 -1.89
N ASP B 30 -5.27 -38.40 -0.57
CA ASP B 30 -6.56 -38.31 0.10
C ASP B 30 -7.27 -37.00 -0.22
N ASP B 31 -6.59 -35.87 -0.09
CA ASP B 31 -7.11 -34.57 -0.48
C ASP B 31 -6.57 -34.10 -1.82
N ASP B 32 -5.77 -34.92 -2.48
CA ASP B 32 -5.09 -34.55 -3.71
C ASP B 32 -5.99 -34.78 -4.94
N ILE B 33 -5.41 -34.55 -6.11
CA ILE B 33 -6.09 -34.66 -7.39
C ILE B 33 -5.14 -35.28 -8.39
N LEU B 34 -5.68 -36.14 -9.25
CA LEU B 34 -4.93 -36.80 -10.31
C LEU B 34 -5.20 -36.08 -11.62
N VAL B 35 -4.13 -35.66 -12.29
CA VAL B 35 -4.20 -34.88 -13.51
C VAL B 35 -3.47 -35.66 -14.59
N LYS B 36 -4.19 -36.00 -15.67
CA LYS B 36 -3.55 -36.47 -16.89
C LYS B 36 -2.91 -35.27 -17.57
N VAL B 37 -1.58 -35.23 -17.57
CA VAL B 37 -0.83 -34.12 -18.14
C VAL B 37 -0.63 -34.40 -19.62
N ILE B 38 -1.15 -33.55 -20.47
CA ILE B 38 -0.96 -33.72 -21.89
C ILE B 38 0.21 -32.88 -22.41
N TYR B 39 0.56 -31.81 -21.71
CA TYR B 39 1.73 -31.05 -22.11
C TYR B 39 2.46 -30.57 -20.86
N SER B 40 3.80 -30.60 -20.92
CA SER B 40 4.61 -30.22 -19.78
C SER B 40 5.79 -29.36 -20.20
N GLY B 41 6.11 -28.33 -19.40
CA GLY B 41 7.18 -27.42 -19.69
C GLY B 41 8.47 -27.79 -18.98
N VAL B 42 9.58 -27.22 -19.46
CA VAL B 42 10.91 -27.48 -18.94
C VAL B 42 11.56 -26.15 -18.61
N CYS B 43 11.86 -25.95 -17.33
CA CYS B 43 12.59 -24.77 -16.86
C CYS B 43 13.97 -25.21 -16.39
N HIS B 44 14.86 -24.22 -16.19
CA HIS B 44 16.23 -24.54 -15.82
C HIS B 44 16.32 -25.15 -14.42
N THR B 45 15.31 -24.90 -13.57
CA THR B 45 15.29 -25.48 -12.24
C THR B 45 15.24 -27.00 -12.30
N ASP B 46 14.59 -27.55 -13.33
CA ASP B 46 14.55 -28.98 -13.51
C ASP B 46 15.95 -29.57 -13.64
N ILE B 47 16.90 -28.81 -14.20
CA ILE B 47 18.27 -29.28 -14.26
C ILE B 47 18.89 -29.32 -12.87
N HIS B 48 18.56 -28.35 -12.02
CA HIS B 48 19.27 -28.24 -10.77
C HIS B 48 18.90 -29.39 -9.84
N VAL B 49 17.64 -29.83 -9.90
CA VAL B 49 17.21 -31.00 -9.15
C VAL B 49 18.03 -32.20 -9.58
N TRP B 50 18.26 -32.32 -10.89
CA TRP B 50 19.07 -33.41 -11.43
C TRP B 50 20.52 -33.26 -11.00
N LEU B 51 21.02 -32.04 -10.91
CA LEU B 51 22.42 -31.83 -10.57
C LEU B 51 22.69 -32.09 -9.10
N GLY B 52 21.67 -31.96 -8.24
CA GLY B 52 21.93 -32.01 -6.82
C GLY B 52 22.61 -30.75 -6.36
N ASP B 53 22.51 -29.69 -7.15
CA ASP B 53 23.23 -28.46 -6.88
C ASP B 53 22.62 -27.68 -5.73
N PHE B 54 21.30 -27.71 -5.60
CA PHE B 54 20.59 -26.88 -4.62
C PHE B 54 20.94 -27.27 -3.19
N PRO B 55 21.13 -26.29 -2.29
CA PRO B 55 21.37 -26.64 -0.88
C PRO B 55 20.20 -27.39 -0.29
N MET B 56 18.97 -27.02 -0.69
CA MET B 56 17.79 -27.77 -0.32
C MET B 56 17.87 -29.16 -0.93
N GLU B 57 17.85 -30.19 -0.08
CA GLU B 57 17.98 -31.55 -0.57
C GLU B 57 16.69 -31.97 -1.27
N ALA B 58 16.83 -32.42 -2.52
CA ALA B 58 15.68 -32.95 -3.22
C ALA B 58 15.35 -34.35 -2.71
N LYS B 59 14.25 -34.89 -3.21
CA LYS B 59 13.80 -36.20 -2.77
C LYS B 59 14.80 -37.27 -3.17
N GLU B 60 15.43 -37.90 -2.17
CA GLU B 60 16.37 -38.98 -2.42
C GLU B 60 15.69 -40.22 -2.99
N LEU B 61 14.39 -40.18 -3.21
CA LEU B 61 13.57 -41.28 -3.71
C LEU B 61 13.45 -41.18 -5.24
N PRO B 62 12.84 -42.17 -5.89
CA PRO B 62 12.53 -42.06 -7.32
C PRO B 62 11.69 -40.84 -7.64
N ILE B 63 12.26 -39.91 -8.40
CA ILE B 63 11.60 -38.65 -8.70
C ILE B 63 11.40 -38.53 -10.21
N VAL B 64 10.17 -38.25 -10.61
CA VAL B 64 9.85 -37.79 -11.96
C VAL B 64 9.60 -36.29 -11.84
N GLY B 65 10.33 -35.50 -12.62
CA GLY B 65 10.35 -34.06 -12.42
C GLY B 65 9.21 -33.30 -13.09
N GLY B 66 9.22 -32.00 -12.86
CA GLY B 66 8.27 -31.10 -13.47
C GLY B 66 7.43 -30.29 -12.49
N HIS B 67 7.38 -29.00 -12.76
CA HIS B 67 6.63 -28.03 -11.98
C HIS B 67 5.61 -27.29 -12.83
N GLU B 68 5.66 -27.45 -14.15
CA GLU B 68 4.73 -26.83 -15.08
C GLU B 68 4.04 -27.93 -15.88
N GLY B 69 2.77 -28.21 -15.56
CA GLY B 69 2.06 -29.22 -16.31
C GLY B 69 0.62 -28.88 -16.62
N ALA B 70 0.15 -29.10 -17.84
CA ALA B 70 -1.23 -28.79 -18.21
C ALA B 70 -1.94 -30.07 -18.58
N GLY B 71 -3.11 -30.30 -17.99
CA GLY B 71 -3.83 -31.51 -18.33
C GLY B 71 -5.28 -31.44 -17.92
N VAL B 72 -5.92 -32.61 -17.99
CA VAL B 72 -7.31 -32.75 -17.62
C VAL B 72 -7.38 -33.68 -16.40
N VAL B 73 -8.21 -33.32 -15.43
CA VAL B 73 -8.41 -34.20 -14.29
C VAL B 73 -9.21 -35.42 -14.76
N VAL B 74 -8.63 -36.61 -14.57
CA VAL B 74 -9.28 -37.87 -14.93
C VAL B 74 -9.82 -38.60 -13.72
N LYS B 75 -9.47 -38.18 -12.53
CA LYS B 75 -10.00 -38.77 -11.31
C LYS B 75 -9.98 -37.64 -10.30
N VAL B 76 -11.03 -37.57 -9.49
CA VAL B 76 -11.25 -36.32 -8.74
C VAL B 76 -10.55 -36.36 -7.40
N GLY B 77 -10.52 -37.50 -6.74
CA GLY B 77 -9.86 -37.55 -5.46
C GLY B 77 -10.77 -37.12 -4.32
N GLN B 78 -10.54 -37.72 -3.17
CA GLN B 78 -11.34 -37.42 -1.99
C GLN B 78 -11.00 -36.03 -1.46
N ASN B 79 -11.78 -35.60 -0.47
CA ASN B 79 -11.64 -34.31 0.20
C ASN B 79 -11.41 -33.15 -0.78
N VAL B 80 -11.99 -33.23 -1.96
CA VAL B 80 -11.94 -32.13 -2.91
C VAL B 80 -13.33 -31.51 -2.93
N LYS B 81 -13.38 -30.19 -3.07
CA LYS B 81 -14.64 -29.49 -2.91
C LYS B 81 -15.35 -29.13 -4.21
N ASP B 82 -14.61 -28.61 -5.19
CA ASP B 82 -15.18 -28.02 -6.40
C ASP B 82 -14.60 -28.64 -7.67
N PHE B 83 -13.55 -29.45 -7.61
CA PHE B 83 -12.97 -29.92 -8.86
C PHE B 83 -13.87 -30.98 -9.47
N LYS B 84 -14.03 -30.92 -10.79
CA LYS B 84 -14.94 -31.79 -11.52
C LYS B 84 -14.19 -32.51 -12.62
N ILE B 85 -14.66 -33.71 -12.93
CA ILE B 85 -14.00 -34.51 -13.95
C ILE B 85 -14.19 -33.85 -15.29
N GLY B 86 -13.12 -33.72 -16.06
CA GLY B 86 -13.13 -32.99 -17.30
C GLY B 86 -12.57 -31.58 -17.20
N ASP B 87 -12.46 -31.03 -16.00
CA ASP B 87 -11.85 -29.72 -15.85
C ASP B 87 -10.39 -29.77 -16.29
N ARG B 88 -9.90 -28.66 -16.82
CA ARG B 88 -8.50 -28.52 -17.15
C ARG B 88 -7.78 -27.87 -15.98
N ALA B 89 -6.59 -28.41 -15.67
CA ALA B 89 -5.86 -28.03 -14.48
C ALA B 89 -4.37 -27.93 -14.77
N GLY B 90 -3.69 -27.19 -13.92
CA GLY B 90 -2.26 -26.97 -14.07
C GLY B 90 -1.49 -27.31 -12.81
N ILE B 91 -0.37 -27.99 -13.01
CA ILE B 91 0.57 -28.35 -11.96
C ILE B 91 1.64 -27.27 -11.88
N LYS B 92 1.75 -26.64 -10.70
CA LYS B 92 2.67 -25.56 -10.43
C LYS B 92 3.89 -26.05 -9.67
N TRP B 93 4.84 -25.15 -9.47
CA TRP B 93 6.00 -25.44 -8.61
C TRP B 93 5.56 -25.78 -7.19
N VAL B 94 4.61 -25.02 -6.65
CA VAL B 94 4.06 -25.31 -5.33
C VAL B 94 2.98 -26.36 -5.50
N ASN B 95 3.29 -27.60 -5.10
CA ASN B 95 2.31 -28.68 -5.22
C ASN B 95 1.28 -28.60 -4.10
N SER B 96 1.72 -28.36 -2.87
CA SER B 96 0.82 -28.29 -1.71
C SER B 96 1.51 -27.47 -0.62
N SER B 97 0.74 -27.11 0.40
CA SER B 97 1.26 -26.31 1.50
C SER B 97 0.46 -26.63 2.76
N CYS B 98 0.95 -26.19 3.92
CA CYS B 98 0.24 -26.45 5.16
C CYS B 98 -1.07 -25.69 5.22
N THR B 99 -1.10 -24.48 4.66
CA THR B 99 -2.24 -23.57 4.55
C THR B 99 -2.64 -22.97 5.90
N THR B 100 -1.88 -23.23 6.97
CA THR B 100 -2.15 -22.65 8.28
C THR B 100 -0.87 -22.21 8.97
N CYS B 101 0.12 -21.81 8.19
CA CYS B 101 1.39 -21.32 8.69
C CYS B 101 1.33 -19.80 8.88
N GLU B 102 2.34 -19.28 9.57
CA GLU B 102 2.47 -17.83 9.68
C GLU B 102 2.50 -17.21 8.29
N HIS B 103 3.32 -17.77 7.39
CA HIS B 103 3.40 -17.28 6.02
C HIS B 103 2.27 -17.77 5.12
N CYS B 104 1.63 -18.91 5.44
CA CYS B 104 0.58 -19.41 4.56
C CYS B 104 -0.70 -18.59 4.67
N LYS B 105 -0.99 -18.08 5.87
CA LYS B 105 -2.10 -17.17 6.07
C LYS B 105 -1.78 -15.78 5.52
N LYS B 106 -0.50 -15.44 5.43
CA LYS B 106 -0.02 -14.20 4.83
C LYS B 106 -0.31 -14.10 3.34
N GLY B 107 -0.74 -15.19 2.70
CA GLY B 107 -1.04 -15.22 1.28
C GLY B 107 0.08 -15.72 0.40
N ASN B 108 1.24 -16.04 0.96
CA ASN B 108 2.40 -16.52 0.22
C ASN B 108 2.72 -17.93 0.74
N GLU B 109 2.10 -18.93 0.12
CA GLU B 109 2.19 -20.34 0.51
C GLU B 109 3.54 -21.02 0.31
N PRO B 110 4.34 -20.69 -0.72
CA PRO B 110 5.59 -21.45 -0.94
C PRO B 110 6.59 -21.38 0.19
N ASN B 111 6.45 -20.46 1.15
CA ASN B 111 7.41 -20.36 2.24
C ASN B 111 6.97 -21.11 3.49
N CYS B 112 5.98 -21.98 3.39
CA CYS B 112 5.62 -22.84 4.50
C CYS B 112 6.74 -23.85 4.78
N GLY B 113 6.82 -24.28 6.04
CA GLY B 113 7.78 -25.31 6.39
C GLY B 113 7.41 -26.67 5.84
N ASP B 114 6.12 -27.00 5.83
CA ASP B 114 5.63 -28.26 5.30
C ASP B 114 5.19 -28.12 3.84
N VAL B 115 6.00 -27.46 3.02
CA VAL B 115 5.70 -27.24 1.61
C VAL B 115 6.18 -28.43 0.78
N VAL B 116 5.33 -28.88 -0.14
CA VAL B 116 5.68 -29.92 -1.11
C VAL B 116 5.80 -29.25 -2.47
N LEU B 117 6.91 -29.52 -3.17
CA LEU B 117 7.25 -28.86 -4.43
C LEU B 117 7.25 -29.86 -5.57
N SER B 118 6.49 -29.54 -6.64
CA SER B 118 6.46 -30.42 -7.80
C SER B 118 7.82 -30.46 -8.48
N GLY B 119 8.27 -31.67 -8.80
CA GLY B 119 9.58 -31.86 -9.36
C GLY B 119 10.71 -31.84 -8.36
N PHE B 120 10.40 -31.76 -7.06
CA PHE B 120 11.42 -31.69 -6.03
C PHE B 120 11.03 -32.58 -4.85
N HIS B 121 9.89 -32.29 -4.24
CA HIS B 121 9.36 -33.05 -3.12
C HIS B 121 8.34 -34.11 -3.54
N ARG B 122 7.44 -33.77 -4.47
CA ARG B 122 6.47 -34.71 -4.99
C ARG B 122 6.72 -34.93 -6.48
N ASP B 123 6.30 -36.09 -6.97
CA ASP B 123 6.40 -36.40 -8.39
C ASP B 123 5.69 -35.34 -9.21
N GLY B 124 6.35 -34.86 -10.26
CA GLY B 124 5.94 -33.71 -11.04
C GLY B 124 5.17 -34.08 -12.29
N SER B 125 5.31 -33.24 -13.30
CA SER B 125 4.48 -33.31 -14.51
C SER B 125 5.10 -34.12 -15.65
N PHE B 126 6.31 -34.67 -15.50
CA PHE B 126 6.88 -35.48 -16.57
C PHE B 126 6.28 -36.88 -16.65
N GLN B 127 5.32 -37.20 -15.81
CA GLN B 127 4.62 -38.47 -15.86
C GLN B 127 3.23 -38.35 -16.44
N GLN B 128 2.67 -39.49 -16.85
CA GLN B 128 1.40 -39.44 -17.57
C GLN B 128 0.27 -38.96 -16.67
N TYR B 129 0.29 -39.36 -15.40
CA TYR B 129 -0.72 -38.98 -14.43
C TYR B 129 -0.03 -38.53 -13.16
N ALA B 130 -0.33 -37.32 -12.70
CA ALA B 130 0.39 -36.72 -11.59
C ALA B 130 -0.56 -36.23 -10.51
N VAL B 131 -0.06 -36.16 -9.29
CA VAL B 131 -0.86 -35.86 -8.11
C VAL B 131 -0.51 -34.46 -7.61
N VAL B 132 -1.54 -33.65 -7.35
CA VAL B 132 -1.36 -32.27 -6.90
C VAL B 132 -2.48 -31.89 -5.94
N ASN B 133 -2.14 -31.06 -4.95
CA ASN B 133 -3.16 -30.55 -4.04
C ASN B 133 -4.16 -29.70 -4.80
N GLY B 134 -5.44 -29.90 -4.51
CA GLY B 134 -6.49 -29.18 -5.21
C GLY B 134 -6.46 -27.67 -4.99
N ASN B 135 -5.95 -27.22 -3.84
CA ASN B 135 -6.01 -25.79 -3.56
C ASN B 135 -4.94 -25.01 -4.34
N GLU B 136 -3.77 -25.60 -4.54
CA GLU B 136 -2.71 -24.93 -5.26
C GLU B 136 -2.65 -25.31 -6.72
N ALA B 137 -3.61 -26.10 -7.19
CA ALA B 137 -3.62 -26.45 -8.60
C ALA B 137 -4.22 -25.28 -9.37
N VAL B 138 -3.89 -25.22 -10.63
CA VAL B 138 -4.32 -24.11 -11.47
C VAL B 138 -5.66 -24.43 -12.09
N LYS B 139 -6.53 -23.42 -12.13
CA LYS B 139 -7.76 -23.48 -12.90
C LYS B 139 -7.45 -22.95 -14.29
N ILE B 140 -7.22 -23.84 -15.24
CA ILE B 140 -7.02 -23.46 -16.63
C ILE B 140 -8.39 -23.43 -17.31
N VAL B 141 -8.63 -22.38 -18.10
CA VAL B 141 -9.94 -22.25 -18.75
C VAL B 141 -10.08 -23.31 -19.82
N ASP B 142 -11.23 -23.96 -19.85
CA ASP B 142 -11.53 -24.92 -20.90
C ASP B 142 -11.69 -24.19 -22.23
N GLY B 143 -11.22 -24.83 -23.30
CA GLY B 143 -11.22 -24.21 -24.60
C GLY B 143 -9.96 -23.46 -24.96
N ILE B 144 -8.92 -23.54 -24.13
CA ILE B 144 -7.68 -22.81 -24.34
C ILE B 144 -6.55 -23.82 -24.50
N ASP B 145 -5.63 -23.53 -25.41
CA ASP B 145 -4.57 -24.48 -25.79
C ASP B 145 -3.72 -24.85 -24.59
N LEU B 146 -3.58 -26.17 -24.35
CA LEU B 146 -2.83 -26.66 -23.21
C LEU B 146 -1.33 -26.46 -23.42
N VAL B 147 -0.88 -26.56 -24.68
CA VAL B 147 0.53 -26.42 -24.98
C VAL B 147 1.00 -25.04 -24.56
N GLU B 148 0.17 -24.05 -24.78
CA GLU B 148 0.55 -22.67 -24.50
C GLU B 148 0.38 -22.32 -23.03
N VAL B 149 -0.53 -22.98 -22.32
CA VAL B 149 -0.66 -22.65 -20.91
C VAL B 149 0.49 -23.26 -20.11
N SER B 150 1.05 -24.37 -20.59
CA SER B 150 2.12 -25.02 -19.83
C SER B 150 3.28 -24.09 -19.47
N PRO B 151 3.81 -23.26 -20.37
CA PRO B 151 4.92 -22.37 -19.97
C PRO B 151 4.51 -21.29 -18.97
N ILE B 152 3.26 -20.83 -19.00
CA ILE B 152 2.82 -19.82 -18.05
C ILE B 152 2.87 -20.35 -16.62
N LEU B 153 2.75 -21.67 -16.46
CA LEU B 153 2.66 -22.27 -15.13
C LEU B 153 3.91 -21.99 -14.30
N CYS B 154 5.06 -21.78 -14.95
CA CYS B 154 6.27 -21.41 -14.24
C CYS B 154 6.78 -20.04 -14.65
N ALA B 155 6.83 -19.74 -15.95
CA ALA B 155 7.42 -18.49 -16.39
C ALA B 155 6.44 -17.32 -16.26
N GLY B 156 5.21 -17.49 -16.71
CA GLY B 156 4.25 -16.38 -16.68
C GLY B 156 3.97 -15.88 -15.28
N VAL B 157 3.67 -16.79 -14.36
CA VAL B 157 3.36 -16.39 -12.99
C VAL B 157 4.57 -15.74 -12.33
N THR B 158 5.76 -16.30 -12.55
CA THR B 158 6.95 -15.80 -11.87
C THR B 158 7.31 -14.40 -12.36
N VAL B 159 7.32 -14.20 -13.68
CA VAL B 159 7.67 -12.89 -14.22
C VAL B 159 6.58 -11.86 -13.90
N TYR B 160 5.32 -12.29 -13.92
CA TYR B 160 4.24 -11.39 -13.54
C TYR B 160 4.38 -10.94 -12.08
N LYS B 161 4.67 -11.87 -11.18
CA LYS B 161 4.84 -11.50 -9.78
C LYS B 161 6.07 -10.63 -9.60
N ALA B 162 7.14 -10.88 -10.37
CA ALA B 162 8.32 -10.02 -10.30
C ALA B 162 7.97 -8.59 -10.67
N LEU B 163 7.21 -8.43 -11.76
CA LEU B 163 6.76 -7.10 -12.15
C LEU B 163 5.86 -6.50 -11.08
N LYS B 164 5.03 -7.32 -10.44
CA LYS B 164 4.24 -6.86 -9.30
C LYS B 164 5.11 -6.42 -8.14
N ASP B 165 6.26 -7.07 -7.97
CA ASP B 165 7.17 -6.76 -6.88
C ASP B 165 8.02 -5.53 -7.17
N CYS B 166 8.15 -5.17 -8.44
CA CYS B 166 8.79 -3.91 -8.78
C CYS B 166 7.95 -2.74 -8.31
N ASN B 167 6.65 -2.96 -8.11
CA ASN B 167 5.70 -1.95 -7.64
C ASN B 167 5.80 -0.69 -8.48
N ILE B 168 5.79 -0.89 -9.79
CA ILE B 168 6.04 0.15 -10.78
C ILE B 168 4.71 0.77 -11.20
N GLN B 169 4.74 2.06 -11.50
CA GLN B 169 3.56 2.81 -11.91
C GLN B 169 3.42 2.83 -13.42
N ALA B 170 2.20 3.07 -13.88
CA ALA B 170 1.91 3.14 -15.32
C ALA B 170 2.70 4.27 -15.95
N GLY B 171 3.51 3.95 -16.95
CA GLY B 171 4.34 4.92 -17.63
C GLY B 171 5.80 4.89 -17.21
N ASP B 172 6.11 4.29 -16.08
CA ASP B 172 7.48 4.20 -15.60
C ASP B 172 8.30 3.28 -16.50
N THR B 173 9.62 3.37 -16.34
CA THR B 173 10.58 2.58 -17.12
C THR B 173 10.98 1.33 -16.36
N VAL B 174 10.92 0.18 -17.04
CA VAL B 174 11.42 -1.08 -16.50
C VAL B 174 12.51 -1.59 -17.44
N ALA B 175 13.61 -2.03 -16.86
CA ALA B 175 14.72 -2.62 -17.60
C ALA B 175 14.76 -4.11 -17.28
N ILE B 176 14.88 -4.93 -18.31
CA ILE B 176 14.83 -6.38 -18.18
C ILE B 176 16.16 -6.95 -18.62
N THR B 177 16.90 -7.54 -17.69
CA THR B 177 18.16 -8.19 -18.03
C THR B 177 17.91 -9.62 -18.46
N GLY B 178 18.59 -10.04 -19.53
CA GLY B 178 18.31 -11.33 -20.11
C GLY B 178 16.97 -11.37 -20.81
N ALA B 179 16.60 -10.29 -21.49
CA ALA B 179 15.26 -10.16 -22.05
C ALA B 179 15.03 -11.08 -23.25
N GLY B 180 16.09 -11.64 -23.83
CA GLY B 180 15.97 -12.58 -24.93
C GLY B 180 15.73 -14.02 -24.53
N GLY B 181 15.95 -14.34 -23.26
CA GLY B 181 15.71 -15.69 -22.77
C GLY B 181 14.22 -16.01 -22.71
N GLY B 182 13.94 -17.23 -22.24
CA GLY B 182 12.55 -17.64 -22.12
C GLY B 182 11.81 -16.82 -21.09
N LEU B 183 12.41 -16.64 -19.91
CA LEU B 183 11.86 -15.72 -18.92
C LEU B 183 11.72 -14.31 -19.48
N GLY B 184 12.73 -13.85 -20.22
CA GLY B 184 12.78 -12.46 -20.65
C GLY B 184 11.69 -12.07 -21.64
N SER B 185 11.40 -12.92 -22.62
CA SER B 185 10.36 -12.60 -23.59
C SER B 185 9.01 -12.44 -22.90
N LEU B 186 8.72 -13.34 -21.97
CA LEU B 186 7.47 -13.23 -21.22
C LEU B 186 7.49 -11.98 -20.35
N CYS B 187 8.66 -11.63 -19.80
CA CYS B 187 8.74 -10.42 -19.00
C CYS B 187 8.42 -9.19 -19.82
N ILE B 188 8.94 -9.13 -21.05
CA ILE B 188 8.70 -7.98 -21.91
C ILE B 188 7.22 -7.86 -22.21
N GLN B 189 6.57 -8.98 -22.57
CA GLN B 189 5.16 -8.91 -22.91
C GLN B 189 4.31 -8.55 -21.69
N TYR B 190 4.60 -9.14 -20.52
CA TYR B 190 3.83 -8.82 -19.32
C TYR B 190 4.04 -7.37 -18.89
N ALA B 191 5.28 -6.89 -18.95
CA ALA B 191 5.54 -5.51 -18.55
C ALA B 191 4.87 -4.52 -19.49
N LYS B 192 4.88 -4.80 -20.80
CA LYS B 192 4.12 -3.96 -21.72
C LYS B 192 2.63 -4.08 -21.48
N ALA B 193 2.16 -5.25 -21.02
CA ALA B 193 0.75 -5.41 -20.70
C ALA B 193 0.34 -4.62 -19.47
N MET B 194 1.29 -4.32 -18.58
CA MET B 194 0.98 -3.51 -17.41
C MET B 194 1.26 -2.03 -17.65
N GLY B 195 1.44 -1.63 -18.91
CA GLY B 195 1.65 -0.23 -19.26
C GLY B 195 3.01 0.34 -18.93
N LEU B 196 4.04 -0.50 -18.91
CA LEU B 196 5.38 -0.06 -18.57
C LEU B 196 6.19 0.17 -19.84
N ARG B 197 7.15 1.09 -19.76
CA ARG B 197 8.09 1.32 -20.84
C ARG B 197 9.25 0.35 -20.69
N VAL B 198 9.43 -0.53 -21.67
CA VAL B 198 10.35 -1.65 -21.58
C VAL B 198 11.69 -1.27 -22.18
N LEU B 199 12.76 -1.54 -21.43
CA LEU B 199 14.13 -1.52 -21.94
C LEU B 199 14.68 -2.93 -21.81
N ALA B 200 15.43 -3.37 -22.82
CA ALA B 200 15.86 -4.76 -22.90
C ALA B 200 17.38 -4.84 -22.98
N VAL B 201 17.97 -5.72 -22.17
CA VAL B 201 19.40 -5.93 -22.09
C VAL B 201 19.67 -7.40 -22.38
N ASP B 202 20.36 -7.68 -23.49
CA ASP B 202 20.79 -9.05 -23.75
C ASP B 202 21.86 -9.02 -24.84
N ALA B 203 22.55 -10.15 -25.00
CA ALA B 203 23.68 -10.25 -25.90
C ALA B 203 23.27 -10.82 -27.26
N GLY B 204 23.74 -10.19 -28.33
CA GLY B 204 23.57 -10.76 -29.65
C GLY B 204 22.49 -10.19 -30.54
N GLU B 205 21.97 -11.06 -31.41
CA GLU B 205 20.98 -10.72 -32.42
C GLU B 205 19.55 -10.69 -31.88
N LYS B 206 19.38 -10.78 -30.56
CA LYS B 206 18.06 -10.77 -29.95
C LYS B 206 17.35 -9.43 -29.94
N GLN B 207 17.99 -8.36 -30.44
CA GLN B 207 17.42 -7.03 -30.30
C GLN B 207 16.11 -6.91 -31.06
N MET B 208 16.08 -7.39 -32.31
CA MET B 208 14.82 -7.38 -33.05
C MET B 208 13.76 -8.20 -32.34
N HIS B 209 14.16 -9.33 -31.73
CA HIS B 209 13.20 -10.14 -31.00
C HIS B 209 12.55 -9.36 -29.88
N CYS B 210 13.36 -8.72 -29.02
CA CYS B 210 12.84 -7.99 -27.88
C CYS B 210 12.01 -6.79 -28.33
N ARG B 211 12.51 -6.04 -29.31
CA ARG B 211 11.77 -4.88 -29.80
C ARG B 211 10.44 -5.31 -30.43
N HIS B 212 10.40 -6.46 -31.11
CA HIS B 212 9.13 -6.98 -31.60
C HIS B 212 8.20 -7.36 -30.46
N LEU B 213 8.77 -7.81 -29.34
CA LEU B 213 7.96 -8.07 -28.16
C LEU B 213 7.36 -6.82 -27.56
N GLY B 214 7.76 -5.64 -28.03
CA GLY B 214 7.26 -4.39 -27.50
C GLY B 214 8.29 -3.57 -26.74
N ALA B 215 9.52 -4.05 -26.66
CA ALA B 215 10.56 -3.29 -25.99
C ALA B 215 10.78 -1.97 -26.72
N ASP B 216 10.85 -0.88 -25.96
CA ASP B 216 10.96 0.44 -26.58
C ASP B 216 12.34 0.63 -27.19
N MET B 217 13.39 0.29 -26.46
CA MET B 217 14.75 0.30 -26.98
C MET B 217 15.52 -0.87 -26.40
N PHE B 218 16.66 -1.15 -27.00
CA PHE B 218 17.45 -2.32 -26.66
C PHE B 218 18.91 -1.94 -26.46
N ILE B 219 19.55 -2.61 -25.52
CA ILE B 219 20.95 -2.40 -25.20
C ILE B 219 21.63 -3.75 -25.23
N ASN B 220 22.82 -3.81 -25.84
CA ASN B 220 23.51 -5.08 -26.02
C ASN B 220 24.83 -5.09 -25.27
N PRO B 221 25.02 -5.97 -24.27
CA PRO B 221 26.35 -6.09 -23.65
C PRO B 221 27.44 -6.47 -24.63
N PHE B 222 27.07 -7.06 -25.77
CA PHE B 222 28.06 -7.48 -26.76
C PHE B 222 28.64 -6.29 -27.50
N ASP B 223 27.80 -5.35 -27.90
CA ASP B 223 28.22 -4.16 -28.65
C ASP B 223 28.47 -2.95 -27.77
N SER B 224 27.63 -2.74 -26.76
CA SER B 224 27.73 -1.52 -25.98
C SER B 224 28.77 -1.70 -24.88
N PRO B 225 29.76 -0.81 -24.80
CA PRO B 225 30.84 -0.97 -23.81
C PRO B 225 30.39 -0.87 -22.36
N ASN B 226 29.70 0.22 -22.00
CA ASN B 226 29.27 0.44 -20.63
C ASN B 226 27.74 0.42 -20.60
N LEU B 227 27.18 -0.66 -20.04
CA LEU B 227 25.73 -0.78 -19.97
C LEU B 227 25.12 0.22 -19.02
N VAL B 228 25.78 0.52 -17.91
CA VAL B 228 25.20 1.42 -16.91
C VAL B 228 24.96 2.79 -17.52
N SER B 229 26.00 3.36 -18.14
CA SER B 229 25.89 4.70 -18.70
C SER B 229 24.87 4.75 -19.82
N ASP B 230 24.90 3.77 -20.72
CA ASP B 230 23.97 3.78 -21.84
C ASP B 230 22.52 3.63 -21.37
N ILE B 231 22.28 2.76 -20.38
CA ILE B 231 20.93 2.62 -19.84
C ILE B 231 20.46 3.92 -19.21
N GLN B 232 21.32 4.53 -18.39
CA GLN B 232 20.93 5.79 -17.74
C GLN B 232 20.70 6.88 -18.76
N MET B 233 21.39 6.80 -19.90
CA MET B 233 21.14 7.77 -20.97
C MET B 233 19.82 7.49 -21.66
N MET B 234 19.48 6.22 -21.86
CA MET B 234 18.24 5.89 -22.55
C MET B 234 17.03 6.17 -21.70
N THR B 235 17.18 6.16 -20.37
CA THR B 235 16.07 6.33 -19.45
C THR B 235 16.03 7.67 -18.75
N GLN B 236 17.00 8.56 -18.98
CA GLN B 236 17.08 9.85 -18.31
C GLN B 236 17.23 9.68 -16.80
N GLY B 237 18.23 8.90 -16.40
CA GLY B 237 18.55 8.74 -14.99
C GLY B 237 18.51 7.31 -14.48
N GLY B 238 18.16 6.34 -15.30
CA GLY B 238 18.02 4.97 -14.85
C GLY B 238 16.58 4.51 -14.95
N PRO B 239 16.38 3.20 -15.08
CA PRO B 239 15.02 2.66 -15.09
C PRO B 239 14.41 2.69 -13.70
N HIS B 240 13.10 2.97 -13.65
CA HIS B 240 12.39 2.95 -12.38
C HIS B 240 12.38 1.56 -11.77
N GLY B 241 12.43 0.52 -12.59
CA GLY B 241 12.52 -0.83 -12.09
C GLY B 241 13.46 -1.65 -12.94
N VAL B 242 14.05 -2.67 -12.32
CA VAL B 242 14.92 -3.62 -13.00
C VAL B 242 14.51 -5.04 -12.63
N ILE B 243 14.45 -5.91 -13.62
CA ILE B 243 14.14 -7.30 -13.37
C ILE B 243 15.34 -8.11 -13.84
N ASN B 244 15.98 -8.82 -12.93
CA ASN B 244 17.20 -9.59 -13.20
C ASN B 244 16.83 -11.05 -13.46
N LEU B 245 16.71 -11.41 -14.74
CA LEU B 245 16.40 -12.79 -15.09
C LEU B 245 17.64 -13.65 -15.31
N ALA B 246 18.65 -13.10 -15.99
CA ALA B 246 19.89 -13.83 -16.17
C ALA B 246 20.56 -14.06 -14.83
N THR B 247 21.19 -15.21 -14.68
CA THR B 247 21.86 -15.55 -13.44
C THR B 247 23.30 -15.08 -13.41
N ALA B 248 23.81 -14.55 -14.53
CA ALA B 248 25.14 -13.96 -14.55
C ALA B 248 25.22 -12.83 -13.52
N VAL B 249 26.31 -12.80 -12.76
CA VAL B 249 26.42 -11.86 -11.65
C VAL B 249 26.67 -10.43 -12.15
N LYS B 250 27.39 -10.29 -13.27
CA LYS B 250 27.63 -8.97 -13.87
C LYS B 250 26.34 -8.18 -14.09
N PRO B 251 25.29 -8.72 -14.72
CA PRO B 251 24.06 -7.93 -14.87
C PRO B 251 23.38 -7.60 -13.57
N MET B 252 23.46 -8.45 -12.54
CA MET B 252 22.88 -8.09 -11.25
C MET B 252 23.57 -6.86 -10.67
N GLU B 253 24.91 -6.88 -10.64
CA GLU B 253 25.63 -5.72 -10.10
C GLU B 253 25.41 -4.49 -10.95
N ASP B 254 25.32 -4.67 -12.28
CA ASP B 254 25.04 -3.54 -13.15
C ASP B 254 23.63 -3.00 -12.88
N ALA B 255 22.66 -3.88 -12.68
CA ALA B 255 21.31 -3.48 -12.32
C ALA B 255 21.32 -2.59 -11.08
N THR B 256 22.04 -3.00 -10.04
CA THR B 256 22.13 -2.12 -8.88
C THR B 256 22.84 -0.82 -9.21
N HIS B 257 23.71 -0.82 -10.22
CA HIS B 257 24.40 0.40 -10.60
C HIS B 257 23.49 1.38 -11.33
N TYR B 258 22.77 0.92 -12.36
CA TYR B 258 22.05 1.82 -13.26
C TYR B 258 20.60 2.05 -12.88
N VAL B 259 20.08 1.40 -11.83
CA VAL B 259 18.68 1.63 -11.46
C VAL B 259 18.52 3.06 -10.97
N ARG B 260 17.43 3.70 -11.37
CA ARG B 260 17.22 5.10 -11.03
C ARG B 260 17.13 5.27 -9.50
N THR B 261 17.33 6.51 -9.07
CA THR B 261 17.08 6.87 -7.68
C THR B 261 15.64 6.55 -7.31
N LYS B 262 15.44 6.08 -6.08
CA LYS B 262 14.20 5.51 -5.58
C LYS B 262 13.78 4.25 -6.35
N GLY B 263 14.66 3.69 -7.16
CA GLY B 263 14.31 2.58 -8.01
C GLY B 263 14.23 1.26 -7.27
N THR B 264 13.72 0.26 -7.97
CA THR B 264 13.47 -1.07 -7.41
C THR B 264 14.12 -2.10 -8.29
N VAL B 265 15.06 -2.88 -7.74
CA VAL B 265 15.73 -3.96 -8.45
C VAL B 265 15.20 -5.28 -7.90
N VAL B 266 14.63 -6.11 -8.77
CA VAL B 266 13.98 -7.35 -8.37
C VAL B 266 14.77 -8.51 -8.95
N LEU B 267 15.17 -9.42 -8.06
CA LEU B 267 15.78 -10.70 -8.42
C LEU B 267 14.73 -11.77 -8.61
N VAL B 268 14.92 -12.62 -9.60
CA VAL B 268 13.92 -13.64 -9.91
C VAL B 268 14.56 -15.02 -9.97
N ALA B 269 15.79 -15.08 -10.43
CA ALA B 269 16.34 -16.38 -10.77
C ALA B 269 16.65 -17.16 -9.50
N LEU B 270 17.02 -18.42 -9.67
CA LEU B 270 17.38 -19.31 -8.57
C LEU B 270 18.81 -19.81 -8.83
N PRO B 271 19.81 -18.93 -8.72
CA PRO B 271 21.15 -19.29 -9.15
C PRO B 271 22.00 -19.92 -8.07
N LYS B 272 23.23 -20.29 -8.44
CA LYS B 272 24.15 -20.97 -7.56
C LYS B 272 25.36 -20.09 -7.26
N ASP B 273 25.70 -19.99 -5.98
CA ASP B 273 26.93 -19.35 -5.54
C ASP B 273 27.11 -18.00 -6.22
N ALA B 274 26.03 -17.22 -6.28
CA ALA B 274 26.05 -15.89 -6.86
C ALA B 274 25.54 -14.91 -5.83
N LYS B 275 26.30 -13.83 -5.61
CA LYS B 275 25.98 -12.86 -4.60
C LYS B 275 25.84 -11.47 -5.22
N VAL B 276 24.98 -10.64 -4.62
CA VAL B 276 24.76 -9.28 -5.09
C VAL B 276 25.27 -8.30 -4.04
N PRO B 277 26.46 -7.75 -4.22
CA PRO B 277 26.90 -6.61 -3.41
C PRO B 277 26.35 -5.29 -3.96
N VAL B 278 26.33 -4.30 -3.08
CA VAL B 278 25.92 -2.95 -3.46
C VAL B 278 26.56 -1.97 -2.49
N ASP B 279 26.99 -0.83 -3.01
CA ASP B 279 27.59 0.19 -2.18
C ASP B 279 26.56 0.75 -1.21
N VAL B 280 26.83 0.62 0.09
CA VAL B 280 25.90 1.11 1.09
C VAL B 280 25.64 2.60 0.89
N PHE B 281 26.70 3.35 0.57
CA PHE B 281 26.53 4.78 0.32
C PHE B 281 25.52 5.01 -0.80
N SER B 282 25.70 4.33 -1.93
CA SER B 282 24.85 4.60 -3.08
C SER B 282 23.46 3.99 -2.94
N THR B 283 23.32 2.83 -2.29
CA THR B 283 22.00 2.28 -2.07
C THR B 283 21.21 3.15 -1.08
N VAL B 284 21.88 3.73 -0.09
CA VAL B 284 21.18 4.61 0.85
C VAL B 284 20.82 5.93 0.19
N THR B 285 21.78 6.56 -0.49
CA THR B 285 21.51 7.85 -1.10
C THR B 285 20.49 7.73 -2.22
N ARG B 286 20.57 6.68 -3.03
CA ARG B 286 19.62 6.43 -4.09
C ARG B 286 18.36 5.75 -3.57
N SER B 287 18.35 5.32 -2.30
CA SER B 287 17.22 4.63 -1.68
C SER B 287 16.69 3.51 -2.56
N VAL B 288 17.60 2.73 -3.12
CA VAL B 288 17.21 1.61 -3.96
C VAL B 288 16.85 0.42 -3.07
N THR B 289 15.93 -0.40 -3.55
CA THR B 289 15.50 -1.60 -2.83
C THR B 289 15.82 -2.81 -3.70
N VAL B 290 16.67 -3.69 -3.19
CA VAL B 290 16.95 -4.96 -3.85
C VAL B 290 15.98 -5.98 -3.24
N LYS B 291 14.98 -6.36 -4.01
CA LYS B 291 13.92 -7.24 -3.54
C LYS B 291 13.97 -8.53 -4.34
N GLY B 292 13.70 -9.64 -3.67
CA GLY B 292 13.68 -10.95 -4.31
C GLY B 292 12.26 -11.43 -4.50
N SER B 293 11.99 -11.97 -5.69
CA SER B 293 10.69 -12.50 -6.06
C SER B 293 10.80 -13.99 -6.23
N TYR B 294 10.00 -14.74 -5.46
CA TYR B 294 9.94 -16.18 -5.54
C TYR B 294 8.61 -16.49 -6.25
N VAL B 295 8.10 -17.69 -6.19
CA VAL B 295 6.84 -18.06 -6.80
C VAL B 295 5.65 -17.20 -6.43
N GLY B 296 4.71 -17.05 -7.37
CA GLY B 296 3.53 -16.24 -7.15
C GLY B 296 2.45 -16.95 -6.33
N SER B 297 1.49 -16.16 -5.89
CA SER B 297 0.34 -16.70 -5.19
C SER B 297 -0.74 -17.07 -6.20
N ARG B 298 -1.79 -17.74 -5.73
CA ARG B 298 -2.86 -18.17 -6.62
C ARG B 298 -3.49 -16.98 -7.34
N GLN B 299 -3.65 -15.86 -6.64
CA GLN B 299 -4.17 -14.66 -7.28
C GLN B 299 -3.28 -14.22 -8.43
N ASP B 300 -1.95 -14.27 -8.22
CA ASP B 300 -1.01 -13.94 -9.28
C ASP B 300 -1.10 -14.96 -10.42
N THR B 301 -1.31 -16.22 -10.08
CA THR B 301 -1.43 -17.27 -11.10
C THR B 301 -2.61 -17.01 -12.01
N ASP B 302 -3.78 -16.73 -11.42
CA ASP B 302 -4.94 -16.45 -12.24
C ASP B 302 -4.79 -15.15 -13.03
N ASP B 303 -4.12 -14.15 -12.46
CA ASP B 303 -3.86 -12.94 -13.25
C ASP B 303 -3.05 -13.25 -14.50
N ALA B 304 -1.98 -14.04 -14.35
CA ALA B 304 -1.14 -14.36 -15.50
C ALA B 304 -1.90 -15.20 -16.54
N LEU B 305 -2.66 -16.19 -16.07
CA LEU B 305 -3.45 -16.98 -17.02
C LEU B 305 -4.52 -16.12 -17.69
N LYS B 306 -5.05 -15.13 -16.98
CA LYS B 306 -5.99 -14.19 -17.59
C LYS B 306 -5.32 -13.43 -18.72
N PHE B 307 -4.08 -12.99 -18.50
CA PHE B 307 -3.33 -12.36 -19.58
C PHE B 307 -3.22 -13.27 -20.79
N LEU B 308 -2.87 -14.54 -20.58
CA LEU B 308 -2.74 -15.44 -21.72
C LEU B 308 -4.06 -15.63 -22.43
N GLN B 309 -5.15 -15.85 -21.68
CA GLN B 309 -6.44 -16.10 -22.29
C GLN B 309 -6.90 -14.89 -23.12
N ARG B 310 -6.75 -13.69 -22.57
CA ARG B 310 -7.18 -12.51 -23.33
C ARG B 310 -6.24 -12.17 -24.48
N GLY B 311 -5.08 -12.82 -24.57
CA GLY B 311 -4.20 -12.62 -25.71
C GLY B 311 -3.12 -11.60 -25.52
N GLN B 312 -2.91 -11.11 -24.29
CA GLN B 312 -1.86 -10.11 -24.06
C GLN B 312 -0.48 -10.75 -24.06
N ILE B 313 -0.41 -12.03 -23.73
CA ILE B 313 0.84 -12.78 -23.61
C ILE B 313 0.80 -13.94 -24.61
N LYS B 314 1.88 -14.10 -25.36
CA LYS B 314 2.01 -15.17 -26.35
C LYS B 314 3.35 -15.85 -26.16
N ILE B 315 3.33 -17.15 -25.92
CA ILE B 315 4.57 -17.89 -25.71
C ILE B 315 4.92 -18.66 -26.96
N PRO B 316 6.18 -18.72 -27.34
CA PRO B 316 6.58 -19.59 -28.45
C PRO B 316 7.18 -20.88 -27.93
N ILE B 317 6.86 -22.00 -28.57
CA ILE B 317 7.33 -23.28 -28.05
C ILE B 317 7.54 -24.21 -29.22
N LYS B 318 8.51 -25.10 -29.08
CA LYS B 318 8.64 -26.25 -29.95
C LYS B 318 8.15 -27.47 -29.17
N VAL B 319 7.08 -28.08 -29.64
CA VAL B 319 6.54 -29.27 -29.00
C VAL B 319 7.46 -30.44 -29.32
N LEU B 320 7.92 -31.12 -28.28
CA LEU B 320 8.87 -32.21 -28.37
C LEU B 320 8.34 -33.40 -27.58
N PRO B 321 8.83 -34.59 -27.86
CA PRO B 321 8.44 -35.75 -27.05
C PRO B 321 9.20 -35.75 -25.74
N LEU B 322 8.69 -36.53 -24.77
CA LEU B 322 9.46 -36.72 -23.56
C LEU B 322 10.84 -37.27 -23.91
N GLU B 323 10.91 -38.10 -24.94
CA GLU B 323 12.19 -38.56 -25.47
C GLU B 323 12.99 -37.39 -25.99
N SER B 324 14.30 -37.59 -26.08
CA SER B 324 15.24 -36.56 -26.50
C SER B 324 15.12 -35.29 -25.65
N LEU B 325 14.55 -35.40 -24.46
CA LEU B 325 14.56 -34.29 -23.53
C LEU B 325 15.83 -34.31 -22.72
N THR B 326 16.57 -35.41 -22.84
CA THR B 326 17.86 -35.54 -22.19
C THR B 326 18.91 -34.78 -22.98
N GLU B 327 18.72 -34.72 -24.29
CA GLU B 327 19.41 -33.76 -25.14
C GLU B 327 19.34 -32.38 -24.52
N VAL B 328 18.13 -31.89 -24.25
CA VAL B 328 17.98 -30.53 -23.73
C VAL B 328 18.57 -30.41 -22.32
N PHE B 329 18.53 -31.47 -21.52
CA PHE B 329 19.16 -31.42 -20.20
C PHE B 329 20.65 -31.12 -20.33
N ASP B 330 21.34 -31.93 -21.14
CA ASP B 330 22.74 -31.67 -21.47
C ASP B 330 22.95 -30.27 -22.00
N ASN B 331 22.06 -29.82 -22.88
CA ASN B 331 22.17 -28.47 -23.42
C ASN B 331 22.12 -27.43 -22.31
N MET B 332 21.32 -27.68 -21.28
CA MET B 332 21.19 -26.70 -20.21
C MET B 332 22.44 -26.64 -19.35
N ILE B 333 23.03 -27.79 -19.02
CA ILE B 333 24.33 -27.69 -18.35
C ILE B 333 25.39 -27.15 -19.30
N ASN B 334 25.21 -27.33 -20.60
CA ASN B 334 26.16 -26.86 -21.60
C ASN B 334 26.25 -25.34 -21.64
N HIS B 335 25.38 -24.64 -20.91
CA HIS B 335 25.32 -23.18 -20.97
C HIS B 335 24.98 -22.72 -22.39
N GLN B 336 23.80 -23.10 -22.85
CA GLN B 336 23.46 -22.91 -24.25
C GLN B 336 21.95 -22.74 -24.39
N VAL B 337 21.54 -22.01 -25.43
CA VAL B 337 20.15 -21.68 -25.68
C VAL B 337 19.57 -22.68 -26.69
N THR B 338 18.37 -23.18 -26.41
CA THR B 338 17.65 -24.06 -27.34
C THR B 338 16.20 -23.66 -27.58
N GLY B 339 15.61 -22.80 -26.77
CA GLY B 339 14.25 -22.37 -26.96
C GLY B 339 13.30 -23.03 -25.96
N ARG B 340 12.14 -22.39 -25.80
CA ARG B 340 11.11 -22.93 -24.91
C ARG B 340 10.61 -24.26 -25.44
N VAL B 341 10.42 -25.22 -24.52
CA VAL B 341 10.13 -26.60 -24.89
C VAL B 341 8.91 -27.09 -24.12
N VAL B 342 7.96 -27.70 -24.83
CA VAL B 342 6.79 -28.32 -24.23
C VAL B 342 6.69 -29.74 -24.75
N LEU B 343 6.37 -30.67 -23.87
CA LEU B 343 6.37 -32.10 -24.14
C LEU B 343 4.95 -32.65 -24.16
N ASP B 344 4.62 -33.38 -25.22
CA ASP B 344 3.37 -34.12 -25.29
C ASP B 344 3.57 -35.49 -24.66
N LEU B 345 2.77 -35.81 -23.64
CA LEU B 345 2.92 -37.08 -22.93
C LEU B 345 2.78 -38.27 -23.88
N TRP B 346 1.91 -38.13 -24.89
CA TRP B 346 1.64 -39.25 -25.79
C TRP B 346 2.90 -39.71 -26.49
N LYS B 347 3.79 -38.78 -26.80
CA LYS B 347 5.02 -39.09 -27.51
C LYS B 347 6.20 -39.08 -26.54
N PRO C 1 15.61 42.01 17.93
CA PRO C 1 16.93 42.35 18.46
C PRO C 1 18.05 41.74 17.62
N ILE C 2 18.11 42.10 16.33
CA ILE C 2 19.00 41.45 15.37
C ILE C 2 20.21 42.35 15.17
N PRO C 3 21.38 41.99 15.70
CA PRO C 3 22.62 42.68 15.30
C PRO C 3 22.96 42.39 13.85
N SER C 4 24.05 42.97 13.37
CA SER C 4 24.52 42.71 12.01
C SER C 4 25.68 41.72 11.97
N THR C 5 26.23 41.32 13.12
CA THR C 5 27.30 40.35 13.20
C THR C 5 26.98 39.31 14.27
N GLN C 6 27.42 38.08 14.02
CA GLN C 6 27.12 36.92 14.85
C GLN C 6 28.38 36.08 15.02
N LYS C 7 28.26 35.06 15.86
CA LYS C 7 29.30 34.05 16.05
C LYS C 7 28.98 32.83 15.21
N ALA C 8 29.99 32.29 14.53
CA ALA C 8 29.81 31.08 13.75
C ALA C 8 31.12 30.30 13.76
N ALA C 9 31.05 29.07 13.27
CA ALA C 9 32.23 28.22 13.13
C ALA C 9 32.36 27.92 11.64
N VAL C 10 33.39 28.50 11.02
CA VAL C 10 33.53 28.45 9.57
C VAL C 10 34.90 27.89 9.21
N PHE C 11 34.95 27.13 8.13
CA PHE C 11 36.22 26.67 7.57
C PHE C 11 36.24 27.03 6.10
N HIS C 12 37.27 27.74 5.65
CA HIS C 12 37.33 28.18 4.27
C HIS C 12 37.87 27.11 3.35
N LYS C 13 38.45 26.05 3.91
CA LYS C 13 39.05 24.98 3.13
C LYS C 13 38.70 23.65 3.77
N PHE C 14 38.62 22.62 2.93
CA PHE C 14 38.40 21.28 3.46
C PHE C 14 39.67 20.86 4.17
N GLY C 15 39.55 20.53 5.46
CA GLY C 15 40.69 20.22 6.26
C GLY C 15 41.22 21.42 6.99
N GLN C 16 40.76 22.61 6.64
CA GLN C 16 41.13 23.84 7.36
C GLN C 16 40.67 23.72 8.80
N ARG C 17 41.33 24.50 9.66
CA ARG C 17 40.91 24.54 11.05
C ARG C 17 39.66 25.39 11.17
N TYR C 18 38.61 24.80 11.72
CA TYR C 18 37.38 25.54 11.93
C TYR C 18 37.64 26.71 12.87
N GLN C 19 36.99 27.84 12.60
CA GLN C 19 37.23 29.05 13.36
C GLN C 19 35.93 29.59 13.94
N PHE C 20 35.97 29.90 15.24
CA PHE C 20 34.90 30.61 15.93
C PHE C 20 35.06 32.09 15.62
N GLU C 21 34.49 32.49 14.49
CA GLU C 21 34.62 33.84 13.96
C GLU C 21 33.34 34.63 14.17
N LYS C 22 33.48 35.95 14.11
CA LYS C 22 32.33 36.82 13.93
C LYS C 22 32.15 37.04 12.44
N ILE C 23 30.92 36.81 11.96
CA ILE C 23 30.59 36.94 10.55
C ILE C 23 29.24 37.65 10.44
N SER C 24 28.98 38.24 9.27
CA SER C 24 27.73 38.95 9.06
C SER C 24 26.54 38.00 9.18
N VAL C 25 25.45 38.51 9.73
CA VAL C 25 24.20 37.72 9.83
C VAL C 25 23.62 37.60 8.43
N PRO C 26 23.18 36.40 8.00
CA PRO C 26 22.71 36.26 6.62
C PRO C 26 21.47 37.07 6.34
N GLU C 27 21.37 37.54 5.10
CA GLU C 27 20.19 38.27 4.64
C GLU C 27 19.15 37.26 4.15
N ILE C 28 17.93 37.43 4.61
CA ILE C 28 16.87 36.45 4.39
C ILE C 28 16.32 36.60 2.98
N GLY C 29 16.26 35.50 2.25
CA GLY C 29 15.54 35.52 1.00
C GLY C 29 14.05 35.64 1.24
N ASP C 30 13.33 35.96 0.16
CA ASP C 30 11.90 36.18 0.27
C ASP C 30 11.17 34.88 0.61
N ASP C 31 11.62 33.76 0.07
CA ASP C 31 11.03 32.49 0.45
C ASP C 31 11.74 31.83 1.62
N ASP C 32 12.80 32.44 2.14
CA ASP C 32 13.55 31.90 3.26
C ASP C 32 12.97 32.37 4.59
N ILE C 33 13.57 31.87 5.66
CA ILE C 33 13.20 32.29 7.00
C ILE C 33 14.47 32.32 7.83
N LEU C 34 14.63 33.28 8.70
CA LEU C 34 15.77 33.47 9.58
C LEU C 34 15.40 33.03 10.99
N VAL C 35 16.18 32.09 11.50
CA VAL C 35 15.97 31.47 12.79
C VAL C 35 17.19 31.76 13.63
N LYS C 36 16.97 32.39 14.78
CA LYS C 36 18.00 32.37 15.80
C LYS C 36 18.14 30.89 16.14
N VAL C 37 19.27 30.28 15.78
CA VAL C 37 19.50 28.90 16.17
C VAL C 37 20.03 28.99 17.60
N ILE C 38 19.32 28.39 18.53
CA ILE C 38 19.72 28.42 19.93
C ILE C 38 20.46 27.14 20.29
N TYR C 39 20.12 26.04 19.62
CA TYR C 39 20.83 24.81 19.89
C TYR C 39 21.08 24.07 18.58
N SER C 40 22.25 23.46 18.47
CA SER C 40 22.59 22.75 17.24
C SER C 40 23.22 21.41 17.55
N GLY C 41 22.84 20.39 16.80
CA GLY C 41 23.37 19.06 17.02
C GLY C 41 24.54 18.80 16.09
N VAL C 42 25.36 17.84 16.49
CA VAL C 42 26.56 17.49 15.74
C VAL C 42 26.53 15.99 15.53
N CYS C 43 26.35 15.56 14.30
CA CYS C 43 26.48 14.16 13.91
C CYS C 43 27.68 14.04 12.98
N HIS C 44 28.10 12.83 12.72
CA HIS C 44 29.29 12.66 11.93
C HIS C 44 29.16 13.14 10.49
N THR C 45 27.95 13.40 10.02
CA THR C 45 27.79 13.91 8.67
C THR C 45 28.49 15.26 8.49
N ASP C 46 28.46 16.11 9.53
CA ASP C 46 29.17 17.39 9.45
C ASP C 46 30.67 17.20 9.29
N ILE C 47 31.22 16.16 9.92
CA ILE C 47 32.65 15.89 9.78
C ILE C 47 32.97 15.43 8.36
N HIS C 48 32.07 14.67 7.75
CA HIS C 48 32.29 14.27 6.37
C HIS C 48 32.14 15.45 5.43
N VAL C 49 31.30 16.42 5.80
CA VAL C 49 31.24 17.68 5.06
C VAL C 49 32.57 18.39 5.14
N TRP C 50 33.17 18.40 6.32
CA TRP C 50 34.47 19.06 6.50
C TRP C 50 35.57 18.37 5.71
N LEU C 51 35.63 17.03 5.75
CA LEU C 51 36.70 16.30 5.09
C LEU C 51 36.61 16.38 3.57
N GLY C 52 35.41 16.54 3.01
CA GLY C 52 35.28 16.44 1.58
C GLY C 52 35.42 15.02 1.07
N ASP C 53 35.26 14.04 1.96
CA ASP C 53 35.43 12.63 1.59
C ASP C 53 34.24 12.17 0.74
N PHE C 54 33.08 12.75 0.98
CA PHE C 54 31.87 12.35 0.27
C PHE C 54 32.00 12.62 -1.22
N PRO C 55 31.45 11.75 -2.07
CA PRO C 55 31.52 12.00 -3.52
C PRO C 55 30.94 13.35 -3.90
N MET C 56 29.89 13.79 -3.22
CA MET C 56 29.35 15.12 -3.43
C MET C 56 30.36 16.16 -2.97
N GLU C 57 30.02 17.43 -3.15
CA GLU C 57 30.92 18.53 -2.84
C GLU C 57 30.21 19.54 -1.96
N ALA C 58 30.78 19.80 -0.78
CA ALA C 58 30.40 20.97 0.00
C ALA C 58 31.02 21.96 -1.00
N LYS C 59 30.15 22.71 -1.65
CA LYS C 59 30.62 23.59 -2.72
C LYS C 59 30.74 24.92 -2.00
N GLU C 60 29.80 25.23 -1.11
CA GLU C 60 30.08 26.37 -0.24
C GLU C 60 31.32 25.84 0.46
N LEU C 61 32.45 26.50 0.24
CA LEU C 61 33.67 26.04 0.89
C LEU C 61 33.66 27.08 1.99
N PRO C 62 33.42 28.37 1.71
CA PRO C 62 33.36 29.26 2.87
C PRO C 62 32.06 28.71 3.38
N ILE C 63 32.05 28.10 4.57
CA ILE C 63 30.88 27.33 4.99
C ILE C 63 30.80 27.25 6.50
N VAL C 64 29.61 27.52 7.02
CA VAL C 64 29.25 27.18 8.38
C VAL C 64 28.45 25.89 8.31
N GLY C 65 28.88 24.87 9.04
CA GLY C 65 28.28 23.55 8.95
C GLY C 65 27.06 23.41 9.82
N GLY C 66 26.44 22.24 9.73
CA GLY C 66 25.28 21.96 10.57
C GLY C 66 24.02 21.64 9.79
N HIS C 67 23.36 20.54 10.18
CA HIS C 67 22.14 20.08 9.55
C HIS C 67 20.99 19.95 10.54
N GLU C 68 21.26 20.00 11.83
CA GLU C 68 20.25 19.88 12.88
C GLU C 68 20.28 21.12 13.76
N GLY C 69 19.30 22.00 13.63
CA GLY C 69 19.28 23.18 14.48
C GLY C 69 17.90 23.51 15.01
N ALA C 70 17.79 23.85 16.29
CA ALA C 70 16.53 24.22 16.91
C ALA C 70 16.63 25.67 17.37
N GLY C 71 15.65 26.49 16.98
CA GLY C 71 15.69 27.87 17.38
C GLY C 71 14.36 28.56 17.23
N VAL C 72 14.40 29.89 17.34
CA VAL C 72 13.22 30.73 17.26
C VAL C 72 13.29 31.55 15.98
N VAL C 73 12.16 31.65 15.28
CA VAL C 73 12.12 32.47 14.08
C VAL C 73 12.22 33.93 14.49
N VAL C 74 13.24 34.61 13.97
CA VAL C 74 13.39 36.03 14.21
C VAL C 74 13.03 36.87 12.98
N LYS C 75 12.97 36.26 11.79
CA LYS C 75 12.54 37.02 10.63
C LYS C 75 12.12 36.08 9.50
N VAL C 76 11.16 36.53 8.69
CA VAL C 76 10.74 35.80 7.51
C VAL C 76 10.91 36.67 6.27
N GLY C 77 10.75 36.05 5.11
CA GLY C 77 10.84 36.72 3.83
C GLY C 77 9.49 37.23 3.37
N GLN C 78 9.47 37.78 2.15
CA GLN C 78 8.23 38.33 1.61
C GLN C 78 7.20 37.24 1.34
N ASN C 79 7.63 36.08 0.83
CA ASN C 79 6.70 35.02 0.48
C ASN C 79 6.40 33.99 1.55
N VAL C 80 6.73 34.27 2.80
CA VAL C 80 6.39 33.37 3.89
C VAL C 80 5.00 33.64 4.45
N LYS C 81 4.07 32.76 4.09
CA LYS C 81 2.66 33.03 4.29
C LYS C 81 2.16 32.50 5.63
N ASP C 82 2.70 31.38 6.10
CA ASP C 82 2.12 30.70 7.24
C ASP C 82 3.01 30.70 8.49
N PHE C 83 4.26 31.15 8.38
CA PHE C 83 5.17 31.20 9.52
C PHE C 83 5.08 32.53 10.25
N LYS C 84 5.33 32.47 11.56
CA LYS C 84 5.28 33.61 12.45
C LYS C 84 6.56 33.74 13.28
N ILE C 85 6.95 34.97 13.57
CA ILE C 85 8.10 35.21 14.42
C ILE C 85 7.75 34.87 15.86
N GLY C 86 8.66 34.21 16.54
CA GLY C 86 8.44 33.66 17.85
C GLY C 86 8.11 32.19 17.81
N ASP C 87 7.66 31.70 16.66
CA ASP C 87 7.46 30.28 16.47
C ASP C 87 8.81 29.58 16.52
N ARG C 88 8.77 28.29 16.87
CA ARG C 88 9.97 27.48 16.91
C ARG C 88 10.17 26.82 15.55
N ALA C 89 11.44 26.75 15.13
CA ALA C 89 11.75 26.22 13.82
C ALA C 89 12.99 25.35 13.91
N GLY C 90 13.09 24.45 12.94
CA GLY C 90 14.19 23.50 12.90
C GLY C 90 14.88 23.50 11.55
N ILE C 91 16.20 23.47 11.59
CA ILE C 91 17.03 23.36 10.40
C ILE C 91 17.33 21.88 10.22
N LYS C 92 16.78 21.31 9.16
CA LYS C 92 16.94 19.92 8.79
C LYS C 92 18.01 19.81 7.71
N TRP C 93 18.50 18.58 7.50
CA TRP C 93 19.52 18.35 6.47
C TRP C 93 19.07 18.89 5.12
N VAL C 94 17.81 18.68 4.75
CA VAL C 94 17.29 19.23 3.50
C VAL C 94 16.88 20.67 3.77
N ASN C 95 17.67 21.61 3.26
CA ASN C 95 17.36 23.02 3.45
C ASN C 95 16.23 23.47 2.53
N SER C 96 16.28 23.09 1.26
CA SER C 96 15.28 23.53 0.30
C SER C 96 15.25 22.54 -0.87
N SER C 97 14.25 22.71 -1.72
CA SER C 97 14.09 21.85 -2.88
C SER C 97 13.40 22.66 -3.97
N CYS C 98 13.49 22.14 -5.19
CA CYS C 98 12.90 22.84 -6.34
C CYS C 98 11.38 22.84 -6.27
N THR C 99 10.77 21.78 -5.72
CA THR C 99 9.33 21.60 -5.54
C THR C 99 8.64 21.27 -6.86
N THR C 100 9.37 21.04 -7.95
CA THR C 100 8.74 20.65 -9.20
C THR C 100 9.53 19.53 -9.88
N CYS C 101 10.25 18.72 -9.12
CA CYS C 101 10.96 17.57 -9.67
C CYS C 101 10.10 16.32 -9.58
N GLU C 102 10.48 15.31 -10.36
CA GLU C 102 9.84 14.01 -10.24
C GLU C 102 9.95 13.47 -8.83
N HIS C 103 11.14 13.57 -8.24
CA HIS C 103 11.34 13.10 -6.88
C HIS C 103 10.65 14.03 -5.89
N CYS C 104 10.46 15.30 -6.27
CA CYS C 104 9.79 16.25 -5.40
C CYS C 104 8.27 16.02 -5.42
N LYS C 105 7.72 15.61 -6.57
CA LYS C 105 6.31 15.27 -6.63
C LYS C 105 6.04 13.93 -5.97
N LYS C 106 7.02 13.01 -5.99
CA LYS C 106 6.87 11.74 -5.31
C LYS C 106 6.85 11.87 -3.80
N GLY C 107 7.25 13.02 -3.25
CA GLY C 107 7.30 13.20 -1.82
C GLY C 107 8.69 13.12 -1.22
N ASN C 108 9.72 12.90 -2.03
CA ASN C 108 11.08 12.73 -1.56
C ASN C 108 11.92 13.91 -2.05
N GLU C 109 11.95 14.96 -1.25
CA GLU C 109 12.66 16.19 -1.59
C GLU C 109 14.18 16.01 -1.61
N PRO C 110 14.78 15.22 -0.70
CA PRO C 110 16.25 15.11 -0.69
C PRO C 110 16.87 14.51 -1.94
N ASN C 111 16.08 13.84 -2.79
CA ASN C 111 16.63 13.27 -4.01
C ASN C 111 16.44 14.20 -5.20
N CYS C 112 16.11 15.45 -4.94
CA CYS C 112 16.03 16.47 -5.97
C CYS C 112 17.43 16.78 -6.52
N GLY C 113 17.47 17.20 -7.79
CA GLY C 113 18.73 17.63 -8.36
C GLY C 113 19.18 18.99 -7.84
N ASP C 114 18.23 19.92 -7.69
CA ASP C 114 18.49 21.26 -7.17
C ASP C 114 18.21 21.34 -5.67
N VAL C 115 18.66 20.36 -4.90
CA VAL C 115 18.47 20.38 -3.46
C VAL C 115 19.62 21.15 -2.81
N VAL C 116 19.29 21.99 -1.86
CA VAL C 116 20.27 22.71 -1.05
C VAL C 116 20.30 22.07 0.32
N LEU C 117 21.50 21.76 0.81
CA LEU C 117 21.66 20.98 2.03
C LEU C 117 22.27 21.86 3.12
N SER C 118 21.60 21.90 4.27
CA SER C 118 22.10 22.69 5.38
C SER C 118 23.41 22.14 5.88
N GLY C 119 24.39 23.02 6.08
CA GLY C 119 25.71 22.59 6.48
C GLY C 119 26.55 22.04 5.35
N PHE C 120 26.07 22.12 4.11
CA PHE C 120 26.77 21.55 2.97
C PHE C 120 26.78 22.53 1.81
N HIS C 121 25.60 22.91 1.34
CA HIS C 121 25.42 23.88 0.27
C HIS C 121 25.03 25.25 0.79
N ARG C 122 24.20 25.29 1.82
CA ARG C 122 23.81 26.53 2.49
C ARG C 122 24.34 26.49 3.92
N ASP C 123 24.63 27.66 4.46
CA ASP C 123 25.17 27.75 5.81
C ASP C 123 24.19 27.16 6.81
N GLY C 124 24.72 26.33 7.71
CA GLY C 124 23.93 25.50 8.59
C GLY C 124 23.70 26.09 9.96
N SER C 125 23.60 25.22 10.95
CA SER C 125 23.18 25.58 12.29
C SER C 125 24.33 25.91 13.24
N PHE C 126 25.57 25.85 12.77
CA PHE C 126 26.69 26.19 13.63
C PHE C 126 26.86 27.69 13.87
N GLN C 127 26.01 28.51 13.24
CA GLN C 127 25.95 29.94 13.46
C GLN C 127 24.72 30.37 14.26
N GLN C 128 24.79 31.57 14.83
CA GLN C 128 23.72 32.03 15.72
C GLN C 128 22.41 32.30 14.98
N TYR C 129 22.48 32.77 13.74
CA TYR C 129 21.30 33.07 12.95
C TYR C 129 21.46 32.40 11.60
N ALA C 130 20.49 31.56 11.23
CA ALA C 130 20.63 30.77 10.02
C ALA C 130 19.34 30.87 9.19
N VAL C 131 19.50 30.67 7.89
CA VAL C 131 18.43 30.84 6.91
C VAL C 131 18.04 29.47 6.37
N VAL C 132 16.73 29.22 6.29
CA VAL C 132 16.20 27.96 5.78
C VAL C 132 14.91 28.23 5.02
N ASN C 133 14.65 27.43 3.99
CA ASN C 133 13.43 27.58 3.20
C ASN C 133 12.20 27.36 4.08
N GLY C 134 11.21 28.25 3.94
CA GLY C 134 10.02 28.17 4.77
C GLY C 134 9.20 26.91 4.54
N ASN C 135 9.27 26.34 3.33
CA ASN C 135 8.45 25.17 3.02
C ASN C 135 9.05 23.90 3.61
N GLU C 136 10.38 23.82 3.66
CA GLU C 136 11.08 22.63 4.15
C GLU C 136 11.50 22.75 5.60
N ALA C 137 11.12 23.83 6.28
CA ALA C 137 11.53 23.97 7.66
C ALA C 137 10.62 23.15 8.56
N VAL C 138 11.15 22.79 9.71
CA VAL C 138 10.43 21.97 10.67
C VAL C 138 9.66 22.86 11.63
N LYS C 139 8.43 22.47 11.93
CA LYS C 139 7.59 23.20 12.87
C LYS C 139 7.73 22.54 14.23
N ILE C 140 8.50 23.17 15.10
CA ILE C 140 8.68 22.72 16.47
C ILE C 140 7.65 23.43 17.35
N VAL C 141 7.00 22.68 18.24
CA VAL C 141 5.94 23.25 19.07
C VAL C 141 6.54 24.16 20.14
N ASP C 142 5.90 25.29 20.36
CA ASP C 142 6.30 26.14 21.47
C ASP C 142 6.02 25.41 22.78
N GLY C 143 6.92 25.56 23.74
CA GLY C 143 6.79 24.83 24.99
C GLY C 143 7.53 23.52 25.05
N ILE C 144 8.47 23.28 24.13
CA ILE C 144 9.33 22.10 24.17
C ILE C 144 10.77 22.57 24.16
N ASP C 145 11.64 21.78 24.78
CA ASP C 145 13.03 22.20 24.97
C ASP C 145 13.79 22.11 23.66
N LEU C 146 14.44 23.22 23.26
CA LEU C 146 15.13 23.21 21.97
C LEU C 146 16.36 22.33 22.00
N VAL C 147 17.01 22.25 23.16
CA VAL C 147 18.23 21.44 23.30
C VAL C 147 17.93 19.97 23.01
N GLU C 148 16.76 19.49 23.45
CA GLU C 148 16.37 18.09 23.25
C GLU C 148 15.76 17.86 21.87
N VAL C 149 15.15 18.88 21.27
CA VAL C 149 14.57 18.69 19.95
C VAL C 149 15.66 18.66 18.88
N SER C 150 16.75 19.39 19.08
CA SER C 150 17.80 19.45 18.06
C SER C 150 18.30 18.07 17.60
N PRO C 151 18.58 17.10 18.48
CA PRO C 151 19.03 15.79 17.97
C PRO C 151 17.96 15.04 17.19
N ILE C 152 16.68 15.28 17.47
CA ILE C 152 15.61 14.62 16.72
C ILE C 152 15.63 15.02 15.26
N LEU C 153 16.12 16.22 14.97
CA LEU C 153 16.07 16.75 13.61
C LEU C 153 16.85 15.90 12.63
N CYS C 154 17.87 15.19 13.10
CA CYS C 154 18.66 14.31 12.25
C CYS C 154 18.55 12.85 12.67
N ALA C 155 18.70 12.55 13.97
CA ALA C 155 18.70 11.16 14.40
C ALA C 155 17.28 10.62 14.50
N GLY C 156 16.39 11.36 15.18
CA GLY C 156 15.02 10.89 15.34
C GLY C 156 14.30 10.69 14.03
N VAL C 157 14.38 11.69 13.15
CA VAL C 157 13.68 11.62 11.87
C VAL C 157 14.25 10.48 11.03
N THR C 158 15.56 10.31 11.04
CA THR C 158 16.18 9.29 10.21
C THR C 158 15.81 7.89 10.68
N VAL C 159 15.86 7.63 11.99
CA VAL C 159 15.51 6.30 12.48
C VAL C 159 14.02 6.05 12.31
N TYR C 160 13.19 7.07 12.51
CA TYR C 160 11.76 6.92 12.26
C TYR C 160 11.49 6.59 10.80
N LYS C 161 12.19 7.26 9.89
CA LYS C 161 12.01 6.98 8.47
C LYS C 161 12.46 5.58 8.10
N ALA C 162 13.56 5.10 8.70
CA ALA C 162 13.99 3.73 8.42
C ALA C 162 12.94 2.72 8.90
N LEU C 163 12.46 2.92 10.13
CA LEU C 163 11.44 2.04 10.66
C LEU C 163 10.16 2.11 9.82
N LYS C 164 9.90 3.27 9.22
CA LYS C 164 8.77 3.39 8.30
C LYS C 164 9.01 2.58 7.03
N ASP C 165 10.21 2.68 6.46
CA ASP C 165 10.54 1.91 5.26
C ASP C 165 10.49 0.42 5.50
N CYS C 166 10.58 -0.03 6.75
CA CYS C 166 10.37 -1.45 7.00
C CYS C 166 8.92 -1.89 6.78
N ASN C 167 7.95 -0.98 6.87
CA ASN C 167 6.53 -1.28 6.67
C ASN C 167 6.07 -2.45 7.53
N ILE C 168 6.42 -2.40 8.81
CA ILE C 168 6.18 -3.47 9.76
C ILE C 168 4.89 -3.23 10.54
N GLN C 169 4.19 -4.31 10.89
CA GLN C 169 2.96 -4.23 11.68
C GLN C 169 3.24 -4.40 13.18
N ALA C 170 2.27 -3.94 13.97
CA ALA C 170 2.35 -4.04 15.42
C ALA C 170 2.45 -5.48 15.88
N GLY C 171 3.46 -5.76 16.69
CA GLY C 171 3.72 -7.08 17.21
C GLY C 171 4.85 -7.81 16.53
N ASP C 172 5.23 -7.39 15.33
CA ASP C 172 6.35 -8.03 14.66
C ASP C 172 7.65 -7.70 15.36
N THR C 173 8.68 -8.49 15.08
CA THR C 173 9.98 -8.29 15.68
C THR C 173 10.87 -7.46 14.75
N VAL C 174 11.48 -6.43 15.31
CA VAL C 174 12.47 -5.62 14.63
C VAL C 174 13.78 -5.77 15.38
N ALA C 175 14.86 -5.96 14.63
CA ALA C 175 16.20 -6.09 15.17
C ALA C 175 16.95 -4.83 14.86
N ILE C 176 17.66 -4.30 15.85
CA ILE C 176 18.39 -3.04 15.74
C ILE C 176 19.87 -3.36 15.89
N THR C 177 20.64 -3.19 14.81
CA THR C 177 22.08 -3.40 14.89
C THR C 177 22.76 -2.10 15.29
N GLY C 178 23.70 -2.21 16.23
CA GLY C 178 24.31 -1.01 16.78
C GLY C 178 23.36 -0.26 17.68
N ALA C 179 22.56 -0.99 18.46
CA ALA C 179 21.47 -0.40 19.23
C ALA C 179 21.93 0.44 20.41
N GLY C 180 23.21 0.34 20.80
CA GLY C 180 23.72 1.13 21.91
C GLY C 180 24.16 2.53 21.55
N GLY C 181 24.34 2.84 20.27
CA GLY C 181 24.69 4.17 19.85
C GLY C 181 23.53 5.13 20.04
N GLY C 182 23.78 6.39 19.66
CA GLY C 182 22.72 7.39 19.73
C GLY C 182 21.60 7.10 18.76
N LEU C 183 21.96 6.84 17.49
CA LEU C 183 20.98 6.37 16.53
C LEU C 183 20.29 5.12 17.04
N GLY C 184 21.05 4.22 17.66
CA GLY C 184 20.48 2.96 18.13
C GLY C 184 19.46 3.17 19.24
N SER C 185 19.79 4.01 20.21
CA SER C 185 18.83 4.30 21.26
C SER C 185 17.58 4.97 20.71
N LEU C 186 17.75 5.88 19.74
CA LEU C 186 16.59 6.55 19.18
C LEU C 186 15.69 5.58 18.43
N CYS C 187 16.27 4.69 17.63
CA CYS C 187 15.41 3.74 16.92
C CYS C 187 14.76 2.75 17.88
N ILE C 188 15.46 2.34 18.95
CA ILE C 188 14.81 1.45 19.90
C ILE C 188 13.57 2.12 20.47
N GLN C 189 13.70 3.39 20.88
CA GLN C 189 12.55 4.08 21.44
C GLN C 189 11.44 4.26 20.42
N TYR C 190 11.79 4.62 19.19
CA TYR C 190 10.77 4.79 18.15
C TYR C 190 10.06 3.48 17.83
N ALA C 191 10.82 2.38 17.75
CA ALA C 191 10.24 1.08 17.46
C ALA C 191 9.31 0.64 18.58
N LYS C 192 9.64 0.95 19.81
CA LYS C 192 8.71 0.63 20.86
C LYS C 192 7.49 1.52 20.74
N ALA C 193 7.70 2.78 20.36
CA ALA C 193 6.57 3.69 20.22
C ALA C 193 5.59 3.26 19.14
N MET C 194 6.05 2.49 18.15
CA MET C 194 5.14 1.98 17.13
C MET C 194 4.62 0.57 17.42
N GLY C 195 4.78 0.09 18.65
CA GLY C 195 4.22 -1.20 19.02
C GLY C 195 4.93 -2.42 18.49
N LEU C 196 6.23 -2.33 18.27
CA LEU C 196 7.00 -3.45 17.78
C LEU C 196 7.69 -4.16 18.93
N ARG C 197 8.23 -5.35 18.64
CA ARG C 197 9.05 -6.10 19.58
C ARG C 197 10.51 -5.91 19.17
N VAL C 198 11.27 -5.20 20.01
CA VAL C 198 12.61 -4.76 19.66
C VAL C 198 13.62 -5.79 20.13
N LEU C 199 14.55 -6.17 19.25
CA LEU C 199 15.72 -6.95 19.61
C LEU C 199 16.95 -6.10 19.31
N ALA C 200 17.94 -6.14 20.20
CA ALA C 200 19.08 -5.24 20.11
C ALA C 200 20.38 -6.02 20.05
N VAL C 201 21.25 -5.63 19.12
CA VAL C 201 22.56 -6.26 18.92
C VAL C 201 23.60 -5.17 19.08
N ASP C 202 24.45 -5.27 20.10
CA ASP C 202 25.54 -4.30 20.24
C ASP C 202 26.54 -4.85 21.24
N ALA C 203 27.63 -4.09 21.42
CA ALA C 203 28.77 -4.51 22.20
C ALA C 203 28.62 -4.14 23.67
N GLY C 204 28.85 -5.10 24.55
CA GLY C 204 28.88 -4.82 25.97
C GLY C 204 27.59 -5.25 26.65
N GLU C 205 27.71 -5.51 27.95
CA GLU C 205 26.55 -5.73 28.79
C GLU C 205 26.09 -4.45 29.46
N LYS C 206 26.92 -3.41 29.44
CA LYS C 206 26.56 -2.06 29.83
C LYS C 206 25.34 -1.63 29.00
N GLN C 207 25.09 -2.33 27.90
CA GLN C 207 23.86 -2.17 27.15
C GLN C 207 22.87 -2.97 28.00
N MET C 208 22.56 -2.49 29.20
CA MET C 208 21.25 -2.79 29.78
C MET C 208 20.47 -1.54 29.35
N HIS C 209 21.19 -0.53 28.89
CA HIS C 209 20.58 0.67 28.34
C HIS C 209 19.48 0.30 27.35
N CYS C 210 19.77 -0.64 26.46
CA CYS C 210 18.79 -1.06 25.46
C CYS C 210 17.56 -1.67 26.13
N ARG C 211 17.77 -2.54 27.11
CA ARG C 211 16.66 -3.12 27.83
C ARG C 211 15.81 -2.07 28.51
N HIS C 212 16.44 -0.95 28.86
CA HIS C 212 15.70 0.14 29.48
C HIS C 212 14.89 0.89 28.45
N LEU C 213 15.38 0.96 27.22
CA LEU C 213 14.71 1.70 26.17
C LEU C 213 13.47 0.99 25.67
N GLY C 214 13.24 -0.24 26.11
CA GLY C 214 12.11 -1.05 25.70
C GLY C 214 12.47 -2.25 24.87
N ALA C 215 13.75 -2.51 24.60
CA ALA C 215 14.13 -3.68 23.81
C ALA C 215 13.73 -4.98 24.53
N ASP C 216 13.04 -5.89 23.80
CA ASP C 216 12.55 -7.14 24.39
C ASP C 216 13.67 -8.18 24.54
N MET C 217 14.54 -8.32 23.58
CA MET C 217 15.68 -9.21 23.81
C MET C 217 16.87 -8.40 23.30
N PHE C 218 18.06 -8.81 23.80
CA PHE C 218 19.37 -8.29 23.42
C PHE C 218 20.38 -9.41 23.22
N ILE C 219 21.25 -9.25 22.24
CA ILE C 219 22.30 -10.19 21.94
C ILE C 219 23.64 -9.45 21.85
N ASN C 220 24.70 -10.05 22.40
CA ASN C 220 26.01 -9.39 22.45
C ASN C 220 27.00 -10.10 21.55
N PRO C 221 27.59 -9.40 20.56
CA PRO C 221 28.65 -10.04 19.76
C PRO C 221 29.77 -10.61 20.61
N PHE C 222 30.07 -9.97 21.75
CA PHE C 222 31.12 -10.46 22.63
C PHE C 222 30.83 -11.88 23.10
N ASP C 223 29.66 -12.08 23.70
CA ASP C 223 29.37 -13.36 24.34
C ASP C 223 28.98 -14.43 23.33
N SER C 224 28.15 -14.07 22.36
CA SER C 224 27.63 -15.08 21.44
C SER C 224 28.60 -15.25 20.27
N PRO C 225 29.04 -16.48 19.99
CA PRO C 225 29.92 -16.71 18.84
C PRO C 225 29.19 -16.43 17.53
N ASN C 226 28.01 -17.00 17.37
CA ASN C 226 27.20 -16.84 16.17
C ASN C 226 25.93 -16.08 16.54
N LEU C 227 25.86 -14.82 16.11
CA LEU C 227 24.67 -14.00 16.39
C LEU C 227 23.46 -14.49 15.60
N VAL C 228 23.67 -14.98 14.38
CA VAL C 228 22.54 -15.32 13.50
C VAL C 228 21.67 -16.40 14.12
N SER C 229 22.28 -17.50 14.56
CA SER C 229 21.50 -18.62 15.10
C SER C 229 20.76 -18.21 16.36
N ASP C 230 21.45 -17.53 17.29
CA ASP C 230 20.81 -17.14 18.53
C ASP C 230 19.67 -16.16 18.26
N ILE C 231 19.86 -15.22 17.33
CA ILE C 231 18.80 -14.28 16.99
C ILE C 231 17.59 -15.02 16.44
N GLN C 232 17.82 -15.98 15.53
CA GLN C 232 16.70 -16.73 14.99
C GLN C 232 16.00 -17.54 16.07
N MET C 233 16.75 -18.00 17.06
CA MET C 233 16.15 -18.69 18.20
C MET C 233 15.27 -17.75 19.01
N MET C 234 15.77 -16.54 19.27
CA MET C 234 15.03 -15.59 20.10
C MET C 234 13.81 -15.03 19.39
N THR C 235 13.79 -15.04 18.07
CA THR C 235 12.70 -14.48 17.30
C THR C 235 11.81 -15.53 16.65
N GLN C 236 12.13 -16.82 16.81
CA GLN C 236 11.35 -17.91 16.22
C GLN C 236 11.35 -17.80 14.69
N GLY C 237 12.54 -17.69 14.11
CA GLY C 237 12.70 -17.67 12.67
C GLY C 237 13.39 -16.45 12.09
N GLY C 238 13.78 -15.47 12.91
CA GLY C 238 14.38 -14.25 12.41
C GLY C 238 13.48 -13.06 12.67
N PRO C 239 14.07 -11.87 12.76
CA PRO C 239 13.26 -10.66 12.94
C PRO C 239 12.53 -10.30 11.65
N HIS C 240 11.29 -9.82 11.80
CA HIS C 240 10.52 -9.38 10.64
C HIS C 240 11.18 -8.19 9.95
N GLY C 241 11.88 -7.36 10.71
CA GLY C 241 12.62 -6.26 10.11
C GLY C 241 13.96 -6.09 10.79
N VAL C 242 14.90 -5.50 10.06
CA VAL C 242 16.22 -5.18 10.60
C VAL C 242 16.54 -3.74 10.24
N ILE C 243 17.03 -2.99 11.23
CA ILE C 243 17.49 -1.62 11.02
C ILE C 243 18.98 -1.61 11.30
N ASN C 244 19.77 -1.35 10.25
CA ASN C 244 21.23 -1.39 10.33
C ASN C 244 21.78 0.00 10.57
N LEU C 245 22.08 0.30 11.83
CA LEU C 245 22.68 1.58 12.20
C LEU C 245 24.18 1.51 12.17
N ALA C 246 24.74 0.40 12.65
CA ALA C 246 26.17 0.21 12.56
C ALA C 246 26.56 0.13 11.10
N THR C 247 27.68 0.73 10.76
CA THR C 247 28.18 0.68 9.40
C THR C 247 29.21 -0.42 9.21
N ALA C 248 29.58 -1.12 10.27
CA ALA C 248 30.46 -2.26 10.14
C ALA C 248 29.86 -3.25 9.16
N VAL C 249 30.71 -3.81 8.30
CA VAL C 249 30.22 -4.61 7.17
C VAL C 249 29.61 -5.93 7.65
N LYS C 250 30.33 -6.63 8.52
CA LYS C 250 29.83 -7.89 9.07
C LYS C 250 28.43 -7.79 9.64
N PRO C 251 28.06 -6.75 10.42
CA PRO C 251 26.66 -6.65 10.84
C PRO C 251 25.66 -6.51 9.70
N MET C 252 26.08 -5.90 8.61
CA MET C 252 25.16 -5.72 7.50
C MET C 252 24.90 -7.04 6.77
N GLU C 253 25.91 -7.86 6.52
CA GLU C 253 25.67 -9.18 5.95
C GLU C 253 25.03 -10.12 6.97
N ASP C 254 25.33 -9.97 8.25
CA ASP C 254 24.68 -10.78 9.26
C ASP C 254 23.18 -10.47 9.34
N ALA C 255 22.83 -9.18 9.29
CA ALA C 255 21.43 -8.77 9.24
C ALA C 255 20.73 -9.45 8.07
N THR C 256 21.38 -9.47 6.92
CA THR C 256 20.80 -10.18 5.78
C THR C 256 20.70 -11.68 6.06
N HIS C 257 21.60 -12.22 6.88
CA HIS C 257 21.57 -13.65 7.16
C HIS C 257 20.40 -14.02 8.06
N TYR C 258 20.19 -13.30 9.16
CA TYR C 258 19.22 -13.74 10.16
C TYR C 258 17.82 -13.15 9.99
N VAL C 259 17.60 -12.27 9.00
CA VAL C 259 16.28 -11.68 8.83
C VAL C 259 15.29 -12.76 8.41
N ARG C 260 14.08 -12.68 8.96
CA ARG C 260 13.04 -13.67 8.69
C ARG C 260 12.70 -13.71 7.20
N THR C 261 12.06 -14.81 6.78
CA THR C 261 11.50 -14.88 5.45
C THR C 261 10.47 -13.77 5.25
N LYS C 262 10.43 -13.22 4.04
CA LYS C 262 9.59 -12.07 3.69
C LYS C 262 9.94 -10.84 4.51
N GLY C 263 11.18 -10.78 5.03
CA GLY C 263 11.59 -9.69 5.88
C GLY C 263 12.22 -8.53 5.11
N THR C 264 12.46 -7.44 5.82
CA THR C 264 12.98 -6.20 5.23
C THR C 264 14.21 -5.76 6.02
N VAL C 265 15.34 -5.66 5.33
CA VAL C 265 16.59 -5.19 5.92
C VAL C 265 16.83 -3.78 5.41
N VAL C 266 16.92 -2.82 6.33
CA VAL C 266 17.02 -1.40 5.98
C VAL C 266 18.39 -0.88 6.38
N LEU C 267 19.07 -0.26 5.44
CA LEU C 267 20.28 0.51 5.67
C LEU C 267 19.90 1.95 5.97
N VAL C 268 20.63 2.59 6.90
CA VAL C 268 20.26 3.90 7.40
C VAL C 268 21.37 4.93 7.23
N ALA C 269 22.62 4.53 7.45
CA ALA C 269 23.71 5.50 7.52
C ALA C 269 24.21 5.90 6.13
N LEU C 270 25.17 6.82 6.13
CA LEU C 270 25.84 7.28 4.91
C LEU C 270 27.35 7.03 5.03
N PRO C 271 27.78 5.77 5.03
CA PRO C 271 29.18 5.46 5.24
C PRO C 271 29.93 5.39 3.91
N LYS C 272 31.26 5.39 4.01
CA LYS C 272 32.12 5.21 2.87
C LYS C 272 32.79 3.85 2.96
N ASP C 273 32.98 3.22 1.79
CA ASP C 273 33.66 1.92 1.69
C ASP C 273 32.89 0.83 2.45
N ALA C 274 31.56 0.85 2.34
CA ALA C 274 30.71 -0.15 2.95
C ALA C 274 29.83 -0.77 1.88
N LYS C 275 29.60 -2.08 1.99
CA LYS C 275 28.95 -2.83 0.92
C LYS C 275 28.23 -4.02 1.53
N VAL C 276 27.00 -4.25 1.08
CA VAL C 276 26.22 -5.38 1.59
C VAL C 276 26.05 -6.42 0.48
N PRO C 277 26.84 -7.49 0.49
CA PRO C 277 26.57 -8.62 -0.40
C PRO C 277 25.47 -9.51 0.15
N VAL C 278 24.84 -10.26 -0.75
CA VAL C 278 23.81 -11.22 -0.37
C VAL C 278 23.67 -12.29 -1.46
N ASP C 279 23.53 -13.54 -1.03
CA ASP C 279 23.35 -14.65 -1.97
C ASP C 279 21.98 -14.55 -2.64
N VAL C 280 21.98 -14.49 -3.98
CA VAL C 280 20.74 -14.33 -4.74
C VAL C 280 19.78 -15.48 -4.45
N PHE C 281 20.30 -16.70 -4.30
CA PHE C 281 19.43 -17.84 -4.04
C PHE C 281 18.59 -17.62 -2.78
N SER C 282 19.23 -17.20 -1.69
CA SER C 282 18.52 -17.03 -0.44
C SER C 282 17.66 -15.76 -0.44
N THR C 283 18.08 -14.72 -1.17
CA THR C 283 17.24 -13.54 -1.30
C THR C 283 15.96 -13.85 -2.05
N VAL C 284 16.07 -14.68 -3.09
CA VAL C 284 14.90 -15.04 -3.89
C VAL C 284 14.00 -16.00 -3.11
N THR C 285 14.58 -17.04 -2.52
CA THR C 285 13.77 -18.04 -1.83
C THR C 285 13.10 -17.44 -0.59
N ARG C 286 13.83 -16.62 0.16
CA ARG C 286 13.26 -15.95 1.32
C ARG C 286 12.54 -14.65 0.97
N SER C 287 12.64 -14.19 -0.28
CA SER C 287 12.03 -12.93 -0.73
C SER C 287 12.38 -11.76 0.20
N VAL C 288 13.67 -11.66 0.51
CA VAL C 288 14.17 -10.59 1.36
C VAL C 288 14.35 -9.33 0.52
N THR C 289 14.13 -8.18 1.14
CA THR C 289 14.29 -6.89 0.48
C THR C 289 15.30 -6.05 1.24
N VAL C 290 16.39 -5.68 0.56
CA VAL C 290 17.40 -4.78 1.11
C VAL C 290 17.03 -3.36 0.65
N LYS C 291 16.57 -2.53 1.58
CA LYS C 291 16.08 -1.20 1.28
C LYS C 291 16.91 -0.16 2.02
N GLY C 292 17.14 0.98 1.38
CA GLY C 292 17.87 2.09 1.97
C GLY C 292 16.95 3.24 2.31
N SER C 293 17.17 3.85 3.49
CA SER C 293 16.37 4.98 3.94
C SER C 293 17.27 6.21 4.01
N TYR C 294 16.91 7.25 3.27
CA TYR C 294 17.66 8.49 3.34
C TYR C 294 16.87 9.39 4.30
N VAL C 295 17.15 10.68 4.32
CA VAL C 295 16.43 11.53 5.26
C VAL C 295 14.94 11.55 4.99
N GLY C 296 14.16 11.73 6.04
CA GLY C 296 12.72 11.65 5.92
C GLY C 296 12.11 12.88 5.27
N SER C 297 10.86 12.74 4.88
CA SER C 297 10.09 13.83 4.30
C SER C 297 9.48 14.66 5.41
N ARG C 298 8.87 15.79 5.03
CA ARG C 298 8.27 16.68 6.02
C ARG C 298 7.21 15.94 6.84
N GLN C 299 6.40 15.10 6.21
CA GLN C 299 5.42 14.33 6.96
C GLN C 299 6.11 13.44 7.97
N ASP C 300 7.21 12.82 7.55
CA ASP C 300 7.96 11.95 8.44
C ASP C 300 8.55 12.75 9.59
N THR C 301 9.02 13.96 9.30
CA THR C 301 9.60 14.81 10.32
C THR C 301 8.55 15.21 11.38
N ASP C 302 7.37 15.65 10.93
CA ASP C 302 6.35 16.03 11.89
C ASP C 302 5.84 14.83 12.68
N ASP C 303 5.75 13.67 12.04
CA ASP C 303 5.38 12.46 12.77
C ASP C 303 6.40 12.16 13.86
N ALA C 304 7.69 12.29 13.54
CA ALA C 304 8.74 12.01 14.53
C ALA C 304 8.73 13.03 15.66
N LEU C 305 8.55 14.32 15.35
CA LEU C 305 8.53 15.34 16.39
C LEU C 305 7.33 15.19 17.32
N LYS C 306 6.16 14.84 16.77
CA LYS C 306 4.99 14.60 17.62
C LYS C 306 5.29 13.58 18.70
N PHE C 307 6.19 12.65 18.41
CA PHE C 307 6.53 11.59 19.35
C PHE C 307 7.35 12.12 20.52
N LEU C 308 8.27 13.02 20.23
CA LEU C 308 9.06 13.64 21.28
C LEU C 308 8.15 14.49 22.11
N GLN C 309 7.27 15.20 21.43
CA GLN C 309 6.31 16.05 22.14
C GLN C 309 5.51 15.25 23.14
N ARG C 310 4.93 14.13 22.70
CA ARG C 310 4.11 13.30 23.56
C ARG C 310 4.93 12.55 24.61
N GLY C 311 6.26 12.56 24.50
CA GLY C 311 7.13 12.03 25.53
C GLY C 311 7.56 10.59 25.37
N GLN C 312 7.28 9.97 24.23
CA GLN C 312 7.69 8.58 24.03
C GLN C 312 9.17 8.45 23.70
N ILE C 313 9.79 9.47 23.11
CA ILE C 313 11.18 9.44 22.69
C ILE C 313 11.92 10.55 23.43
N LYS C 314 13.06 10.20 24.06
CA LYS C 314 13.90 11.15 24.76
C LYS C 314 15.36 10.88 24.42
N ILE C 315 16.13 11.95 24.22
CA ILE C 315 17.53 11.85 23.82
C ILE C 315 18.39 12.57 24.84
N PRO C 316 18.94 11.84 25.81
CA PRO C 316 19.99 12.43 26.65
C PRO C 316 21.10 13.02 25.79
N ILE C 317 21.62 14.16 26.24
CA ILE C 317 22.58 14.93 25.45
C ILE C 317 23.61 15.57 26.37
N LYS C 318 24.79 15.81 25.80
CA LYS C 318 25.85 16.56 26.46
C LYS C 318 25.88 17.96 25.86
N VAL C 319 25.59 18.97 26.67
CA VAL C 319 25.53 20.34 26.20
C VAL C 319 26.93 20.93 26.22
N LEU C 320 27.36 21.45 25.08
CA LEU C 320 28.68 22.05 24.89
C LEU C 320 28.53 23.41 24.23
N PRO C 321 29.53 24.27 24.36
CA PRO C 321 29.44 25.59 23.73
C PRO C 321 29.70 25.55 22.23
N LEU C 322 29.22 26.59 21.56
CA LEU C 322 29.53 26.76 20.14
C LEU C 322 31.04 26.92 19.92
N GLU C 323 31.72 27.59 20.84
CA GLU C 323 33.17 27.70 20.75
C GLU C 323 33.83 26.32 20.78
N SER C 324 33.44 25.47 21.75
CA SER C 324 34.05 24.15 21.92
C SER C 324 33.78 23.21 20.76
N LEU C 325 32.92 23.58 19.83
CA LEU C 325 32.60 22.70 18.72
C LEU C 325 33.80 22.13 17.96
N THR C 326 34.92 22.82 17.99
CA THR C 326 36.11 22.29 17.34
C THR C 326 36.53 20.98 18.00
N GLU C 327 36.44 20.91 19.33
CA GLU C 327 36.74 19.65 20.00
C GLU C 327 35.86 18.54 19.46
N VAL C 328 34.57 18.82 19.27
CA VAL C 328 33.67 17.79 18.77
C VAL C 328 34.10 17.35 17.38
N PHE C 329 34.55 18.29 16.55
CA PHE C 329 35.02 17.94 15.23
C PHE C 329 36.30 17.12 15.31
N ASP C 330 37.13 17.41 16.32
CA ASP C 330 38.40 16.71 16.44
C ASP C 330 38.19 15.23 16.76
N ASN C 331 37.28 14.94 17.68
CA ASN C 331 37.03 13.55 18.06
C ASN C 331 36.43 12.73 16.91
N MET C 332 35.52 13.31 16.13
CA MET C 332 34.82 12.52 15.11
C MET C 332 35.71 12.16 13.92
N ILE C 333 36.69 13.01 13.57
CA ILE C 333 37.64 12.62 12.54
C ILE C 333 38.42 11.40 12.99
N ASN C 334 38.54 11.21 14.31
CA ASN C 334 39.26 10.08 14.87
C ASN C 334 38.42 8.83 15.11
N HIS C 335 37.25 9.00 15.74
CA HIS C 335 36.45 7.86 16.17
C HIS C 335 35.03 8.37 16.46
N GLN C 336 34.20 7.47 16.98
CA GLN C 336 32.77 7.71 17.07
C GLN C 336 32.42 8.62 18.24
N VAL C 337 31.12 8.83 18.44
CA VAL C 337 30.61 9.72 19.47
C VAL C 337 30.57 8.97 20.80
N THR C 338 30.83 9.71 21.87
CA THR C 338 30.53 9.24 23.22
C THR C 338 29.13 9.64 23.67
N GLY C 339 28.35 10.22 22.78
CA GLY C 339 27.01 10.68 23.10
C GLY C 339 26.58 11.78 22.18
N ARG C 340 25.29 12.10 22.25
CA ARG C 340 24.71 13.15 21.41
C ARG C 340 25.16 14.51 21.92
N VAL C 341 26.07 15.15 21.18
CA VAL C 341 26.58 16.46 21.53
C VAL C 341 25.64 17.53 20.97
N VAL C 342 25.27 18.48 21.81
CA VAL C 342 24.43 19.61 21.41
C VAL C 342 25.12 20.89 21.82
N LEU C 343 25.04 21.91 20.97
CA LEU C 343 25.74 23.17 21.12
C LEU C 343 24.77 24.27 21.51
N ASP C 344 25.09 24.95 22.61
CA ASP C 344 24.45 26.19 22.99
C ASP C 344 25.20 27.30 22.27
N LEU C 345 24.58 27.84 21.22
CA LEU C 345 25.23 28.85 20.40
C LEU C 345 25.38 30.19 21.13
N TRP C 346 24.97 30.23 22.39
CA TRP C 346 25.24 31.38 23.25
C TRP C 346 26.68 31.37 23.75
N LYS C 347 27.17 30.20 24.14
CA LYS C 347 28.52 30.04 24.66
C LYS C 347 29.49 29.70 23.53
N PRO D 1 5.77 39.80 -27.55
CA PRO D 1 5.89 40.73 -26.41
C PRO D 1 4.63 40.76 -25.55
N ILE D 2 4.75 41.30 -24.33
CA ILE D 2 3.61 41.46 -23.46
C ILE D 2 2.81 42.67 -23.93
N PRO D 3 1.50 42.62 -23.89
CA PRO D 3 0.71 43.85 -23.98
C PRO D 3 0.44 44.43 -22.60
N SER D 4 -0.21 45.57 -22.55
CA SER D 4 -0.66 46.15 -21.29
C SER D 4 -2.16 45.94 -21.07
N THR D 5 -2.85 45.37 -22.05
CA THR D 5 -4.27 45.09 -21.94
C THR D 5 -4.50 43.65 -22.33
N GLN D 6 -5.39 42.98 -21.63
CA GLN D 6 -5.61 41.58 -21.91
C GLN D 6 -7.09 41.30 -21.82
N LYS D 7 -7.60 40.63 -22.82
CA LYS D 7 -9.04 40.57 -23.04
C LYS D 7 -9.60 39.48 -22.14
N ALA D 8 -10.36 39.89 -21.12
CA ALA D 8 -10.85 38.97 -20.10
C ALA D 8 -12.29 39.33 -19.71
N ALA D 9 -12.91 38.44 -18.93
CA ALA D 9 -14.28 38.58 -18.47
C ALA D 9 -14.35 38.62 -16.95
N VAL D 10 -14.80 39.76 -16.40
CA VAL D 10 -14.76 40.03 -14.97
C VAL D 10 -16.15 40.44 -14.47
N PHE D 11 -16.52 39.94 -13.28
CA PHE D 11 -17.65 40.46 -12.52
C PHE D 11 -17.17 41.52 -11.52
N HIS D 12 -18.04 42.49 -11.25
CA HIS D 12 -17.78 43.44 -10.17
C HIS D 12 -18.29 42.89 -8.84
N LYS D 13 -19.46 42.24 -8.87
CA LYS D 13 -20.08 41.66 -7.68
C LYS D 13 -20.77 40.36 -8.08
N PHE D 14 -21.55 39.82 -7.15
CA PHE D 14 -22.42 38.67 -7.42
C PHE D 14 -23.54 39.06 -8.37
N GLY D 15 -23.91 38.13 -9.25
CA GLY D 15 -25.10 38.35 -10.04
C GLY D 15 -24.94 39.25 -11.25
N GLN D 16 -23.76 39.77 -11.51
CA GLN D 16 -23.58 40.64 -12.66
C GLN D 16 -23.13 39.84 -13.86
N ARG D 17 -23.08 40.49 -15.02
CA ARG D 17 -22.83 39.82 -16.28
C ARG D 17 -21.49 40.22 -16.86
N TYR D 18 -20.95 39.34 -17.70
CA TYR D 18 -19.59 39.44 -18.19
C TYR D 18 -19.50 40.42 -19.35
N GLN D 19 -18.29 40.51 -19.91
CA GLN D 19 -17.95 41.38 -21.03
C GLN D 19 -16.54 41.02 -21.46
N PHE D 20 -16.20 41.39 -22.69
CA PHE D 20 -14.92 41.03 -23.28
C PHE D 20 -13.83 42.06 -23.02
N GLU D 21 -14.10 43.04 -22.17
CA GLU D 21 -13.26 44.24 -22.12
C GLU D 21 -11.87 43.94 -21.59
N LYS D 22 -10.88 44.52 -22.26
CA LYS D 22 -9.48 44.38 -21.90
C LYS D 22 -9.27 44.92 -20.49
N ILE D 23 -8.49 44.20 -19.70
CA ILE D 23 -8.21 44.56 -18.31
C ILE D 23 -6.71 44.64 -18.14
N SER D 24 -6.29 45.33 -17.07
CA SER D 24 -4.89 45.52 -16.77
C SER D 24 -4.20 44.17 -16.56
N VAL D 25 -2.92 44.12 -16.90
CA VAL D 25 -2.14 42.87 -16.85
C VAL D 25 -1.92 42.48 -15.40
N PRO D 26 -2.20 41.24 -15.01
CA PRO D 26 -2.01 40.86 -13.61
C PRO D 26 -0.52 40.78 -13.32
N GLU D 27 -0.09 41.38 -12.22
CA GLU D 27 1.30 41.25 -11.83
C GLU D 27 1.61 39.79 -11.48
N ILE D 28 2.86 39.43 -11.64
CA ILE D 28 3.31 38.10 -11.26
C ILE D 28 3.60 38.06 -9.77
N GLY D 29 3.19 36.98 -9.12
CA GLY D 29 3.71 36.72 -7.79
C GLY D 29 5.14 36.23 -7.85
N ASP D 30 5.79 36.26 -6.69
CA ASP D 30 7.21 35.93 -6.65
C ASP D 30 7.45 34.45 -6.93
N ASP D 31 6.59 33.56 -6.43
CA ASP D 31 6.69 32.16 -6.84
C ASP D 31 5.73 31.86 -7.99
N ASP D 32 5.01 32.87 -8.48
CA ASP D 32 4.01 32.67 -9.52
C ASP D 32 4.68 32.68 -10.89
N ILE D 33 3.87 32.49 -11.93
CA ILE D 33 4.34 32.43 -13.31
C ILE D 33 3.25 33.01 -14.20
N LEU D 34 3.66 33.77 -15.21
CA LEU D 34 2.79 34.37 -16.21
C LEU D 34 2.84 33.54 -17.48
N VAL D 35 1.67 33.03 -17.88
CA VAL D 35 1.50 32.12 -19.00
C VAL D 35 0.52 32.74 -19.98
N LYS D 36 0.87 32.70 -21.27
CA LYS D 36 0.00 33.16 -22.34
C LYS D 36 -0.86 32.00 -22.84
N VAL D 37 -2.13 31.99 -22.44
CA VAL D 37 -3.04 30.90 -22.76
C VAL D 37 -3.28 30.85 -24.26
N ILE D 38 -2.98 29.70 -24.88
CA ILE D 38 -3.20 29.55 -26.31
C ILE D 38 -4.55 28.87 -26.55
N TYR D 39 -4.92 27.96 -25.65
CA TYR D 39 -6.19 27.24 -25.73
C TYR D 39 -6.74 27.01 -24.32
N SER D 40 -8.06 27.06 -24.16
CA SER D 40 -8.66 26.88 -22.84
C SER D 40 -9.94 26.06 -22.90
N GLY D 41 -10.14 25.18 -21.92
CA GLY D 41 -11.32 24.35 -21.84
C GLY D 41 -12.39 24.92 -20.93
N VAL D 42 -13.62 24.43 -21.10
CA VAL D 42 -14.79 24.92 -20.35
C VAL D 42 -15.51 23.75 -19.71
N CYS D 43 -15.57 23.73 -18.39
CA CYS D 43 -16.38 22.80 -17.61
C CYS D 43 -17.45 23.56 -16.84
N HIS D 44 -18.40 22.81 -16.27
CA HIS D 44 -19.52 23.40 -15.54
C HIS D 44 -19.11 24.04 -14.22
N THR D 45 -17.93 23.75 -13.67
CA THR D 45 -17.55 24.47 -12.45
C THR D 45 -17.43 25.96 -12.72
N ASP D 46 -17.00 26.34 -13.92
CA ASP D 46 -17.02 27.75 -14.31
C ASP D 46 -18.46 28.27 -14.34
N ILE D 47 -19.41 27.41 -14.70
CA ILE D 47 -20.81 27.78 -14.67
C ILE D 47 -21.26 28.02 -13.23
N HIS D 48 -20.74 27.22 -12.30
CA HIS D 48 -20.97 27.38 -10.87
C HIS D 48 -20.16 28.49 -10.21
N VAL D 49 -19.19 29.08 -10.91
CA VAL D 49 -18.51 30.26 -10.34
C VAL D 49 -19.53 31.36 -10.08
N TRP D 50 -20.41 31.61 -11.04
CA TRP D 50 -21.40 32.65 -10.91
C TRP D 50 -22.48 32.24 -9.89
N LEU D 51 -23.24 33.24 -9.45
CA LEU D 51 -24.36 33.11 -8.51
C LEU D 51 -23.93 32.87 -7.06
N GLY D 52 -22.63 32.70 -6.82
CA GLY D 52 -22.18 32.41 -5.47
C GLY D 52 -22.76 31.20 -4.77
N ASP D 53 -23.26 30.22 -5.52
CA ASP D 53 -23.96 29.08 -4.93
C ASP D 53 -23.02 28.12 -4.20
N PHE D 54 -21.79 27.95 -4.66
CA PHE D 54 -20.89 27.04 -3.97
C PHE D 54 -20.64 27.59 -2.57
N PRO D 55 -20.71 26.75 -1.54
CA PRO D 55 -20.58 27.26 -0.16
C PRO D 55 -19.26 27.96 0.14
N MET D 56 -18.16 27.48 -0.43
CA MET D 56 -16.88 28.15 -0.22
C MET D 56 -16.95 29.59 -0.72
N GLU D 57 -16.51 30.52 0.13
CA GLU D 57 -16.52 31.93 -0.26
C GLU D 57 -15.74 32.12 -1.55
N ALA D 58 -16.21 33.06 -2.37
CA ALA D 58 -15.65 33.26 -3.70
C ALA D 58 -15.21 34.70 -3.88
N LYS D 59 -14.48 34.93 -4.95
CA LYS D 59 -14.04 36.27 -5.27
C LYS D 59 -15.20 37.03 -5.84
N GLU D 60 -16.07 37.55 -4.98
CA GLU D 60 -17.19 38.37 -5.46
C GLU D 60 -16.56 39.57 -6.10
N LEU D 61 -15.35 39.88 -5.70
CA LEU D 61 -14.68 40.98 -6.34
C LEU D 61 -14.46 40.61 -7.78
N PRO D 62 -13.92 41.55 -8.55
CA PRO D 62 -13.60 41.23 -9.93
C PRO D 62 -12.94 39.86 -10.06
N ILE D 63 -13.46 39.03 -10.96
CA ILE D 63 -12.91 37.69 -11.10
C ILE D 63 -12.97 37.18 -12.52
N VAL D 64 -11.90 36.54 -12.95
CA VAL D 64 -11.90 35.93 -14.29
C VAL D 64 -12.16 34.44 -14.18
N GLY D 65 -13.08 33.93 -14.99
CA GLY D 65 -13.44 32.52 -14.92
C GLY D 65 -12.46 31.65 -15.69
N GLY D 66 -12.66 30.34 -15.63
CA GLY D 66 -11.81 29.45 -16.40
C GLY D 66 -10.78 28.77 -15.53
N HIS D 67 -10.54 27.47 -15.69
CA HIS D 67 -9.52 26.84 -14.86
C HIS D 67 -8.53 26.02 -15.70
N GLU D 68 -9.04 25.26 -16.65
CA GLU D 68 -8.19 24.47 -17.52
C GLU D 68 -7.69 25.27 -18.69
N GLY D 69 -6.39 25.54 -18.73
CA GLY D 69 -5.84 26.25 -19.88
C GLY D 69 -4.43 25.86 -20.25
N ALA D 70 -4.15 25.71 -21.55
CA ALA D 70 -2.82 25.37 -22.03
C ALA D 70 -2.26 26.55 -22.80
N GLY D 71 -1.04 26.95 -22.45
CA GLY D 71 -0.41 28.09 -23.07
C GLY D 71 1.09 28.02 -22.88
N VAL D 72 1.75 29.14 -23.17
CA VAL D 72 3.21 29.24 -23.10
C VAL D 72 3.61 30.20 -22.00
N VAL D 73 4.61 29.81 -21.21
CA VAL D 73 5.11 30.69 -20.16
C VAL D 73 5.84 31.86 -20.78
N VAL D 74 5.41 33.08 -20.41
CA VAL D 74 6.07 34.27 -20.92
C VAL D 74 6.96 34.88 -19.84
N LYS D 75 6.67 34.63 -18.57
CA LYS D 75 7.55 35.18 -17.53
C LYS D 75 7.29 34.46 -16.22
N VAL D 76 8.24 34.58 -15.30
CA VAL D 76 8.05 34.00 -13.98
C VAL D 76 8.16 35.09 -12.92
N GLY D 77 8.23 34.65 -11.65
CA GLY D 77 8.39 35.53 -10.52
C GLY D 77 9.80 35.60 -10.00
N GLN D 78 9.94 35.99 -8.73
CA GLN D 78 11.28 36.11 -8.17
C GLN D 78 11.94 34.74 -8.06
N ASN D 79 11.38 33.84 -7.25
CA ASN D 79 11.98 32.53 -7.00
C ASN D 79 11.21 31.42 -7.71
N VAL D 80 11.81 30.90 -8.78
CA VAL D 80 11.36 29.71 -9.51
C VAL D 80 12.62 29.00 -10.00
N LYS D 81 12.62 27.67 -9.92
CA LYS D 81 13.85 26.92 -10.15
C LYS D 81 13.79 25.99 -11.35
N ASP D 82 12.68 25.30 -11.60
CA ASP D 82 12.62 24.25 -12.61
C ASP D 82 12.08 24.72 -13.94
N PHE D 83 11.49 25.90 -14.01
CA PHE D 83 10.86 26.36 -15.23
C PHE D 83 11.83 27.17 -16.08
N LYS D 84 11.65 27.08 -17.39
CA LYS D 84 12.45 27.81 -18.35
C LYS D 84 11.48 28.59 -19.23
N ILE D 85 11.89 29.78 -19.66
CA ILE D 85 11.02 30.66 -20.43
C ILE D 85 10.86 30.14 -21.84
N GLY D 86 9.62 30.20 -22.35
CA GLY D 86 9.25 29.65 -23.64
C GLY D 86 8.57 28.30 -23.60
N ASP D 87 8.65 27.62 -22.45
CA ASP D 87 8.03 26.32 -22.22
C ASP D 87 6.50 26.41 -22.29
N ARG D 88 5.88 25.27 -22.57
CA ARG D 88 4.43 25.14 -22.56
C ARG D 88 3.97 24.64 -21.18
N ALA D 89 2.91 25.26 -20.66
CA ALA D 89 2.41 24.99 -19.32
C ALA D 89 0.89 25.05 -19.30
N GLY D 90 0.31 24.43 -18.28
CA GLY D 90 -1.14 24.39 -18.15
C GLY D 90 -1.61 24.80 -16.76
N ILE D 91 -2.74 25.49 -16.76
CA ILE D 91 -3.36 25.90 -15.53
C ILE D 91 -4.50 24.95 -15.26
N LYS D 92 -4.61 24.51 -14.02
CA LYS D 92 -5.63 23.56 -13.59
C LYS D 92 -6.43 24.15 -12.43
N TRP D 93 -7.20 23.28 -11.77
CA TRP D 93 -8.12 23.72 -10.73
C TRP D 93 -7.38 24.32 -9.54
N VAL D 94 -6.32 23.65 -9.10
CA VAL D 94 -5.51 24.13 -7.99
C VAL D 94 -4.46 25.10 -8.51
N ASN D 95 -4.63 26.39 -8.22
CA ASN D 95 -3.65 27.37 -8.66
C ASN D 95 -2.43 27.36 -7.74
N SER D 96 -2.65 27.38 -6.43
CA SER D 96 -1.57 27.44 -5.46
C SER D 96 -2.08 26.92 -4.13
N SER D 97 -1.16 26.80 -3.17
CA SER D 97 -1.48 26.14 -1.92
C SER D 97 -0.61 26.68 -0.78
N CYS D 98 -0.93 26.25 0.44
CA CYS D 98 -0.18 26.67 1.60
C CYS D 98 1.27 26.22 1.53
N THR D 99 1.51 25.03 0.98
CA THR D 99 2.80 24.38 0.75
C THR D 99 3.42 23.85 2.04
N THR D 100 2.81 24.08 3.21
CA THR D 100 3.28 23.47 4.45
C THR D 100 2.11 23.15 5.37
N CYS D 101 0.95 22.85 4.79
CA CYS D 101 -0.21 22.47 5.58
C CYS D 101 -0.18 20.96 5.78
N GLU D 102 -0.94 20.46 6.75
CA GLU D 102 -1.00 19.01 6.95
C GLU D 102 -1.45 18.30 5.67
N HIS D 103 -2.57 18.76 5.10
CA HIS D 103 -3.06 18.12 3.89
C HIS D 103 -2.18 18.47 2.70
N CYS D 104 -1.53 19.64 2.75
CA CYS D 104 -0.66 20.05 1.68
C CYS D 104 0.67 19.31 1.70
N LYS D 105 1.17 18.99 2.88
CA LYS D 105 2.40 18.24 3.05
C LYS D 105 2.21 16.74 2.80
N LYS D 106 0.99 16.22 3.03
CA LYS D 106 0.75 14.81 2.75
C LYS D 106 0.93 14.50 1.28
N GLY D 107 0.59 15.44 0.40
CA GLY D 107 0.72 15.24 -1.03
C GLY D 107 -0.54 15.66 -1.76
N ASN D 108 -1.55 16.09 -1.00
CA ASN D 108 -2.84 16.49 -1.53
C ASN D 108 -3.06 17.97 -1.23
N GLU D 109 -2.56 18.83 -2.12
CA GLU D 109 -2.66 20.28 -2.01
C GLU D 109 -4.07 20.83 -2.17
N PRO D 110 -4.97 20.25 -2.98
CA PRO D 110 -6.29 20.87 -3.14
C PRO D 110 -7.07 21.00 -1.83
N ASN D 111 -6.66 20.33 -0.76
CA ASN D 111 -7.41 20.27 0.49
C ASN D 111 -6.92 21.21 1.61
N CYS D 112 -6.02 22.14 1.34
CA CYS D 112 -5.61 23.09 2.37
C CYS D 112 -6.70 24.09 2.72
N GLY D 113 -6.56 24.71 3.90
CA GLY D 113 -7.42 25.84 4.24
C GLY D 113 -7.13 27.05 3.39
N ASP D 114 -5.87 27.31 3.10
CA ASP D 114 -5.47 28.41 2.22
C ASP D 114 -5.26 27.96 0.77
N VAL D 115 -6.20 27.19 0.19
CA VAL D 115 -6.08 26.75 -1.20
C VAL D 115 -6.50 27.89 -2.12
N VAL D 116 -5.77 28.03 -3.20
CA VAL D 116 -6.12 28.96 -4.23
C VAL D 116 -6.69 28.17 -5.39
N LEU D 117 -7.86 28.58 -5.84
CA LEU D 117 -8.60 27.87 -6.87
C LEU D 117 -8.65 28.82 -8.07
N SER D 118 -8.13 28.37 -9.21
CA SER D 118 -8.16 29.22 -10.39
C SER D 118 -9.60 29.37 -10.87
N GLY D 119 -9.98 30.61 -11.17
CA GLY D 119 -11.37 30.91 -11.52
C GLY D 119 -12.30 31.04 -10.34
N PHE D 120 -11.77 31.04 -9.11
CA PHE D 120 -12.57 31.27 -7.93
C PHE D 120 -11.87 32.28 -7.01
N HIS D 121 -10.57 32.10 -6.80
CA HIS D 121 -9.79 33.01 -5.97
C HIS D 121 -8.63 33.66 -6.70
N ARG D 122 -8.40 33.30 -7.97
CA ARG D 122 -7.44 33.99 -8.81
C ARG D 122 -7.99 34.07 -10.23
N ASP D 123 -7.28 34.81 -11.07
CA ASP D 123 -7.68 34.89 -12.46
C ASP D 123 -7.45 33.55 -13.14
N GLY D 124 -8.44 33.10 -13.89
CA GLY D 124 -8.42 31.76 -14.46
C GLY D 124 -7.88 31.73 -15.86
N SER D 125 -8.36 30.78 -16.64
CA SER D 125 -7.87 30.58 -17.99
C SER D 125 -8.64 31.32 -19.06
N PHE D 126 -9.49 32.23 -18.65
CA PHE D 126 -10.32 32.93 -19.62
C PHE D 126 -9.67 34.25 -19.89
N GLN D 127 -8.37 34.35 -19.65
CA GLN D 127 -7.68 35.56 -20.01
C GLN D 127 -6.55 35.21 -20.94
N GLN D 128 -5.99 36.21 -21.61
CA GLN D 128 -4.89 36.00 -22.54
C GLN D 128 -3.60 35.66 -21.80
N TYR D 129 -3.37 36.30 -20.66
CA TYR D 129 -2.18 36.10 -19.85
C TYR D 129 -2.61 35.93 -18.41
N ALA D 130 -2.20 34.83 -17.77
CA ALA D 130 -2.66 34.49 -16.43
C ALA D 130 -1.49 34.12 -15.53
N VAL D 131 -1.68 34.34 -14.23
CA VAL D 131 -0.63 34.09 -13.24
C VAL D 131 -1.06 32.88 -12.41
N VAL D 132 -0.17 31.92 -12.25
CA VAL D 132 -0.45 30.68 -11.52
C VAL D 132 0.84 30.25 -10.82
N ASN D 133 0.70 29.56 -9.69
CA ASN D 133 1.88 29.08 -8.99
C ASN D 133 2.66 28.05 -9.84
N GLY D 134 3.98 28.22 -9.87
CA GLY D 134 4.82 27.32 -10.66
C GLY D 134 4.87 25.91 -10.13
N ASN D 135 4.68 25.72 -8.82
CA ASN D 135 4.75 24.39 -8.23
C ASN D 135 3.50 23.56 -8.50
N GLU D 136 2.35 24.21 -8.72
CA GLU D 136 1.11 23.50 -9.02
C GLU D 136 0.75 23.51 -10.51
N ALA D 137 1.65 23.96 -11.37
CA ALA D 137 1.47 24.08 -12.81
C ALA D 137 1.68 22.76 -13.58
N VAL D 138 1.21 22.74 -14.85
CA VAL D 138 1.35 21.60 -15.77
C VAL D 138 2.68 21.72 -16.51
N LYS D 139 3.30 20.57 -16.81
CA LYS D 139 4.53 20.51 -17.57
C LYS D 139 4.23 19.73 -18.86
N ILE D 140 4.09 20.46 -19.98
CA ILE D 140 3.69 19.86 -21.24
C ILE D 140 4.92 19.59 -22.08
N VAL D 141 4.98 18.40 -22.68
CA VAL D 141 6.06 18.06 -23.59
C VAL D 141 5.82 18.76 -24.92
N ASP D 142 6.89 19.30 -25.48
CA ASP D 142 6.81 19.92 -26.81
C ASP D 142 6.52 18.87 -27.88
N GLY D 143 5.82 19.30 -28.92
CA GLY D 143 5.39 18.41 -29.97
C GLY D 143 4.00 17.88 -29.81
N ILE D 144 3.19 18.46 -28.93
CA ILE D 144 1.81 18.05 -28.71
C ILE D 144 0.93 19.27 -28.94
N ASP D 145 -0.04 19.13 -29.85
CA ASP D 145 -0.94 20.25 -30.15
C ASP D 145 -1.72 20.65 -28.92
N LEU D 146 -1.70 21.95 -28.62
CA LEU D 146 -2.33 22.47 -27.41
C LEU D 146 -3.84 22.32 -27.43
N VAL D 147 -4.44 22.23 -28.61
CA VAL D 147 -5.89 22.03 -28.68
C VAL D 147 -6.27 20.75 -27.95
N GLU D 148 -5.47 19.70 -28.12
CA GLU D 148 -5.75 18.40 -27.53
C GLU D 148 -5.33 18.30 -26.07
N VAL D 149 -4.38 19.13 -25.63
CA VAL D 149 -3.94 19.08 -24.23
C VAL D 149 -4.96 19.67 -23.28
N SER D 150 -5.71 20.68 -23.71
CA SER D 150 -6.62 21.39 -22.79
C SER D 150 -7.59 20.48 -22.06
N PRO D 151 -8.28 19.51 -22.70
CA PRO D 151 -9.18 18.65 -21.92
C PRO D 151 -8.47 17.74 -20.94
N ILE D 152 -7.22 17.36 -21.22
CA ILE D 152 -6.50 16.51 -20.27
C ILE D 152 -6.26 17.22 -18.95
N LEU D 153 -6.09 18.55 -18.97
CA LEU D 153 -5.77 19.24 -17.72
C LEU D 153 -6.88 19.15 -16.68
N CYS D 154 -8.14 19.04 -17.10
CA CYS D 154 -9.21 18.92 -16.11
C CYS D 154 -9.97 17.60 -16.21
N ALA D 155 -10.50 17.26 -17.39
CA ALA D 155 -11.35 16.07 -17.46
C ALA D 155 -10.50 14.81 -17.43
N GLY D 156 -9.42 14.79 -18.21
CA GLY D 156 -8.53 13.65 -18.22
C GLY D 156 -7.90 13.39 -16.87
N VAL D 157 -7.42 14.45 -16.21
CA VAL D 157 -6.82 14.31 -14.90
C VAL D 157 -7.85 13.81 -13.89
N THR D 158 -9.07 14.33 -13.95
CA THR D 158 -10.09 13.88 -13.00
C THR D 158 -10.41 12.41 -13.22
N VAL D 159 -10.48 11.99 -14.48
CA VAL D 159 -10.79 10.60 -14.80
C VAL D 159 -9.66 9.68 -14.34
N TYR D 160 -8.41 10.11 -14.54
CA TYR D 160 -7.27 9.31 -14.10
C TYR D 160 -7.25 9.18 -12.58
N LYS D 161 -7.51 10.29 -11.87
CA LYS D 161 -7.52 10.25 -10.41
C LYS D 161 -8.64 9.37 -9.89
N ALA D 162 -9.81 9.40 -10.54
CA ALA D 162 -10.91 8.52 -10.16
C ALA D 162 -10.54 7.06 -10.36
N LEU D 163 -9.98 6.73 -11.53
CA LEU D 163 -9.58 5.35 -11.79
C LEU D 163 -8.51 4.86 -10.83
N LYS D 164 -7.61 5.74 -10.41
CA LYS D 164 -6.59 5.31 -9.46
C LYS D 164 -7.11 5.26 -8.03
N ASP D 165 -8.18 6.00 -7.72
CA ASP D 165 -8.82 5.83 -6.42
C ASP D 165 -9.54 4.49 -6.30
N CYS D 166 -9.87 3.83 -7.43
CA CYS D 166 -10.43 2.49 -7.34
C CYS D 166 -9.44 1.43 -6.91
N ASN D 167 -8.13 1.66 -7.06
CA ASN D 167 -7.12 0.66 -6.71
C ASN D 167 -7.39 -0.67 -7.40
N ILE D 168 -7.61 -0.61 -8.70
CA ILE D 168 -7.99 -1.78 -9.48
C ILE D 168 -6.74 -2.42 -10.07
N GLN D 169 -6.75 -3.74 -10.17
CA GLN D 169 -5.63 -4.48 -10.73
C GLN D 169 -5.88 -4.68 -12.22
N ALA D 170 -4.80 -4.97 -12.96
CA ALA D 170 -4.95 -5.25 -14.39
C ALA D 170 -5.83 -6.47 -14.59
N GLY D 171 -6.91 -6.32 -15.37
CA GLY D 171 -7.83 -7.39 -15.67
C GLY D 171 -9.18 -7.29 -14.99
N ASP D 172 -9.34 -6.50 -13.93
CA ASP D 172 -10.66 -6.38 -13.31
C ASP D 172 -11.64 -5.65 -14.24
N THR D 173 -12.93 -5.81 -13.95
CA THR D 173 -13.98 -5.13 -14.69
C THR D 173 -14.34 -3.82 -14.00
N VAL D 174 -14.40 -2.75 -14.77
CA VAL D 174 -14.74 -1.42 -14.29
C VAL D 174 -16.01 -0.96 -14.97
N ALA D 175 -16.92 -0.40 -14.20
CA ALA D 175 -18.17 0.14 -14.74
C ALA D 175 -18.11 1.65 -14.72
N ILE D 176 -18.47 2.27 -15.84
CA ILE D 176 -18.46 3.71 -15.92
C ILE D 176 -19.86 4.20 -16.17
N THR D 177 -20.41 4.96 -15.23
CA THR D 177 -21.71 5.56 -15.47
C THR D 177 -21.58 6.92 -16.17
N GLY D 178 -22.50 7.16 -17.11
CA GLY D 178 -22.44 8.34 -17.96
C GLY D 178 -21.34 8.26 -19.00
N ALA D 179 -21.12 7.06 -19.55
CA ALA D 179 -20.00 6.81 -20.44
C ALA D 179 -20.16 7.44 -21.83
N GLY D 180 -21.35 7.91 -22.18
CA GLY D 180 -21.52 8.55 -23.47
C GLY D 180 -21.14 10.01 -23.46
N GLY D 181 -21.05 10.59 -22.26
CA GLY D 181 -20.61 11.97 -22.12
C GLY D 181 -19.13 12.12 -22.42
N GLY D 182 -18.66 13.37 -22.30
CA GLY D 182 -17.24 13.63 -22.51
C GLY D 182 -16.39 13.02 -21.43
N LEU D 183 -16.77 13.24 -20.16
CA LEU D 183 -16.13 12.51 -19.08
C LEU D 183 -16.17 11.02 -19.35
N GLY D 184 -17.30 10.52 -19.85
CA GLY D 184 -17.43 9.09 -20.12
C GLY D 184 -16.57 8.60 -21.27
N SER D 185 -16.52 9.35 -22.37
CA SER D 185 -15.66 8.98 -23.49
C SER D 185 -14.21 8.93 -23.02
N LEU D 186 -13.80 9.86 -22.17
CA LEU D 186 -12.43 9.83 -21.64
C LEU D 186 -12.17 8.69 -20.66
N CYS D 187 -13.10 8.40 -19.75
CA CYS D 187 -12.84 7.33 -18.79
C CYS D 187 -12.73 5.96 -19.48
N ILE D 188 -13.54 5.71 -20.52
CA ILE D 188 -13.43 4.40 -21.16
C ILE D 188 -12.02 4.19 -21.68
N GLN D 189 -11.48 5.22 -22.34
CA GLN D 189 -10.14 5.13 -22.91
C GLN D 189 -9.07 5.03 -21.82
N TYR D 190 -9.19 5.82 -20.76
CA TYR D 190 -8.20 5.72 -19.68
C TYR D 190 -8.26 4.34 -19.03
N ALA D 191 -9.47 3.80 -18.83
CA ALA D 191 -9.59 2.47 -18.24
C ALA D 191 -9.02 1.41 -19.17
N LYS D 192 -9.22 1.54 -20.48
CA LYS D 192 -8.62 0.60 -21.42
C LYS D 192 -7.10 0.68 -21.39
N ALA D 193 -6.55 1.84 -21.07
CA ALA D 193 -5.09 1.96 -20.96
C ALA D 193 -4.55 1.17 -19.77
N MET D 194 -5.38 0.86 -18.78
CA MET D 194 -4.96 0.10 -17.61
C MET D 194 -5.21 -1.40 -17.77
N GLY D 195 -5.61 -1.85 -18.94
CA GLY D 195 -5.93 -3.26 -19.08
C GLY D 195 -7.21 -3.63 -18.37
N LEU D 196 -8.15 -2.69 -18.26
CA LEU D 196 -9.41 -2.90 -17.55
C LEU D 196 -10.50 -3.29 -18.53
N ARG D 197 -11.24 -4.35 -18.19
CA ARG D 197 -12.44 -4.69 -18.94
C ARG D 197 -13.50 -3.64 -18.63
N VAL D 198 -13.88 -2.87 -19.64
CA VAL D 198 -14.74 -1.70 -19.44
C VAL D 198 -16.19 -2.09 -19.71
N LEU D 199 -17.07 -1.77 -18.76
CA LEU D 199 -18.51 -1.79 -18.93
C LEU D 199 -19.02 -0.37 -18.81
N ALA D 200 -19.93 -0.01 -19.70
CA ALA D 200 -20.37 1.36 -19.81
C ALA D 200 -21.88 1.45 -19.69
N VAL D 201 -22.35 2.41 -18.91
CA VAL D 201 -23.79 2.62 -18.70
C VAL D 201 -24.09 4.04 -19.16
N ASP D 202 -24.94 4.16 -20.17
CA ASP D 202 -25.40 5.45 -20.67
C ASP D 202 -26.69 5.23 -21.43
N ALA D 203 -27.45 6.31 -21.55
CA ALA D 203 -28.77 6.28 -22.19
C ALA D 203 -28.63 6.70 -23.63
N GLY D 204 -29.26 5.95 -24.53
CA GLY D 204 -29.25 6.27 -25.93
C GLY D 204 -28.30 5.35 -26.69
N GLU D 205 -28.11 5.68 -27.97
CA GLU D 205 -27.17 4.93 -28.78
C GLU D 205 -25.79 5.60 -28.85
N LYS D 206 -25.33 6.06 -27.70
CA LYS D 206 -23.99 6.57 -27.61
C LYS D 206 -23.17 5.31 -27.43
N GLN D 207 -23.84 4.15 -27.43
CA GLN D 207 -23.18 2.87 -27.31
C GLN D 207 -22.07 2.71 -28.33
N MET D 208 -22.39 2.80 -29.63
CA MET D 208 -21.38 2.52 -30.64
C MET D 208 -20.11 3.31 -30.36
N HIS D 209 -20.26 4.58 -29.97
CA HIS D 209 -19.09 5.38 -29.62
C HIS D 209 -18.31 4.73 -28.49
N CYS D 210 -19.03 4.30 -27.46
CA CYS D 210 -18.37 3.61 -26.37
C CYS D 210 -17.76 2.34 -26.87
N ARG D 211 -18.59 1.42 -27.31
CA ARG D 211 -18.10 0.13 -27.76
C ARG D 211 -16.86 0.22 -28.62
N HIS D 212 -16.77 1.25 -29.43
CA HIS D 212 -15.66 1.37 -30.36
C HIS D 212 -14.54 2.22 -29.79
N LEU D 213 -14.71 2.77 -28.59
CA LEU D 213 -13.58 3.27 -27.83
C LEU D 213 -12.79 2.16 -27.14
N GLY D 214 -13.25 0.91 -27.23
CA GLY D 214 -12.58 -0.22 -26.62
C GLY D 214 -13.34 -0.90 -25.49
N ALA D 215 -14.52 -0.42 -25.14
CA ALA D 215 -15.34 -1.03 -24.11
C ALA D 215 -15.85 -2.42 -24.49
N ASP D 216 -15.84 -3.34 -23.53
CA ASP D 216 -16.35 -4.68 -23.79
C ASP D 216 -17.87 -4.69 -23.95
N MET D 217 -18.59 -4.15 -22.97
CA MET D 217 -20.04 -4.23 -22.99
C MET D 217 -20.66 -2.88 -22.62
N PHE D 218 -21.88 -2.67 -23.09
CA PHE D 218 -22.65 -1.45 -22.91
C PHE D 218 -24.03 -1.79 -22.39
N ILE D 219 -24.55 -0.93 -21.51
CA ILE D 219 -25.87 -1.10 -20.90
C ILE D 219 -26.66 0.18 -21.10
N ASN D 220 -27.93 0.03 -21.48
CA ASN D 220 -28.78 1.17 -21.81
C ASN D 220 -29.93 1.30 -20.81
N PRO D 221 -30.04 2.41 -20.09
CA PRO D 221 -31.20 2.60 -19.20
C PRO D 221 -32.55 2.53 -19.88
N PHE D 222 -32.69 3.12 -21.07
CA PHE D 222 -33.97 3.06 -21.78
C PHE D 222 -34.41 1.61 -21.94
N ASP D 223 -33.48 0.75 -22.33
CA ASP D 223 -33.82 -0.63 -22.62
C ASP D 223 -34.11 -1.40 -21.33
N SER D 224 -33.26 -1.22 -20.31
CA SER D 224 -33.34 -2.00 -19.08
C SER D 224 -34.13 -1.30 -17.98
N PRO D 225 -35.18 -1.90 -17.44
CA PRO D 225 -35.73 -1.39 -16.17
C PRO D 225 -34.74 -1.51 -15.02
N ASN D 226 -34.07 -2.66 -14.91
CA ASN D 226 -33.10 -2.88 -13.84
C ASN D 226 -31.70 -2.89 -14.44
N LEU D 227 -30.97 -1.79 -14.23
CA LEU D 227 -29.58 -1.75 -14.66
C LEU D 227 -28.75 -2.69 -13.80
N VAL D 228 -29.12 -2.80 -12.53
CA VAL D 228 -28.37 -3.60 -11.58
C VAL D 228 -28.31 -5.06 -12.02
N SER D 229 -29.46 -5.62 -12.40
CA SER D 229 -29.52 -7.02 -12.77
C SER D 229 -28.68 -7.30 -14.01
N ASP D 230 -28.84 -6.48 -15.05
CA ASP D 230 -28.08 -6.71 -16.27
C ASP D 230 -26.59 -6.54 -16.03
N ILE D 231 -26.21 -5.52 -15.26
CA ILE D 231 -24.79 -5.27 -14.99
C ILE D 231 -24.18 -6.45 -14.23
N GLN D 232 -24.86 -6.92 -13.18
CA GLN D 232 -24.34 -8.07 -12.44
C GLN D 232 -24.37 -9.35 -13.26
N MET D 233 -25.23 -9.44 -14.27
CA MET D 233 -25.22 -10.60 -15.15
C MET D 233 -24.05 -10.55 -16.11
N MET D 234 -23.76 -9.36 -16.66
CA MET D 234 -22.68 -9.20 -17.64
C MET D 234 -21.29 -9.25 -17.02
N THR D 235 -21.16 -8.96 -15.73
CA THR D 235 -19.86 -8.95 -15.08
C THR D 235 -19.64 -10.13 -14.14
N GLN D 236 -20.63 -11.02 -13.99
CA GLN D 236 -20.54 -12.18 -13.10
C GLN D 236 -20.33 -11.76 -11.65
N GLY D 237 -21.25 -10.93 -11.17
CA GLY D 237 -21.31 -10.53 -9.78
C GLY D 237 -21.20 -9.04 -9.53
N GLY D 238 -20.95 -8.24 -10.55
CA GLY D 238 -20.77 -6.83 -10.38
C GLY D 238 -19.37 -6.38 -10.71
N PRO D 239 -19.22 -5.13 -11.13
CA PRO D 239 -17.88 -4.60 -11.41
C PRO D 239 -17.09 -4.35 -10.14
N HIS D 240 -15.78 -4.62 -10.23
CA HIS D 240 -14.89 -4.40 -9.09
C HIS D 240 -14.82 -2.94 -8.70
N GLY D 241 -14.94 -2.06 -9.68
CA GLY D 241 -14.98 -0.63 -9.41
C GLY D 241 -16.02 0.03 -10.27
N VAL D 242 -16.57 1.11 -9.74
CA VAL D 242 -17.57 1.93 -10.43
C VAL D 242 -17.12 3.37 -10.34
N ILE D 243 -17.18 4.09 -11.47
CA ILE D 243 -16.88 5.52 -11.51
C ILE D 243 -18.14 6.26 -11.90
N ASN D 244 -18.60 7.13 -10.99
CA ASN D 244 -19.85 7.85 -11.13
C ASN D 244 -19.60 9.20 -11.77
N LEU D 245 -19.76 9.25 -13.10
CA LEU D 245 -19.65 10.53 -13.78
C LEU D 245 -21.00 11.21 -13.90
N ALA D 246 -22.06 10.43 -14.16
CA ALA D 246 -23.39 11.00 -14.16
C ALA D 246 -23.69 11.53 -12.76
N THR D 247 -24.36 12.68 -12.70
CA THR D 247 -24.67 13.29 -11.42
C THR D 247 -26.05 12.91 -10.90
N ALA D 248 -26.86 12.26 -11.74
CA ALA D 248 -28.17 11.80 -11.31
C ALA D 248 -28.03 10.91 -10.09
N VAL D 249 -28.95 11.09 -9.16
CA VAL D 249 -28.85 10.40 -7.87
C VAL D 249 -29.05 8.89 -8.05
N LYS D 250 -29.79 8.52 -9.07
CA LYS D 250 -30.07 7.12 -9.30
C LYS D 250 -28.84 6.31 -9.64
N PRO D 251 -28.01 6.78 -10.56
CA PRO D 251 -26.78 6.04 -10.84
C PRO D 251 -25.91 5.87 -9.61
N MET D 252 -25.94 6.83 -8.67
CA MET D 252 -25.18 6.65 -7.44
C MET D 252 -25.72 5.46 -6.67
N GLU D 253 -27.05 5.43 -6.47
CA GLU D 253 -27.61 4.32 -5.71
C GLU D 253 -27.46 3.00 -6.45
N ASP D 254 -27.55 3.04 -7.78
CA ASP D 254 -27.34 1.83 -8.56
C ASP D 254 -25.90 1.37 -8.47
N ALA D 255 -24.95 2.31 -8.52
CA ALA D 255 -23.54 1.98 -8.38
C ALA D 255 -23.29 1.21 -7.10
N THR D 256 -23.81 1.70 -5.97
CA THR D 256 -23.63 0.91 -4.76
C THR D 256 -24.39 -0.43 -4.83
N HIS D 257 -25.48 -0.49 -5.61
CA HIS D 257 -26.23 -1.75 -5.70
C HIS D 257 -25.47 -2.82 -6.48
N TYR D 258 -24.98 -2.50 -7.67
CA TYR D 258 -24.44 -3.50 -8.58
C TYR D 258 -22.93 -3.70 -8.42
N VAL D 259 -22.29 -3.00 -7.48
CA VAL D 259 -20.86 -3.17 -7.26
C VAL D 259 -20.58 -4.55 -6.65
N ARG D 260 -19.48 -5.17 -7.10
CA ARG D 260 -19.06 -6.46 -6.58
C ARG D 260 -18.73 -6.37 -5.10
N THR D 261 -18.76 -7.52 -4.43
CA THR D 261 -18.24 -7.58 -3.06
C THR D 261 -16.77 -7.20 -3.07
N LYS D 262 -16.36 -6.51 -2.01
CA LYS D 262 -15.02 -5.90 -1.91
C LYS D 262 -14.79 -4.90 -3.02
N GLY D 263 -15.86 -4.26 -3.49
CA GLY D 263 -15.77 -3.34 -4.59
C GLY D 263 -15.49 -1.92 -4.16
N THR D 264 -15.21 -1.07 -5.16
CA THR D 264 -14.85 0.31 -4.93
C THR D 264 -15.74 1.20 -5.80
N VAL D 265 -16.54 2.04 -5.16
CA VAL D 265 -17.42 2.99 -5.83
C VAL D 265 -16.83 4.38 -5.64
N VAL D 266 -16.56 5.08 -6.73
CA VAL D 266 -15.89 6.37 -6.72
C VAL D 266 -16.83 7.46 -7.22
N LEU D 267 -16.96 8.52 -6.44
CA LEU D 267 -17.61 9.75 -6.83
C LEU D 267 -16.56 10.68 -7.44
N VAL D 268 -16.95 11.43 -8.48
CA VAL D 268 -16.01 12.22 -9.25
C VAL D 268 -16.37 13.69 -9.32
N ALA D 269 -17.65 14.01 -9.48
CA ALA D 269 -18.05 15.37 -9.79
C ALA D 269 -18.10 16.23 -8.53
N LEU D 270 -18.49 17.49 -8.71
CA LEU D 270 -18.74 18.42 -7.62
C LEU D 270 -20.22 18.78 -7.74
N PRO D 271 -21.11 17.82 -7.48
CA PRO D 271 -22.52 18.03 -7.79
C PRO D 271 -23.29 18.67 -6.65
N LYS D 272 -24.13 19.62 -7.00
CA LYS D 272 -25.04 20.22 -6.05
C LYS D 272 -26.25 19.32 -5.87
N ASP D 273 -26.72 19.20 -4.64
CA ASP D 273 -27.98 18.50 -4.34
C ASP D 273 -27.91 17.03 -4.76
N ALA D 274 -26.81 16.38 -4.38
CA ALA D 274 -26.62 14.96 -4.64
C ALA D 274 -26.34 14.23 -3.33
N LYS D 275 -26.98 13.06 -3.18
CA LYS D 275 -26.87 12.27 -1.97
C LYS D 275 -26.81 10.80 -2.33
N VAL D 276 -25.93 10.06 -1.68
CA VAL D 276 -25.70 8.66 -1.96
C VAL D 276 -26.05 7.84 -0.72
N PRO D 277 -27.25 7.27 -0.67
CA PRO D 277 -27.56 6.30 0.38
C PRO D 277 -26.97 4.93 0.08
N VAL D 278 -26.76 4.17 1.15
CA VAL D 278 -26.31 2.79 1.04
C VAL D 278 -26.70 2.08 2.32
N ASP D 279 -27.20 0.85 2.18
CA ASP D 279 -27.59 0.08 3.35
C ASP D 279 -26.34 -0.39 4.09
N VAL D 280 -26.23 -0.03 5.38
CA VAL D 280 -25.06 -0.41 6.17
C VAL D 280 -24.84 -1.91 6.14
N PHE D 281 -25.94 -2.68 6.16
CA PHE D 281 -25.84 -4.13 6.18
C PHE D 281 -25.06 -4.65 4.96
N SER D 282 -25.42 -4.19 3.76
CA SER D 282 -24.78 -4.68 2.55
C SER D 282 -23.40 -4.07 2.34
N THR D 283 -23.18 -2.84 2.82
CA THR D 283 -21.84 -2.26 2.74
C THR D 283 -20.88 -3.05 3.61
N VAL D 284 -21.34 -3.50 4.77
CA VAL D 284 -20.50 -4.28 5.66
C VAL D 284 -20.29 -5.68 5.08
N THR D 285 -21.37 -6.32 4.62
CA THR D 285 -21.24 -7.68 4.10
C THR D 285 -20.40 -7.70 2.83
N ARG D 286 -20.63 -6.75 1.92
CA ARG D 286 -19.80 -6.70 0.74
C ARG D 286 -18.47 -6.02 1.01
N SER D 287 -18.25 -5.47 2.20
CA SER D 287 -17.02 -4.75 2.52
C SER D 287 -16.72 -3.72 1.44
N VAL D 288 -17.75 -2.99 1.07
CA VAL D 288 -17.69 -2.01 -0.01
C VAL D 288 -17.02 -0.74 0.48
N THR D 289 -16.32 -0.08 -0.43
CA THR D 289 -15.69 1.21 -0.14
C THR D 289 -16.27 2.25 -1.09
N VAL D 290 -17.01 3.20 -0.53
CA VAL D 290 -17.53 4.34 -1.27
C VAL D 290 -16.58 5.51 -1.00
N LYS D 291 -15.83 5.90 -2.01
CA LYS D 291 -14.79 6.90 -1.91
C LYS D 291 -15.08 8.08 -2.82
N GLY D 292 -14.70 9.27 -2.37
CA GLY D 292 -14.87 10.48 -3.16
C GLY D 292 -13.54 10.90 -3.74
N SER D 293 -13.56 11.24 -5.03
CA SER D 293 -12.35 11.61 -5.77
C SER D 293 -12.40 13.08 -6.15
N TYR D 294 -11.44 13.83 -5.66
CA TYR D 294 -11.31 15.23 -6.00
C TYR D 294 -10.19 15.35 -7.04
N VAL D 295 -9.66 16.56 -7.23
CA VAL D 295 -8.66 16.77 -8.27
C VAL D 295 -7.41 15.90 -8.09
N GLY D 296 -6.77 15.61 -9.21
CA GLY D 296 -5.59 14.78 -9.15
C GLY D 296 -4.38 15.56 -8.64
N SER D 297 -3.37 14.82 -8.22
CA SER D 297 -2.13 15.40 -7.75
C SER D 297 -1.19 15.64 -8.92
N ARG D 298 -0.06 16.29 -8.63
CA ARG D 298 0.90 16.62 -9.69
C ARG D 298 1.37 15.36 -10.39
N GLN D 299 1.65 14.29 -9.64
CA GLN D 299 2.07 13.03 -10.24
C GLN D 299 0.95 12.44 -11.10
N ASP D 300 -0.29 12.49 -10.61
CA ASP D 300 -1.44 12.03 -11.41
C ASP D 300 -1.61 12.88 -12.66
N THR D 301 -1.34 14.17 -12.52
CA THR D 301 -1.40 15.07 -13.66
C THR D 301 -0.41 14.63 -14.73
N ASP D 302 0.82 14.32 -14.31
CA ASP D 302 1.82 13.92 -15.28
C ASP D 302 1.52 12.57 -15.90
N ASP D 303 0.98 11.63 -15.13
CA ASP D 303 0.57 10.35 -15.71
C ASP D 303 -0.48 10.56 -16.80
N ALA D 304 -1.48 11.42 -16.54
CA ALA D 304 -2.49 11.68 -17.56
C ALA D 304 -1.90 12.43 -18.75
N LEU D 305 -1.04 13.41 -18.50
CA LEU D 305 -0.41 14.14 -19.60
C LEU D 305 0.43 13.22 -20.46
N LYS D 306 1.15 12.28 -19.85
CA LYS D 306 1.95 11.35 -20.63
C LYS D 306 1.08 10.36 -21.38
N PHE D 307 -0.10 10.05 -20.84
CA PHE D 307 -1.05 9.26 -21.63
C PHE D 307 -1.47 10.01 -22.88
N LEU D 308 -1.73 11.31 -22.75
CA LEU D 308 -2.01 12.11 -23.95
C LEU D 308 -0.82 12.13 -24.90
N GLN D 309 0.39 12.27 -24.34
CA GLN D 309 1.59 12.38 -25.17
C GLN D 309 1.83 11.11 -25.98
N ARG D 310 1.65 9.95 -25.35
CA ARG D 310 2.01 8.66 -25.94
C ARG D 310 0.96 8.11 -26.90
N GLY D 311 -0.22 8.71 -26.97
CA GLY D 311 -1.22 8.32 -27.95
C GLY D 311 -2.27 7.33 -27.47
N GLN D 312 -2.34 7.03 -26.19
CA GLN D 312 -3.36 6.15 -25.66
C GLN D 312 -4.72 6.82 -25.49
N ILE D 313 -4.76 8.14 -25.46
CA ILE D 313 -6.00 8.90 -25.25
C ILE D 313 -6.21 9.78 -26.48
N LYS D 314 -7.43 9.79 -27.01
CA LYS D 314 -7.79 10.65 -28.14
C LYS D 314 -9.08 11.36 -27.80
N ILE D 315 -9.11 12.68 -28.01
CA ILE D 315 -10.17 13.53 -27.49
C ILE D 315 -10.71 14.46 -28.58
N PRO D 316 -12.01 14.39 -28.91
CA PRO D 316 -12.59 15.39 -29.81
C PRO D 316 -12.83 16.70 -29.08
N ILE D 317 -12.52 17.81 -29.76
CA ILE D 317 -12.61 19.15 -29.16
C ILE D 317 -13.04 20.13 -30.26
N LYS D 318 -13.46 21.32 -29.85
CA LYS D 318 -14.08 22.30 -30.76
C LYS D 318 -13.64 23.71 -30.37
N VAL D 319 -13.03 24.43 -31.31
CA VAL D 319 -12.37 25.70 -31.02
C VAL D 319 -13.33 26.86 -31.25
N LEU D 320 -13.50 27.68 -30.23
CA LEU D 320 -14.30 28.89 -30.27
C LEU D 320 -13.55 29.96 -29.50
N PRO D 321 -13.78 31.24 -29.78
CA PRO D 321 -13.05 32.30 -29.07
C PRO D 321 -13.61 32.61 -27.68
N LEU D 322 -12.73 33.18 -26.85
CA LEU D 322 -13.13 33.80 -25.60
C LEU D 322 -14.10 34.93 -25.87
N GLU D 323 -13.83 35.67 -26.94
CA GLU D 323 -14.69 36.75 -27.39
C GLU D 323 -16.08 36.21 -27.67
N SER D 324 -16.13 35.03 -28.29
CA SER D 324 -17.37 34.42 -28.73
C SER D 324 -17.69 33.18 -27.89
N LEU D 325 -17.62 33.31 -26.56
CA LEU D 325 -17.91 32.16 -25.68
C LEU D 325 -18.78 32.55 -24.49
N THR D 326 -19.96 33.10 -24.78
CA THR D 326 -21.03 33.15 -23.81
C THR D 326 -22.25 32.42 -24.34
N GLU D 327 -22.34 32.26 -25.66
CA GLU D 327 -23.36 31.45 -26.29
C GLU D 327 -23.28 30.04 -25.76
N VAL D 328 -22.19 29.33 -26.06
CA VAL D 328 -22.00 27.98 -25.54
C VAL D 328 -22.16 27.96 -24.02
N PHE D 329 -21.73 29.04 -23.36
CA PHE D 329 -21.82 29.14 -21.91
C PHE D 329 -23.26 29.15 -21.44
N ASP D 330 -24.07 30.11 -21.90
CA ASP D 330 -25.49 30.15 -21.57
C ASP D 330 -26.19 28.91 -22.09
N ASN D 331 -25.79 28.42 -23.27
CA ASN D 331 -26.38 27.18 -23.76
C ASN D 331 -26.21 26.11 -22.69
N MET D 332 -25.03 26.09 -22.03
CA MET D 332 -24.69 25.21 -20.92
C MET D 332 -25.41 25.56 -19.61
N ILE D 333 -25.87 26.81 -19.40
CA ILE D 333 -26.75 27.01 -18.24
C ILE D 333 -27.91 26.06 -18.39
N ASN D 334 -28.24 25.74 -19.63
CA ASN D 334 -29.19 24.71 -20.00
C ASN D 334 -28.52 23.36 -20.27
N HIS D 335 -27.28 23.20 -19.81
CA HIS D 335 -26.49 21.97 -19.95
C HIS D 335 -26.50 21.52 -21.41
N GLN D 336 -26.10 22.44 -22.29
CA GLN D 336 -26.04 22.09 -23.71
C GLN D 336 -24.97 21.05 -23.95
N VAL D 337 -25.32 19.98 -24.65
CA VAL D 337 -24.33 18.96 -24.98
C VAL D 337 -23.36 19.54 -26.02
N THR D 338 -22.12 19.73 -25.59
CA THR D 338 -21.12 20.35 -26.44
C THR D 338 -19.84 19.56 -26.43
N GLY D 339 -19.28 19.32 -27.61
CA GLY D 339 -18.02 18.61 -27.70
C GLY D 339 -17.02 19.43 -26.95
N ARG D 340 -15.90 18.84 -26.62
CA ARG D 340 -14.96 19.58 -25.80
C ARG D 340 -14.81 20.95 -26.41
N VAL D 341 -15.06 21.97 -25.62
CA VAL D 341 -14.98 23.33 -26.13
C VAL D 341 -13.67 24.01 -25.74
N VAL D 342 -12.82 24.24 -26.72
CA VAL D 342 -11.53 24.90 -26.46
C VAL D 342 -11.58 26.36 -26.88
N LEU D 343 -10.78 27.21 -26.26
CA LEU D 343 -10.86 28.64 -26.55
C LEU D 343 -9.55 29.10 -27.15
N ASP D 344 -9.55 29.30 -28.46
CA ASP D 344 -8.46 29.94 -29.15
C ASP D 344 -8.66 31.44 -29.04
N LEU D 345 -7.74 32.11 -28.34
CA LEU D 345 -7.82 33.56 -28.20
C LEU D 345 -8.10 34.23 -29.54
N TRP D 346 -7.39 33.80 -30.58
CA TRP D 346 -7.55 34.37 -31.91
C TRP D 346 -8.84 33.85 -32.57
ZN ZN E . -20.23 -11.77 17.77
ZN ZN F . -14.80 -19.42 -1.91
ZN ZN G . 9.90 -23.83 -14.75
ZN ZN H . 2.76 -23.91 6.35
ZN ZN I . 22.81 14.11 12.55
ZN ZN J . 13.44 18.18 -7.19
ZN ZN K . -13.29 20.97 -15.80
ZN ZN L . -1.64 23.36 2.65
#